data_3S8U
# 
_entry.id   3S8U 
# 
_audit_conform.dict_name       mmcif_pdbx.dic 
_audit_conform.dict_version    5.379 
_audit_conform.dict_location   http://mmcif.pdb.org/dictionaries/ascii/mmcif_pdbx.dic 
# 
loop_
_database_2.database_id 
_database_2.database_code 
_database_2.pdbx_database_accession 
_database_2.pdbx_DOI 
PDB   3S8U         pdb_00003s8u 10.2210/pdb3s8u/pdb 
NDB   NA1159       ?            ?                   
RCSB  RCSB065906   ?            ?                   
WWPDB D_1000065906 ?            ?                   
# 
loop_
_pdbx_database_related.db_name 
_pdbx_database_related.db_id 
_pdbx_database_related.details 
_pdbx_database_related.content_type 
PDB 3DVZ 'Unmodified SRL RNA'       unspecified 
PDB 3S7C 
;2'-azido-uridine SRL RNA
;
unspecified 
# 
_pdbx_database_status.status_code                     REL 
_pdbx_database_status.entry_id                        3S8U 
_pdbx_database_status.recvd_initial_deposition_date   2011-05-31 
_pdbx_database_status.deposit_site                    RCSB 
_pdbx_database_status.process_site                    RCSB 
_pdbx_database_status.status_code_sf                  REL 
_pdbx_database_status.status_code_mr                  ? 
_pdbx_database_status.SG_entry                        ? 
_pdbx_database_status.status_code_cs                  ? 
_pdbx_database_status.pdb_format_compatible           Y 
_pdbx_database_status.status_code_nmr_data            ? 
_pdbx_database_status.methods_development_category    ? 
# 
loop_
_audit_author.name 
_audit_author.pdbx_ordinal 
'Ennifar, E.' 1 
'Micura, R.'  2 
# 
_citation.id                        primary 
_citation.title                     
;2'-Azido RNA, a Versatile Tool for Chemical Biology: Synthesis, X-ray Structure, siRNA Applications, Click Labeling.
;
_citation.journal_abbrev            'Acs Chem.Biol.' 
_citation.journal_volume            7 
_citation.page_first                581 
_citation.page_last                 589 
_citation.year                      2012 
_citation.journal_id_ASTM           ? 
_citation.country                   US 
_citation.journal_id_ISSN           1554-8929 
_citation.journal_id_CSD            ? 
_citation.book_publisher            ? 
_citation.pdbx_database_id_PubMed   22273279 
_citation.pdbx_database_id_DOI      10.1021/cb200510k 
# 
loop_
_citation_author.citation_id 
_citation_author.name 
_citation_author.ordinal 
_citation_author.identifier_ORCID 
primary 'Fauster, K.' 1 ? 
primary 'Hartl, M.'   2 ? 
primary 'Santner, T.' 3 ? 
primary 'Aigner, M.'  4 ? 
primary 'Kreutz, C.'  5 ? 
primary 'Bister, K.'  6 ? 
primary 'Ennifar, E.' 7 ? 
primary 'Micura, R.'  8 ? 
# 
_cell.entry_id           3S8U 
_cell.length_a           29.570 
_cell.length_b           29.570 
_cell.length_c           76.340 
_cell.angle_alpha        90.00 
_cell.angle_beta         90.00 
_cell.angle_gamma        90.00 
_cell.Z_PDB              4 
_cell.pdbx_unique_axis   ? 
_cell.length_a_esd       ? 
_cell.length_b_esd       ? 
_cell.length_c_esd       ? 
_cell.angle_alpha_esd    ? 
_cell.angle_beta_esd     ? 
_cell.angle_gamma_esd    ? 
# 
_symmetry.entry_id                         3S8U 
_symmetry.space_group_name_H-M             'P 43' 
_symmetry.pdbx_full_space_group_name_H-M   ? 
_symmetry.cell_setting                     ? 
_symmetry.Int_Tables_number                78 
_symmetry.space_group_name_Hall            ? 
# 
loop_
_entity.id 
_entity.type 
_entity.src_method 
_entity.pdbx_description 
_entity.formula_weight 
_entity.pdbx_number_of_molecules 
_entity.pdbx_ec 
_entity.pdbx_mutation 
_entity.pdbx_fragment 
_entity.details 
1 polymer syn 'Ecoli 23 S rRNA Sarcin Ricin loop' 8770.275 1   ? ? ? ? 
2 water   nat water                               18.015   162 ? ? ? ? 
# 
_entity_poly.entity_id                      1 
_entity_poly.type                           polyribonucleotide 
_entity_poly.nstd_linkage                   no 
_entity_poly.nstd_monomer                   yes 
_entity_poly.pdbx_seq_one_letter_code       'UGCUCCUAGUACGAGAGGACCGG(AT7)GUG' 
_entity_poly.pdbx_seq_one_letter_code_can   UGCUCCUAGUACGAGAGGACCGGXGUG 
_entity_poly.pdbx_strand_id                 A 
_entity_poly.pdbx_target_identifier         ? 
# 
loop_
_entity_poly_seq.entity_id 
_entity_poly_seq.num 
_entity_poly_seq.mon_id 
_entity_poly_seq.hetero 
1 1  U   n 
1 2  G   n 
1 3  C   n 
1 4  U   n 
1 5  C   n 
1 6  C   n 
1 7  U   n 
1 8  A   n 
1 9  G   n 
1 10 U   n 
1 11 A   n 
1 12 C   n 
1 13 G   n 
1 14 A   n 
1 15 G   n 
1 16 A   n 
1 17 G   n 
1 18 G   n 
1 19 A   n 
1 20 C   n 
1 21 C   n 
1 22 G   n 
1 23 G   n 
1 24 AT7 n 
1 25 G   n 
1 26 U   n 
1 27 G   n 
# 
_pdbx_entity_src_syn.entity_id              1 
_pdbx_entity_src_syn.pdbx_src_id            1 
_pdbx_entity_src_syn.pdbx_alt_source_flag   sample 
_pdbx_entity_src_syn.pdbx_beg_seq_num       ? 
_pdbx_entity_src_syn.pdbx_end_seq_num       ? 
_pdbx_entity_src_syn.organism_scientific    'Escherichia coli' 
_pdbx_entity_src_syn.organism_common_name   ? 
_pdbx_entity_src_syn.ncbi_taxonomy_id       562 
_pdbx_entity_src_syn.details                ? 
# 
_struct_ref.id                         1 
_struct_ref.db_name                    PDB 
_struct_ref.db_code                    3S8U 
_struct_ref.pdbx_db_accession          3S8U 
_struct_ref.entity_id                  1 
_struct_ref.pdbx_align_begin           ? 
_struct_ref.pdbx_seq_one_letter_code   UGCUCCUAGUACGAGAGGACCGGATGUG 
_struct_ref.pdbx_db_isoform            ? 
# 
_struct_ref_seq.align_id                      1 
_struct_ref_seq.ref_id                        1 
_struct_ref_seq.pdbx_PDB_id_code              3S8U 
_struct_ref_seq.pdbx_strand_id                A 
_struct_ref_seq.seq_align_beg                 1 
_struct_ref_seq.pdbx_seq_align_beg_ins_code   ? 
_struct_ref_seq.seq_align_end                 27 
_struct_ref_seq.pdbx_seq_align_end_ins_code   ? 
_struct_ref_seq.pdbx_db_accession             3S8U 
_struct_ref_seq.db_align_beg                  2647 
_struct_ref_seq.pdbx_db_align_beg_ins_code    ? 
_struct_ref_seq.db_align_end                  2673 
_struct_ref_seq.pdbx_db_align_end_ins_code    ? 
_struct_ref_seq.pdbx_auth_seq_align_beg       2647 
_struct_ref_seq.pdbx_auth_seq_align_end       2673 
# 
loop_
_chem_comp.id 
_chem_comp.type 
_chem_comp.mon_nstd_flag 
_chem_comp.name 
_chem_comp.pdbx_synonyms 
_chem_comp.formula 
_chem_comp.formula_weight 
A   'RNA linking' y "ADENOSINE-5'-MONOPHOSPHATE"                                      ? 'C10 H14 N5 O7 P'   347.221 
AT7 non-polymer   . "2'-deoxy-2'-triaza-1,2-dien-2-ium-1-yl-adenine-5'-monophosphate" ? 'C10 H14 N8 O6 P 1' 373.242 
C   'RNA linking' y "CYTIDINE-5'-MONOPHOSPHATE"                                       ? 'C9 H14 N3 O8 P'    323.197 
G   'RNA linking' y "GUANOSINE-5'-MONOPHOSPHATE"                                      ? 'C10 H14 N5 O8 P'   363.221 
HOH non-polymer   . WATER                                                             ? 'H2 O'              18.015  
U   'RNA linking' y "URIDINE-5'-MONOPHOSPHATE"                                        ? 'C9 H13 N2 O9 P'    324.181 
# 
_exptl.entry_id          3S8U 
_exptl.method            'X-RAY DIFFRACTION' 
_exptl.crystals_number   1 
# 
_exptl_crystal.id                    1 
_exptl_crystal.density_meas          ? 
_exptl_crystal.density_Matthews      1.90 
_exptl_crystal.density_percent_sol   35.36 
_exptl_crystal.description           ? 
_exptl_crystal.F_000                 ? 
_exptl_crystal.preparation           ? 
# 
_exptl_crystal_grow.crystal_id      1 
_exptl_crystal_grow.method          'VAPOR DIFFUSION, HANGING DROP' 
_exptl_crystal_grow.temp            293 
_exptl_crystal_grow.temp_details    ? 
_exptl_crystal_grow.pH              7.0 
_exptl_crystal_grow.pdbx_details    
;1 volume of [3.1M (NH4)2SO4, 50mM MOPS pH7.0, 10mM MgCl2, 10mM MnCl2] + 2 volumes of [RNA in 1mM EDTA, 10mM Tris pH8.0], VAPOR DIFFUSION, HANGING DROP, temperature 293K
;
_exptl_crystal_grow.pdbx_pH_range   ? 
# 
_diffrn.id                     1 
_diffrn.ambient_temp           100 
_diffrn.ambient_temp_details   ? 
_diffrn.crystal_id             1 
# 
_diffrn_detector.diffrn_id              1 
_diffrn_detector.detector               PIXEL 
_diffrn_detector.type                   'DECTRIS PILATUS 6M' 
_diffrn_detector.pdbx_collection_date   2011-05-09 
_diffrn_detector.details                ? 
# 
_diffrn_radiation.diffrn_id                        1 
_diffrn_radiation.wavelength_id                    1 
_diffrn_radiation.pdbx_monochromatic_or_laue_m_l   M 
_diffrn_radiation.monochromator                    crystal 
_diffrn_radiation.pdbx_diffrn_protocol             'SINGLE WAVELENGTH' 
_diffrn_radiation.pdbx_scattering_type             x-ray 
# 
_diffrn_radiation_wavelength.id           1 
_diffrn_radiation_wavelength.wavelength   0.92 
_diffrn_radiation_wavelength.wt           1.0 
# 
_diffrn_source.diffrn_id                   1 
_diffrn_source.source                      SYNCHROTRON 
_diffrn_source.type                        'SLS BEAMLINE X06SA' 
_diffrn_source.pdbx_synchrotron_site       SLS 
_diffrn_source.pdbx_synchrotron_beamline   X06SA 
_diffrn_source.pdbx_wavelength             ? 
_diffrn_source.pdbx_wavelength_list        0.92 
# 
_reflns.entry_id                     3S8U 
_reflns.observed_criterion_sigma_I   -3 
_reflns.observed_criterion_sigma_F   0 
_reflns.d_resolution_low             30 
_reflns.d_resolution_high            1.2 
_reflns.number_obs                   19989 
_reflns.number_all                   20495 
_reflns.percent_possible_obs         97.5 
_reflns.pdbx_Rmerge_I_obs            0.114 
_reflns.pdbx_Rsym_value              ? 
_reflns.pdbx_netI_over_sigmaI        ? 
_reflns.B_iso_Wilson_estimate        ? 
_reflns.pdbx_redundancy              ? 
_reflns.R_free_details               ? 
_reflns.limit_h_max                  ? 
_reflns.limit_h_min                  ? 
_reflns.limit_k_max                  ? 
_reflns.limit_k_min                  ? 
_reflns.limit_l_max                  ? 
_reflns.limit_l_min                  ? 
_reflns.observed_criterion_F_max     ? 
_reflns.observed_criterion_F_min     ? 
_reflns.pdbx_chi_squared             ? 
_reflns.pdbx_scaling_rejects         ? 
_reflns.pdbx_ordinal                 1 
_reflns.pdbx_diffrn_id               1 
# 
_reflns_shell.d_res_high             1.20 
_reflns_shell.d_res_low              1.23 
_reflns_shell.percent_possible_all   91.1 
_reflns_shell.Rmerge_I_obs           0.545 
_reflns_shell.pdbx_Rsym_value        ? 
_reflns_shell.meanI_over_sigI_obs    2.67 
_reflns_shell.pdbx_redundancy        ? 
_reflns_shell.percent_possible_obs   ? 
_reflns_shell.number_unique_all      1549 
_reflns_shell.number_measured_all    ? 
_reflns_shell.number_measured_obs    ? 
_reflns_shell.number_unique_obs      ? 
_reflns_shell.pdbx_chi_squared       ? 
_reflns_shell.pdbx_ordinal           1 
_reflns_shell.pdbx_diffrn_id         1 
# 
_refine.entry_id                                 3S8U 
_refine.ls_number_reflns_obs                     19980 
_refine.ls_number_reflns_all                     20495 
_refine.pdbx_ls_sigma_I                          ? 
_refine.pdbx_ls_sigma_F                          2.01 
_refine.pdbx_data_cutoff_high_absF               ? 
_refine.pdbx_data_cutoff_low_absF                ? 
_refine.pdbx_data_cutoff_high_rms_absF           ? 
_refine.ls_d_res_low                             27.574 
_refine.ls_d_res_high                            1.200 
_refine.ls_percent_reflns_obs                    97.67 
_refine.ls_R_factor_obs                          0.1445 
_refine.ls_R_factor_all                          ? 
_refine.ls_R_factor_R_work                       0.1428 
_refine.ls_R_factor_R_free                       0.1785 
_refine.ls_R_factor_R_free_error                 ? 
_refine.ls_R_factor_R_free_error_details         ? 
_refine.ls_percent_reflns_R_free                 5.01 
_refine.ls_number_reflns_R_free                  1000 
_refine.ls_number_parameters                     ? 
_refine.ls_number_restraints                     ? 
_refine.occupancy_min                            ? 
_refine.occupancy_max                            ? 
_refine.correlation_coeff_Fo_to_Fc               ? 
_refine.correlation_coeff_Fo_to_Fc_free          ? 
_refine.B_iso_mean                               ? 
_refine.aniso_B[1][1]                            1.6349 
_refine.aniso_B[2][2]                            1.6349 
_refine.aniso_B[3][3]                            0.4249 
_refine.aniso_B[1][2]                            0.0000 
_refine.aniso_B[1][3]                            0.0000 
_refine.aniso_B[2][3]                            0.0000 
_refine.solvent_model_details                    'FLAT BULK SOLVENT MODEL' 
_refine.solvent_model_param_ksol                 0.456 
_refine.solvent_model_param_bsol                 59.085 
_refine.pdbx_solvent_vdw_probe_radii             0.60 
_refine.pdbx_solvent_ion_probe_radii             ? 
_refine.pdbx_solvent_shrinkage_radii             0.41 
_refine.pdbx_ls_cross_valid_method               ? 
_refine.details                                  ? 
_refine.pdbx_starting_model                      'PDB ENTRY 3DVZ' 
_refine.pdbx_method_to_determine_struct          'MOLECULAR REPLACEMENT' 
_refine.pdbx_isotropic_thermal_model             ? 
_refine.pdbx_stereochemistry_target_values       ML 
_refine.pdbx_stereochem_target_val_spec_case     ? 
_refine.pdbx_R_Free_selection_details            RANDOM 
_refine.pdbx_overall_ESU_R_Free                  ? 
_refine.overall_SU_ML                            0.13 
_refine.pdbx_overall_phase_error                 15.68 
_refine.overall_SU_B                             ? 
_refine.overall_SU_R_Cruickshank_DPI             ? 
_refine.ls_redundancy_reflns_obs                 ? 
_refine.B_iso_min                                ? 
_refine.B_iso_max                                ? 
_refine.overall_SU_R_free                        ? 
_refine.ls_wR_factor_R_free                      ? 
_refine.ls_wR_factor_R_work                      ? 
_refine.overall_FOM_free_R_set                   ? 
_refine.overall_FOM_work_R_set                   ? 
_refine.pdbx_diffrn_id                           1 
_refine.pdbx_refine_id                           'X-RAY DIFFRACTION' 
_refine.pdbx_overall_ESU_R                       ? 
_refine.pdbx_TLS_residual_ADP_flag               ? 
_refine.pdbx_overall_SU_R_free_Cruickshank_DPI   ? 
_refine.pdbx_overall_SU_R_Blow_DPI               ? 
_refine.pdbx_overall_SU_R_free_Blow_DPI          ? 
# 
_refine_hist.pdbx_refine_id                   'X-RAY DIFFRACTION' 
_refine_hist.cycle_id                         LAST 
_refine_hist.pdbx_number_atoms_protein        0 
_refine_hist.pdbx_number_atoms_nucleic_acid   581 
_refine_hist.pdbx_number_atoms_ligand         0 
_refine_hist.number_atoms_solvent             162 
_refine_hist.number_atoms_total               743 
_refine_hist.d_res_high                       1.200 
_refine_hist.d_res_low                        27.574 
# 
loop_
_refine_ls_restr.type 
_refine_ls_restr.dev_ideal 
_refine_ls_restr.dev_ideal_target 
_refine_ls_restr.weight 
_refine_ls_restr.number 
_refine_ls_restr.pdbx_restraint_function 
_refine_ls_restr.pdbx_refine_id 
f_bond_d           0.019  ? ? 707  ? 'X-RAY DIFFRACTION' 
f_angle_d          1.784  ? ? 1106 ? 'X-RAY DIFFRACTION' 
f_dihedral_angle_d 16.888 ? ? 348  ? 'X-RAY DIFFRACTION' 
f_chiral_restr     0.100  ? ? 148  ? 'X-RAY DIFFRACTION' 
f_plane_restr      0.033  ? ? 29   ? 'X-RAY DIFFRACTION' 
# 
loop_
_refine_ls_shell.pdbx_total_number_of_bins_used 
_refine_ls_shell.d_res_high 
_refine_ls_shell.d_res_low 
_refine_ls_shell.number_reflns_R_work 
_refine_ls_shell.R_factor_R_work 
_refine_ls_shell.percent_reflns_obs 
_refine_ls_shell.R_factor_R_free 
_refine_ls_shell.R_factor_R_free_error 
_refine_ls_shell.percent_reflns_R_free 
_refine_ls_shell.number_reflns_R_free 
_refine_ls_shell.number_reflns_all 
_refine_ls_shell.R_factor_all 
_refine_ls_shell.number_reflns_obs 
_refine_ls_shell.redundancy_reflns_obs 
_refine_ls_shell.pdbx_refine_id 
. 1.2001 1.2634  2593 0.1908 94.00 0.2171 . . 137 . . . . 'X-RAY DIFFRACTION' 
. 1.2634 1.3425  2752 0.1556 99.00 0.2097 . . 145 . . . . 'X-RAY DIFFRACTION' 
. 1.3425 1.4462  2723 0.1429 99.00 0.1861 . . 143 . . . . 'X-RAY DIFFRACTION' 
. 1.4462 1.5917  2722 0.1250 99.00 0.1998 . . 143 . . . . 'X-RAY DIFFRACTION' 
. 1.5917 1.8220  2751 0.1145 99.00 0.1638 . . 145 . . . . 'X-RAY DIFFRACTION' 
. 1.8220 2.2954  2722 0.1340 98.00 0.1695 . . 144 . . . . 'X-RAY DIFFRACTION' 
. 2.2954 27.5810 2717 0.1530 97.00 0.1725 . . 143 . . . . 'X-RAY DIFFRACTION' 
# 
_struct.entry_id                  3S8U 
_struct.title                     'Crystal structure of a 2-azido-adenine-modified RNA' 
_struct.pdbx_model_details        ? 
_struct.pdbx_CASP_flag            ? 
_struct.pdbx_model_type_details   ? 
# 
_struct_keywords.entry_id        3S8U 
_struct_keywords.pdbx_keywords   RNA 
_struct_keywords.text            
;hairpin RNA, RNA labelling, 2'-azido-adenine, RNA
;
# 
loop_
_struct_asym.id 
_struct_asym.pdbx_blank_PDB_chainid_flag 
_struct_asym.pdbx_modified 
_struct_asym.entity_id 
_struct_asym.details 
A N N 1 ? 
B N N 2 ? 
# 
_struct_biol.id        1 
_struct_biol.details   ? 
# 
loop_
_struct_conn.id 
_struct_conn.conn_type_id 
_struct_conn.pdbx_leaving_atom_flag 
_struct_conn.pdbx_PDB_id 
_struct_conn.ptnr1_label_asym_id 
_struct_conn.ptnr1_label_comp_id 
_struct_conn.ptnr1_label_seq_id 
_struct_conn.ptnr1_label_atom_id 
_struct_conn.pdbx_ptnr1_label_alt_id 
_struct_conn.pdbx_ptnr1_PDB_ins_code 
_struct_conn.pdbx_ptnr1_standard_comp_id 
_struct_conn.ptnr1_symmetry 
_struct_conn.ptnr2_label_asym_id 
_struct_conn.ptnr2_label_comp_id 
_struct_conn.ptnr2_label_seq_id 
_struct_conn.ptnr2_label_atom_id 
_struct_conn.pdbx_ptnr2_label_alt_id 
_struct_conn.pdbx_ptnr2_PDB_ins_code 
_struct_conn.ptnr1_auth_asym_id 
_struct_conn.ptnr1_auth_comp_id 
_struct_conn.ptnr1_auth_seq_id 
_struct_conn.ptnr2_auth_asym_id 
_struct_conn.ptnr2_auth_comp_id 
_struct_conn.ptnr2_auth_seq_id 
_struct_conn.ptnr2_symmetry 
_struct_conn.pdbx_ptnr3_label_atom_id 
_struct_conn.pdbx_ptnr3_label_seq_id 
_struct_conn.pdbx_ptnr3_label_comp_id 
_struct_conn.pdbx_ptnr3_label_asym_id 
_struct_conn.pdbx_ptnr3_label_alt_id 
_struct_conn.pdbx_ptnr3_PDB_ins_code 
_struct_conn.details 
_struct_conn.pdbx_dist_value 
_struct_conn.pdbx_value_order 
_struct_conn.pdbx_role 
covale1  covale both ? A G 23 "O3'" ? ? ? 1_555 A AT7 24 P  ? ? A G 2669 A AT7 2670 1_555 ? ? ? ? ? ? ?                    1.587 ? 
? 
hydrog1  hydrog ?    ? A G 2  N1    A ? ? 1_555 A U   26 O2 ? ? A G 2648 A U   2672 1_555 ? ? ? ? ? ? TYPE_28_PAIR         ?     ? 
? 
hydrog2  hydrog ?    ? A G 2  O6    A ? ? 1_555 A U   26 N3 ? ? A G 2648 A U   2672 1_555 ? ? ? ? ? ? TYPE_28_PAIR         ?     ? 
? 
hydrog3  hydrog ?    ? A C 3  N3    A ? ? 1_555 A G   25 N1 ? ? A C 2649 A G   2671 1_555 ? ? ? ? ? ? WATSON-CRICK         ?     ? 
? 
hydrog4  hydrog ?    ? A C 3  N4    A ? ? 1_555 A G   25 O6 ? ? A C 2649 A G   2671 1_555 ? ? ? ? ? ? WATSON-CRICK         ?     ? 
? 
hydrog5  hydrog ?    ? A C 3  O2    A ? ? 1_555 A G   25 N2 ? ? A C 2649 A G   2671 1_555 ? ? ? ? ? ? WATSON-CRICK         ?     ? 
? 
hydrog6  hydrog ?    ? A C 5  N3    ? ? ? 1_555 A G   23 N1 ? ? A C 2651 A G   2669 1_555 ? ? ? ? ? ? WATSON-CRICK         ?     ? 
? 
hydrog7  hydrog ?    ? A C 5  N4    ? ? ? 1_555 A G   23 O6 ? ? A C 2651 A G   2669 1_555 ? ? ? ? ? ? WATSON-CRICK         ?     ? 
? 
hydrog8  hydrog ?    ? A C 5  O2    ? ? ? 1_555 A G   23 N2 ? ? A C 2651 A G   2669 1_555 ? ? ? ? ? ? WATSON-CRICK         ?     ? 
? 
hydrog9  hydrog ?    ? A C 6  N3    ? ? ? 1_555 A G   22 N1 ? ? A C 2652 A G   2668 1_555 ? ? ? ? ? ? WATSON-CRICK         ?     ? 
? 
hydrog10 hydrog ?    ? A C 6  N4    ? ? ? 1_555 A G   22 O6 ? ? A C 2652 A G   2668 1_555 ? ? ? ? ? ? WATSON-CRICK         ?     ? 
? 
hydrog11 hydrog ?    ? A C 6  O2    ? ? ? 1_555 A G   22 N2 ? ? A C 2652 A G   2668 1_555 ? ? ? ? ? ? WATSON-CRICK         ?     ? 
? 
hydrog12 hydrog ?    ? A U 7  O2    ? ? ? 1_555 A C   21 N4 ? ? A U 2653 A C   2667 1_555 ? ? ? ? ? ? 'U-C MISPAIR'        ?     ? 
? 
hydrog13 hydrog ?    ? A G 9  N2    ? ? ? 1_555 A U   10 O4 ? ? A G 2655 A U   2656 1_555 ? ? ? ? ? ? 'G-U MISPAIR'        ?     ? 
? 
hydrog14 hydrog ?    ? A U 10 N3    ? ? ? 1_555 A A   19 N7 ? ? A U 2656 A A   2665 1_555 ? ? ? ? ? ? 'REVERSED HOOGSTEEN' ?     ? 
? 
hydrog15 hydrog ?    ? A U 10 O2    ? ? ? 1_555 A A   19 N6 ? ? A U 2656 A A   2665 1_555 ? ? ? ? ? ? 'REVERSED HOOGSTEEN' ?     ? 
? 
hydrog16 hydrog ?    ? A A 11 N6    ? ? ? 1_555 A G   18 N3 ? ? A A 2657 A G   2664 1_555 ? ? ? ? ? ? TYPE_11_PAIR         ?     ? 
? 
hydrog17 hydrog ?    ? A A 11 N7    ? ? ? 1_555 A G   18 N2 ? ? A A 2657 A G   2664 1_555 ? ? ? ? ? ? TYPE_11_PAIR         ?     ? 
? 
hydrog18 hydrog ?    ? A C 12 N3    ? ? ? 1_555 A G   17 N1 ? ? A C 2658 A G   2663 1_555 ? ? ? ? ? ? WATSON-CRICK         ?     ? 
? 
hydrog19 hydrog ?    ? A C 12 N4    ? ? ? 1_555 A G   17 O6 ? ? A C 2658 A G   2663 1_555 ? ? ? ? ? ? WATSON-CRICK         ?     ? 
? 
hydrog20 hydrog ?    ? A C 12 O2    ? ? ? 1_555 A G   17 N2 ? ? A C 2658 A G   2663 1_555 ? ? ? ? ? ? WATSON-CRICK         ?     ? 
? 
hydrog21 hydrog ?    ? A G 13 N2    ? ? ? 1_555 A A   16 N7 ? ? A G 2659 A A   2662 1_555 ? ? ? ? ? ? 'G-A MISPAIR'        ?     ? 
? 
# 
loop_
_struct_conn_type.id 
_struct_conn_type.criteria 
_struct_conn_type.reference 
covale ? ? 
hydrog ? ? 
# 
_atom_sites.entry_id                    3S8U 
_atom_sites.fract_transf_matrix[1][1]   -0.02998143 
_atom_sites.fract_transf_matrix[1][2]   0.01536679 
_atom_sites.fract_transf_matrix[1][3]   -0.00293817 
_atom_sites.fract_transf_matrix[2][1]   0.01478068 
_atom_sites.fract_transf_matrix[2][2]   0.02990273 
_atom_sites.fract_transf_matrix[2][3]   0.00556912 
_atom_sites.fract_transf_matrix[3][1]   0.00198650 
_atom_sites.fract_transf_matrix[3][2]   0.00141500 
_atom_sites.fract_transf_matrix[3][3]   -0.01286994 
_atom_sites.fract_transf_vector[1]      -0.365295 
_atom_sites.fract_transf_vector[2]      1.660173 
_atom_sites.fract_transf_vector[3]      -0.172310 
# 
loop_
_atom_type.symbol 
C 
H 
N 
O 
P 
# 
loop_
_atom_site.group_PDB 
_atom_site.id 
_atom_site.type_symbol 
_atom_site.label_atom_id 
_atom_site.label_alt_id 
_atom_site.label_comp_id 
_atom_site.label_asym_id 
_atom_site.label_entity_id 
_atom_site.label_seq_id 
_atom_site.pdbx_PDB_ins_code 
_atom_site.Cartn_x 
_atom_site.Cartn_y 
_atom_site.Cartn_z 
_atom_site.occupancy 
_atom_site.B_iso_or_equiv 
_atom_site.pdbx_formal_charge 
_atom_site.auth_seq_id 
_atom_site.auth_comp_id 
_atom_site.auth_asym_id 
_atom_site.auth_atom_id 
_atom_site.pdbx_PDB_model_num 
ATOM   1    O "O5'"  . U   A 1 1  ? 17.868  -4.963  -4.754  1.00 26.29 ? 2647 U   A "O5'"  1 
ATOM   2    C "C5'"  . U   A 1 1  ? 17.896  -4.928  -3.314  1.00 24.90 ? 2647 U   A "C5'"  1 
ATOM   3    C "C4'"  . U   A 1 1  ? 17.180  -3.690  -2.721  1.00 23.57 ? 2647 U   A "C4'"  1 
ATOM   4    O "O4'"  . U   A 1 1  ? 18.136  -2.607  -2.474  1.00 23.64 ? 2647 U   A "O4'"  1 
ATOM   5    C "C3'"  . U   A 1 1  ? 16.093  -3.073  -3.583  1.00 21.48 ? 2647 U   A "C3'"  1 
ATOM   6    O "O3'"  A U   A 1 1  ? 15.136  -2.453  -2.695  0.79 22.88 ? 2647 U   A "O3'"  1 
ATOM   7    O "O3'"  B U   A 1 1  ? 15.110  -2.446  -2.796  0.21 17.45 ? 2647 U   A "O3'"  1 
ATOM   8    C "C2'"  . U   A 1 1  ? 16.864  -1.994  -4.327  1.00 21.67 ? 2647 U   A "C2'"  1 
ATOM   9    O "O2'"  . U   A 1 1  ? 16.064  -0.970  -4.862  1.00 21.00 ? 2647 U   A "O2'"  1 
ATOM   10   C "C1'"  . U   A 1 1  ? 17.764  -1.464  -3.228  1.00 22.03 ? 2647 U   A "C1'"  1 
ATOM   11   N N1     . U   A 1 1  ? 18.956  -0.829  -3.780  1.00 20.58 ? 2647 U   A N1     1 
ATOM   12   C C2     . U   A 1 1  ? 18.955  0.549   -3.945  1.00 20.11 ? 2647 U   A C2     1 
ATOM   13   O O2     . U   A 1 1  ? 18.083  1.270   -3.549  1.00 20.93 ? 2647 U   A O2     1 
ATOM   14   N N3     . U   A 1 1  ? 20.031  1.034   -4.576  1.00 19.77 ? 2647 U   A N3     1 
ATOM   15   C C4     . U   A 1 1  ? 21.094  0.297   -5.066  1.00 19.66 ? 2647 U   A C4     1 
ATOM   16   O O4     . U   A 1 1  ? 22.008  0.912   -5.601  1.00 20.67 ? 2647 U   A O4     1 
ATOM   17   C C5     . U   A 1 1  ? 21.030  -1.116  -4.892  1.00 20.26 ? 2647 U   A C5     1 
ATOM   18   C C6     . U   A 1 1  ? 19.941  -1.612  -4.272  1.00 19.60 ? 2647 U   A C6     1 
ATOM   19   H H3     . U   A 1 1  ? 20.086  2.008   -4.672  1.00 23.73 ? 2647 U   A H3     1 
ATOM   20   H H5     . U   A 1 1  ? 21.741  -1.704  -5.222  1.00 24.31 ? 2647 U   A H5     1 
ATOM   21   H H6     . U   A 1 1  ? 19.865  -2.584  -4.166  1.00 23.52 ? 2647 U   A H6     1 
ATOM   22   P P      A G   A 1 2  ? 13.851  -3.284  -2.074  0.52 23.80 ? 2648 G   A P      1 
ATOM   23   P P      B G   A 1 2  ? 13.553  -2.734  -3.069  0.48 13.23 ? 2648 G   A P      1 
ATOM   24   O OP1    A G   A 1 2  ? 13.253  -4.077  -3.185  0.52 24.36 ? 2648 G   A OP1    1 
ATOM   25   O OP1    B G   A 1 2  ? 13.418  -3.660  -4.261  0.48 12.71 ? 2648 G   A OP1    1 
ATOM   26   O OP2    A G   A 1 2  ? 12.993  -2.310  -1.370  0.52 24.69 ? 2648 G   A OP2    1 
ATOM   27   O OP2    B G   A 1 2  ? 12.839  -1.437  -3.103  0.48 13.47 ? 2648 G   A OP2    1 
ATOM   28   O "O5'"  A G   A 1 2  ? 14.522  -4.273  -1.020  0.52 21.56 ? 2648 G   A "O5'"  1 
ATOM   29   O "O5'"  B G   A 1 2  ? 13.148  -3.470  -1.713  0.48 10.81 ? 2648 G   A "O5'"  1 
ATOM   30   C "C5'"  A G   A 1 2  ? 13.705  -5.073  -0.217  0.52 17.64 ? 2648 G   A "C5'"  1 
ATOM   31   C "C5'"  B G   A 1 2  ? 13.645  -4.769  -1.401  0.48 9.33  ? 2648 G   A "C5'"  1 
ATOM   32   C "C4'"  A G   A 1 2  ? 14.230  -5.185  1.180   0.52 13.70 ? 2648 G   A "C4'"  1 
ATOM   33   C "C4'"  B G   A 1 2  ? 13.728  -4.928  0.085   0.48 8.58  ? 2648 G   A "C4'"  1 
ATOM   34   O "O4'"  A G   A 1 2  ? 15.169  -4.127  1.462   0.52 13.06 ? 2648 G   A "O4'"  1 
ATOM   35   O "O4'"  B G   A 1 2  ? 14.748  -4.056  0.608   0.48 9.84  ? 2648 G   A "O4'"  1 
ATOM   36   C "C3'"  A G   A 1 2  ? 13.196  -5.085  2.275   0.52 12.23 ? 2648 G   A "C3'"  1 
ATOM   37   C "C3'"  B G   A 1 2  ? 12.482  -4.493  0.869   0.48 9.32  ? 2648 G   A "C3'"  1 
ATOM   38   O "O3'"  A G   A 1 2  ? 12.545  -6.315  2.469   0.52 10.30 ? 2648 G   A "O3'"  1 
ATOM   39   O "O3'"  B G   A 1 2  ? 11.393  -5.405  0.767   0.48 10.33 ? 2648 G   A "O3'"  1 
ATOM   40   C "C2'"  A G   A 1 2  ? 14.035  -4.667  3.463   0.52 12.43 ? 2648 G   A "C2'"  1 
ATOM   41   C "C2'"  B G   A 1 2  ? 13.063  -4.348  2.256   0.48 10.41 ? 2648 G   A "C2'"  1 
ATOM   42   O "O2'"  A G   A 1 2  ? 14.698  -5.798  3.986   0.52 11.71 ? 2648 G   A "O2'"  1 
ATOM   43   O "O2'"  B G   A 1 2  ? 13.324  -5.619  2.833   0.48 11.33 ? 2648 G   A "O2'"  1 
ATOM   44   C "C1'"  A G   A 1 2  ? 15.085  -3.768  2.803   0.52 13.20 ? 2648 G   A "C1'"  1 
ATOM   45   C "C1'"  B G   A 1 2  ? 14.402  -3.684  1.913   0.48 10.18 ? 2648 G   A "C1'"  1 
ATOM   46   N N9     A G   A 1 2  ? 14.757  -2.338  2.864   0.52 13.30 ? 2648 G   A N9     1 
ATOM   47   N N9     B G   A 1 2  ? 14.325  -2.218  1.943   0.48 10.32 ? 2648 G   A N9     1 
ATOM   48   C C8     A G   A 1 2  ? 14.647  -1.465  1.793   0.52 13.15 ? 2648 G   A C8     1 
ATOM   49   C C8     B G   A 1 2  ? 14.233  -1.331  0.889   0.48 9.71  ? 2648 G   A C8     1 
ATOM   50   N N7     A G   A 1 2  ? 14.406  -0.244  2.148   0.52 13.20 ? 2648 G   A N7     1 
ATOM   51   N N7     B G   A 1 2  ? 14.279  -0.069  1.202   0.48 8.45  ? 2648 G   A N7     1 
ATOM   52   C C5     A G   A 1 2  ? 14.479  -0.298  3.541   0.52 12.65 ? 2648 G   A C5     1 
ATOM   53   C C5     B G   A 1 2  ? 14.272  -0.146  2.591   0.48 9.38  ? 2648 G   A C5     1 
ATOM   54   C C6     A G   A 1 2  ? 14.322  0.702   4.517   0.52 12.22 ? 2648 G   A C6     1 
ATOM   55   C C6     B G   A 1 2  ? 14.248  0.870   3.569   0.48 9.61  ? 2648 G   A C6     1 
ATOM   56   O O6     A G   A 1 2  ? 14.129  1.903   4.328   0.52 11.84 ? 2648 G   A O6     1 
ATOM   57   O O6     B G   A 1 2  ? 14.217  2.093   3.429   0.48 9.21  ? 2648 G   A O6     1 
ATOM   58   N N1     A G   A 1 2  ? 14.444  0.203   5.799   0.52 11.74 ? 2648 G   A N1     1 
ATOM   59   N N1     B G   A 1 2  ? 14.300  0.365   4.857   0.48 9.06  ? 2648 G   A N1     1 
ATOM   60   C C2     A G   A 1 2  ? 14.674  -1.086  6.099   0.52 12.25 ? 2648 G   A C2     1 
ATOM   61   C C2     B G   A 1 2  ? 14.367  -0.938  5.187   0.48 10.05 ? 2648 G   A C2     1 
ATOM   62   N N2     A G   A 1 2  ? 14.746  -1.332  7.400   0.52 12.27 ? 2648 G   A N2     1 
ATOM   63   N N2     B G   A 1 2  ? 14.398  -1.146  6.501   0.48 10.26 ? 2648 G   A N2     1 
ATOM   64   N N3     A G   A 1 2  ? 14.810  -2.050  5.223   0.52 13.26 ? 2648 G   A N3     1 
ATOM   65   N N3     B G   A 1 2  ? 14.371  -1.912  4.283   0.48 9.78  ? 2648 G   A N3     1 
ATOM   66   C C4     A G   A 1 2  ? 14.708  -1.569  3.975   0.52 13.07 ? 2648 G   A C4     1 
ATOM   67   C C4     B G   A 1 2  ? 14.377  -1.426  3.049   0.48 9.79  ? 2648 G   A C4     1 
ATOM   68   H "H5'"  A G   A 1 2  ? 13.651  -5.970  -0.610  0.52 21.17 ? 2648 G   A "H5'"  1 
ATOM   69   H "H5'"  B G   A 1 2  ? 14.537  -4.880  -1.791  0.48 11.19 ? 2648 G   A "H5'"  1 
ATOM   70   H "H5''" A G   A 1 2  ? 12.806  -4.684  -0.189  0.52 21.17 ? 2648 G   A "H5''" 1 
ATOM   71   H "H5''" B G   A 1 2  ? 13.040  -5.447  -1.768  0.48 11.19 ? 2648 G   A "H5''" 1 
ATOM   72   H "H4'"  A G   A 1 2  ? 14.695  -6.044  1.268   0.52 16.44 ? 2648 G   A "H4'"  1 
ATOM   73   H "H4'"  B G   A 1 2  ? 13.947  -5.858  0.304   0.48 10.29 ? 2648 G   A "H4'"  1 
ATOM   74   H "H3'"  A G   A 1 2  ? 12.544  -4.387  2.060   0.52 14.68 ? 2648 G   A "H3'"  1 
ATOM   75   H "H3'"  B G   A 1 2  ? 12.194  -3.614  0.549   0.48 11.18 ? 2648 G   A "H3'"  1 
ATOM   76   H "H2'"  A G   A 1 2  ? 13.511  -4.192  4.141   0.52 14.92 ? 2648 G   A "H2'"  1 
ATOM   77   H "H2'"  B G   A 1 2  ? 12.508  -3.781  2.832   0.48 12.49 ? 2648 G   A "H2'"  1 
ATOM   78   H "HO2'" A G   A 1 2  ? 14.104  -6.575  3.919   0.52 14.05 ? 2648 G   A "HO2'" 1 
ATOM   79   H "HO2'" B G   A 1 2  ? 13.900  -5.501  3.617   0.48 13.60 ? 2648 G   A "HO2'" 1 
ATOM   80   H "H1'"  A G   A 1 2  ? 15.953  -3.919  3.232   0.52 15.84 ? 2648 G   A "H1'"  1 
ATOM   81   H "H1'"  B G   A 1 2  ? 15.093  -3.991  2.537   0.48 12.22 ? 2648 G   A "H1'"  1 
ATOM   82   H H8     A G   A 1 2  ? 14.655  -1.760  0.859   0.52 15.78 ? 2648 G   A H8     1 
ATOM   83   H H8     B G   A 1 2  ? 14.270  -1.633  -0.043  0.48 11.66 ? 2648 G   A H8     1 
ATOM   84   H H1     A G   A 1 2  ? 14.353  0.834   6.544   0.52 14.09 ? 2648 G   A H1     1 
ATOM   85   H H1     B G   A 1 2  ? 14.302  1.013   5.592   0.48 10.87 ? 2648 G   A H1     1 
ATOM   86   H H21    A G   A 1 2  ? 15.308  -2.066  7.729   0.52 14.72 ? 2648 G   A H21    1 
ATOM   87   H H21    B G   A 1 2  ? 14.125  -2.013  6.866   0.48 12.31 ? 2648 G   A H21    1 
ATOM   88   P P      A C   A 1 3  ? 10.967  -6.411  2.754   0.51 10.92 ? 2649 C   A P      1 
ATOM   89   P P      B C   A 1 3  ? 9.864   -4.881  0.840   0.49 11.56 ? 2649 C   A P      1 
ATOM   90   O OP1    A C   A 1 3  ? 10.689  -7.868  2.822   0.51 10.44 ? 2649 C   A OP1    1 
ATOM   91   O OP1    B C   A 1 3  ? 8.974   -6.053  0.553   0.49 12.02 ? 2649 C   A OP1    1 
ATOM   92   O OP2    A C   A 1 3  ? 10.264  -5.592  1.744   0.51 11.63 ? 2649 C   A OP2    1 
ATOM   93   O OP2    B C   A 1 3  ? 9.751   -3.718  0.012   0.49 11.97 ? 2649 C   A OP2    1 
ATOM   94   O "O5'"  A C   A 1 3  ? 10.823  -5.746  4.181   0.51 10.12 ? 2649 C   A "O5'"  1 
ATOM   95   O "O5'"  B C   A 1 3  ? 9.758   -4.448  2.377   0.49 11.57 ? 2649 C   A "O5'"  1 
ATOM   96   C "C5'"  A C   A 1 3  ? 11.431  -6.330  5.311   0.51 9.33  ? 2649 C   A "C5'"  1 
ATOM   97   C "C5'"  B C   A 1 3  ? 10.122  -5.364  3.415   0.49 12.13 ? 2649 C   A "C5'"  1 
ATOM   98   C "C4'"  A C   A 1 3  ? 11.160  -5.518  6.529   0.51 9.49  ? 2649 C   A "C4'"  1 
ATOM   99   C "C4'"  B C   A 1 3  ? 10.257  -4.664  4.762   0.49 12.07 ? 2649 C   A "C4'"  1 
ATOM   100  O "O4'"  A C   A 1 3  ? 11.971  -4.325  6.458   0.51 9.95  ? 2649 C   A "O4'"  1 
ATOM   101  O "O4'"  B C   A 1 3  ? 11.340  -3.701  4.749   0.49 11.56 ? 2649 C   A "O4'"  1 
ATOM   102  C "C3'"  A C   A 1 3  ? 9.744   -4.960  6.658   0.51 9.31  ? 2649 C   A "C3'"  1 
ATOM   103  C "C3'"  B C   A 1 3  ? 9.058   -3.846  5.214   0.49 11.86 ? 2649 C   A "C3'"  1 
ATOM   104  O "O3'"  A C   A 1 3  ? 8.836   -5.862  7.207   0.51 8.77  ? 2649 C   A "O3'"  1 
ATOM   105  O "O3'"  B C   A 1 3  ? 8.010   -4.649  5.756   0.49 12.55 ? 2649 C   A "O3'"  1 
ATOM   106  C "C2'"  A C   A 1 3  ? 9.957   -3.703  7.507   0.51 10.40 ? 2649 C   A "C2'"  1 
ATOM   107  C "C2'"  B C   A 1 3  ? 9.695   -2.877  6.219   0.49 12.21 ? 2649 C   A "C2'"  1 
ATOM   108  O "O2'"  A C   A 1 3  ? 10.098  -4.001  8.904   0.51 10.21 ? 2649 C   A "O2'"  1 
ATOM   109  O "O2'"  B C   A 1 3  ? 9.999   -3.549  7.438   0.49 13.48 ? 2649 C   A "O2'"  1 
ATOM   110  C "C1'"  A C   A 1 3  ? 11.298  -3.225  6.999   0.51 10.59 ? 2649 C   A "C1'"  1 
ATOM   111  C "C1'"  B C   A 1 3  ? 11.001  -2.567  5.510   0.49 10.64 ? 2649 C   A "C1'"  1 
ATOM   112  N N1     A C   A 1 3  ? 11.188  -2.195  5.955   0.51 10.20 ? 2649 C   A N1     1 
ATOM   113  N N1     B C   A 1 3  ? 10.935  -1.387  4.573   0.49 9.11  ? 2649 C   A N1     1 
ATOM   114  C C2     A C   A 1 3  ? 11.114  -0.846  6.405   0.51 10.12 ? 2649 C   A C2     1 
ATOM   115  C C2     B C   A 1 3  ? 11.103  -0.129  5.102   0.49 7.85  ? 2649 C   A C2     1 
ATOM   116  O O2     A C   A 1 3  ? 11.018  -0.579  7.599   0.51 10.70 ? 2649 C   A O2     1 
ATOM   117  O O2     B C   A 1 3  ? 11.177  -0.050  6.351   0.49 7.91  ? 2649 C   A O2     1 
ATOM   118  N N3     A C   A 1 3  ? 11.063  0.158   5.499   0.51 10.09 ? 2649 C   A N3     1 
ATOM   119  N N3     B C   A 1 3  ? 11.110  0.908   4.253   0.49 8.09  ? 2649 C   A N3     1 
ATOM   120  C C4     A C   A 1 3  ? 11.122  -0.112  4.201   0.51 10.49 ? 2649 C   A C4     1 
ATOM   121  C C4     B C   A 1 3  ? 10.992  0.721   2.925   0.49 8.25  ? 2649 C   A C4     1 
ATOM   122  N N4     A C   A 1 3  ? 11.059  0.862   3.292   0.51 10.80 ? 2649 C   A N4     1 
ATOM   123  N N4     B C   A 1 3  ? 11.006  1.728   2.059   0.49 7.78  ? 2649 C   A N4     1 
ATOM   124  C C5     A C   A 1 3  ? 11.231  -1.438  3.729   0.51 11.44 ? 2649 C   A C5     1 
ATOM   125  C C5     B C   A 1 3  ? 10.812  -0.559  2.375   0.49 8.00  ? 2649 C   A C5     1 
ATOM   126  C C6     A C   A 1 3  ? 11.297  -2.458  4.627   0.51 11.35 ? 2649 C   A C6     1 
ATOM   127  C C6     B C   A 1 3  ? 10.810  -1.552  3.218   0.49 8.28  ? 2649 C   A C6     1 
ATOM   128  H "H5'"  A C   A 1 3  ? 12.399  -6.382  5.166   0.51 11.19 ? 2649 C   A "H5'"  1 
ATOM   129  H "H5'"  B C   A 1 3  ? 10.977  -5.783  3.185   0.49 14.56 ? 2649 C   A "H5'"  1 
ATOM   130  H "H5''" A C   A 1 3  ? 11.075  -7.234  5.439   0.51 11.19 ? 2649 C   A "H5''" 1 
ATOM   131  H "H5''" B C   A 1 3  ? 9.434   -6.059  3.484   0.49 14.56 ? 2649 C   A "H5''" 1 
ATOM   132  H "H4'"  A C   A 1 3  ? 11.391  -6.031  7.331   0.51 11.39 ? 2649 C   A "H4'"  1 
ATOM   133  H "H4'"  B C   A 1 3  ? 10.449  -5.340  5.446   0.49 14.48 ? 2649 C   A "H4'"  1 
ATOM   134  H "H3'"  A C   A 1 3  ? 9.427   -4.693  5.770   0.51 11.17 ? 2649 C   A "H3'"  1 
ATOM   135  H "H3'"  B C   A 1 3  ? 8.711   -3.337  4.452   0.49 14.23 ? 2649 C   A "H3'"  1 
ATOM   136  H "H2'"  A C   A 1 3  ? 9.256   -3.037  7.347   0.51 12.48 ? 2649 C   A "H2'"  1 
ATOM   137  H "H2'"  B C   A 1 3  ? 9.149   -2.074  6.357   0.49 14.65 ? 2649 C   A "H2'"  1 
ATOM   138  H "HO2'" A C   A 1 3  ? 9.236   -4.313  9.252   0.51 12.25 ? 2649 C   A "HO2'" 1 
ATOM   139  H "HO2'" B C   A 1 3  ? 9.163   -3.755  7.906   0.49 16.18 ? 2649 C   A "HO2'" 1 
ATOM   140  H "H1'"  A C   A 1 3  ? 11.817  -2.868  7.749   0.51 12.71 ? 2649 C   A "H1'"  1 
ATOM   141  H "H1'"  B C   A 1 3  ? 11.700  -2.408  6.178   0.49 12.77 ? 2649 C   A "H1'"  1 
ATOM   142  H H41    A C   A 1 3  ? 11.103  0.645   2.338   0.51 12.97 ? 2649 C   A H41    1 
ATOM   143  H H41    B C   A 1 3  ? 10.918  1.551   1.100   0.49 9.33  ? 2649 C   A H41    1 
ATOM   144  H H42    A C   A 1 3  ? 10.969  1.794   3.579   0.51 12.97 ? 2649 C   A H42    1 
ATOM   145  H H42    B C   A 1 3  ? 11.105  2.649   2.381   0.49 9.33  ? 2649 C   A H42    1 
ATOM   146  H H5     A C   A 1 3  ? 11.286  -1.619  2.768   0.51 13.73 ? 2649 C   A H5     1 
ATOM   147  H H5     B C   A 1 3  ? 10.745  -0.702  1.408   0.49 9.59  ? 2649 C   A H5     1 
ATOM   148  H H6     A C   A 1 3  ? 11.379  -3.383  4.314   0.51 13.62 ? 2649 C   A H6     1 
ATOM   149  H H6     B C   A 1 3  ? 10.734  -2.463  2.863   0.49 9.93  ? 2649 C   A H6     1 
ATOM   150  P P      A U   A 1 4  ? 7.277   -5.583  7.088   0.44 8.25  ? 2650 U   A P      1 
ATOM   151  P P      B U   A 1 4  ? 6.490   -4.154  5.665   0.56 13.32 ? 2650 U   A P      1 
ATOM   152  O OP1    A U   A 1 4  ? 6.614   -6.742  7.798   0.44 7.46  ? 2650 U   A OP1    1 
ATOM   153  O OP1    B U   A 1 4  ? 5.622   -5.300  6.135   0.56 14.97 ? 2650 U   A OP1    1 
ATOM   154  O OP2    A U   A 1 4  ? 6.930   -5.238  5.656   0.44 9.14  ? 2650 U   A OP2    1 
ATOM   155  O OP2    B U   A 1 4  ? 6.298   -3.613  4.334   0.56 13.92 ? 2650 U   A OP2    1 
ATOM   156  O "O5'"  A U   A 1 4  ? 7.153   -4.250  8.007   0.44 8.94  ? 2650 U   A "O5'"  1 
ATOM   157  O "O5'"  B U   A 1 4  ? 6.392   -2.984  6.678   0.56 13.70 ? 2650 U   A "O5'"  1 
ATOM   158  C "C5'"  A U   A 1 4  ? 6.184   -3.237  7.808   0.44 11.71 ? 2650 U   A "C5'"  1 
ATOM   159  C "C5'"  B U   A 1 4  ? 6.285   -3.244  8.021   0.56 14.17 ? 2650 U   A "C5'"  1 
ATOM   160  C "C4'"  . U   A 1 4  ? 6.402   -1.978  8.712   1.00 12.69 ? 2650 U   A "C4'"  1 
ATOM   161  O "O4'"  . U   A 1 4  ? 7.577   -1.228  8.281   1.00 11.79 ? 2650 U   A "O4'"  1 
ATOM   162  C "C3'"  . U   A 1 4  ? 5.301   -0.979  8.525   1.00 13.19 ? 2650 U   A "C3'"  1 
ATOM   163  O "O3'"  . U   A 1 4  ? 4.178   -1.343  9.247   1.00 14.58 ? 2650 U   A "O3'"  1 
ATOM   164  C "C2'"  . U   A 1 4  ? 5.963   0.298   9.006   1.00 11.69 ? 2650 U   A "C2'"  1 
ATOM   165  O "O2'"  . U   A 1 4  ? 6.167   0.273   10.442  1.00 12.74 ? 2650 U   A "O2'"  1 
ATOM   166  C "C1'"  . U   A 1 4  ? 7.304   0.166   8.389   1.00 10.49 ? 2650 U   A "C1'"  1 
ATOM   167  N N1     . U   A 1 4  ? 7.383   0.722   7.021   1.00 9.51  ? 2650 U   A N1     1 
ATOM   168  C C2     . U   A 1 4  ? 7.578   2.092   6.934   1.00 8.23  ? 2650 U   A C2     1 
ATOM   169  O O2     . U   A 1 4  ? 7.390   2.840   7.876   1.00 9.23  ? 2650 U   A O2     1 
ATOM   170  N N3     . U   A 1 4  ? 7.801   2.609   5.671   1.00 8.09  ? 2650 U   A N3     1 
ATOM   171  C C4     . U   A 1 4  ? 7.959   1.888   4.528   1.00 8.12  ? 2650 U   A C4     1 
ATOM   172  O O4     . U   A 1 4  ? 8.230   2.452   3.455   1.00 10.52 ? 2650 U   A O4     1 
ATOM   173  C C5     . U   A 1 4  ? 7.778   0.439   4.670   1.00 7.92  ? 2650 U   A C5     1 
ATOM   174  C C6     . U   A 1 4  ? 7.574   -0.064  5.900   1.00 8.15  ? 2650 U   A C6     1 
ATOM   175  H H3     . U   A 1 4  ? 7.877   3.583   5.596   1.00 9.71  ? 2650 U   A H3     1 
ATOM   176  H H5     . U   A 1 4  ? 7.924   -0.158  3.906   1.00 9.50  ? 2650 U   A H5     1 
ATOM   177  H H6     . U   A 1 4  ? 7.517   -1.037  6.000   1.00 9.78  ? 2650 U   A H6     1 
ATOM   178  P P      . C   A 1 5  ? 2.753   -1.125  8.703   1.00 14.72 ? 2651 C   A P      1 
ATOM   179  O OP1    . C   A 1 5  ? 1.839   -1.738  9.685   1.00 16.56 ? 2651 C   A OP1    1 
ATOM   180  O OP2    . C   A 1 5  ? 2.739   -1.578  7.299   1.00 16.97 ? 2651 C   A OP2    1 
ATOM   181  O "O5'"  . C   A 1 5  ? 2.565   0.435   8.745   1.00 11.06 ? 2651 C   A "O5'"  1 
ATOM   182  C "C5'"  . C   A 1 5  ? 2.598   1.147   9.980   1.00 8.51  ? 2651 C   A "C5'"  1 
ATOM   183  C "C4'"  . C   A 1 5  ? 2.783   2.614   9.725   1.00 7.43  ? 2651 C   A "C4'"  1 
ATOM   184  O "O4'"  . C   A 1 5  ? 3.999   2.825   9.038   1.00 7.75  ? 2651 C   A "O4'"  1 
ATOM   185  C "C3'"  . C   A 1 5  ? 1.752   3.252   8.802   1.00 7.69  ? 2651 C   A "C3'"  1 
ATOM   186  O "O3'"  . C   A 1 5  ? 0.514   3.517   9.460   1.00 9.01  ? 2651 C   A "O3'"  1 
ATOM   187  C "C2'"  . C   A 1 5  ? 2.475   4.473   8.300   1.00 7.61  ? 2651 C   A "C2'"  1 
ATOM   188  O "O2'"  . C   A 1 5  ? 2.485   5.529   9.249   1.00 9.58  ? 2651 C   A "O2'"  1 
ATOM   189  C "C1'"  . C   A 1 5  ? 3.866   3.939   8.181   1.00 7.15  ? 2651 C   A "C1'"  1 
ATOM   190  N N1     . C   A 1 5  ? 4.179   3.540   6.765   1.00 7.47  ? 2651 C   A N1     1 
ATOM   191  C C2     . C   A 1 5  ? 4.448   4.547   5.908   1.00 7.87  ? 2651 C   A C2     1 
ATOM   192  O O2     . C   A 1 5  ? 4.419   5.699   6.319   1.00 8.06  ? 2651 C   A O2     1 
ATOM   193  N N3     . C   A 1 5  ? 4.792   4.192   4.616   1.00 8.01  ? 2651 C   A N3     1 
ATOM   194  C C4     . C   A 1 5  ? 4.804   2.959   4.185   1.00 7.74  ? 2651 C   A C4     1 
ATOM   195  N N4     . C   A 1 5  ? 5.129   2.732   2.935   1.00 7.57  ? 2651 C   A N4     1 
ATOM   196  C C5     . C   A 1 5  ? 4.407   1.882   5.056   1.00 8.06  ? 2651 C   A C5     1 
ATOM   197  C C6     . C   A 1 5  ? 4.155   2.208   6.360   1.00 8.85  ? 2651 C   A C6     1 
ATOM   198  H "H5'"  . C   A 1 5  ? 3.342   0.816   10.526  1.00 10.22 ? 2651 C   A "H5'"  1 
ATOM   199  H "H5''" . C   A 1 5  ? 1.755   1.005   10.459  1.00 10.22 ? 2651 C   A "H5''" 1 
ATOM   200  H "H4'"  . C   A 1 5  ? 2.801   3.096   10.579  1.00 8.91  ? 2651 C   A "H4'"  1 
ATOM   201  H "H3'"  . C   A 1 5  ? 1.587   2.650   8.047   1.00 9.23  ? 2651 C   A "H3'"  1 
ATOM   202  H "H2'"  . C   A 1 5  ? 2.128   4.765   7.432   1.00 9.13  ? 2651 C   A "H2'"  1 
ATOM   203  H "HO2'" . C   A 1 5  ? 3.398   5.645   9.588   1.00 11.50 ? 2651 C   A "HO2'" 1 
ATOM   204  H "H1'"  . C   A 1 5  ? 4.497   4.633   8.462   1.00 8.58  ? 2651 C   A "H1'"  1 
ATOM   205  H H41    . C   A 1 5  ? 5.145   1.813   2.592   1.00 9.08  ? 2651 C   A H41    1 
ATOM   206  H H42    . C   A 1 5  ? 5.356   3.480   2.343   1.00 9.08  ? 2651 C   A H42    1 
ATOM   207  H H5     . C   A 1 5  ? 4.469   0.947   4.768   1.00 9.67  ? 2651 C   A H5     1 
ATOM   208  H H6     . C   A 1 5  ? 3.930   1.504   7.006   1.00 10.62 ? 2651 C   A H6     1 
ATOM   209  P P      . C   A 1 6  ? -0.849  3.680   8.628   1.00 8.72  ? 2652 C   A P      1 
ATOM   210  O OP1    . C   A 1 6  ? -1.913  3.819   9.623   1.00 10.54 ? 2652 C   A OP1    1 
ATOM   211  O OP2    . C   A 1 6  ? -0.941  2.563   7.656   1.00 10.11 ? 2652 C   A OP2    1 
ATOM   212  O "O5'"  . C   A 1 6  ? -0.637  5.036   7.827   1.00 7.18  ? 2652 C   A "O5'"  1 
ATOM   213  C "C5'"  . C   A 1 6  ? -0.690  6.294   8.500   1.00 8.19  ? 2652 C   A "C5'"  1 
ATOM   214  C "C4'"  . C   A 1 6  ? -0.506  7.407   7.518   1.00 7.23  ? 2652 C   A "C4'"  1 
ATOM   215  O "O4'"  . C   A 1 6  ? 0.753   7.276   6.850   1.00 7.44  ? 2652 C   A "O4'"  1 
ATOM   216  C "C3'"  . C   A 1 6  ? -1.503  7.460   6.379   1.00 7.01  ? 2652 C   A "C3'"  1 
ATOM   217  O "O3'"  . C   A 1 6  ? -2.749  8.007   6.800   1.00 7.11  ? 2652 C   A "O3'"  1 
ATOM   218  C "C2'"  . C   A 1 6  ? -0.770  8.315   5.367   1.00 6.30  ? 2652 C   A "C2'"  1 
ATOM   219  O "O2'"  . C   A 1 6  ? -0.839  9.690   5.808   1.00 7.73  ? 2652 C   A "O2'"  1 
ATOM   220  C "C1'"  . C   A 1 6  ? 0.639   7.807   5.525   1.00 7.17  ? 2652 C   A "C1'"  1 
ATOM   221  N N1     . C   A 1 6  ? 0.975   6.730   4.571   1.00 6.50  ? 2652 C   A N1     1 
ATOM   222  C C2     . C   A 1 6  ? 1.344   7.171   3.276   1.00 6.58  ? 2652 C   A C2     1 
ATOM   223  O O2     . C   A 1 6  ? 1.304   8.390   3.020   1.00 6.95  ? 2652 C   A O2     1 
ATOM   224  N N3     . C   A 1 6  ? 1.760   6.251   2.395   1.00 6.69  ? 2652 C   A N3     1 
ATOM   225  C C4     . C   A 1 6  ? 1.830   4.962   2.740   1.00 7.05  ? 2652 C   A C4     1 
ATOM   226  N N4     . C   A 1 6  ? 2.257   4.071   1.854   1.00 7.62  ? 2652 C   A N4     1 
ATOM   227  C C5     . C   A 1 6  ? 1.388   4.502   4.023   1.00 6.65  ? 2652 C   A C5     1 
ATOM   228  C C6     . C   A 1 6  ? 0.947   5.415   4.898   1.00 7.08  ? 2652 C   A C6     1 
ATOM   229  H "H5'"  . C   A 1 6  ? 0.022   6.332   9.172   1.00 9.83  ? 2652 C   A "H5'"  1 
ATOM   230  H "H5''" . C   A 1 6  ? -1.559  6.389   8.941   1.00 9.83  ? 2652 C   A "H5''" 1 
ATOM   231  H "H4'"  . C   A 1 6  ? -0.525  8.261   7.999   1.00 8.68  ? 2652 C   A "H4'"  1 
ATOM   232  H "H3'"  . C   A 1 6  ? -1.640  6.559   6.017   1.00 8.41  ? 2652 C   A "H3'"  1 
ATOM   233  H "H2'"  . C   A 1 6  ? -1.113  8.192   4.457   1.00 7.56  ? 2652 C   A "H2'"  1 
ATOM   234  H "HO2'" . C   A 1 6  ? -1.757  10.014  5.703   1.00 9.28  ? 2652 C   A "HO2'" 1 
ATOM   235  H "H1'"  . C   A 1 6  ? 1.270   8.550   5.415   1.00 8.61  ? 2652 C   A "H1'"  1 
ATOM   236  H H41    . C   A 1 6  ? 2.311   3.123   2.098   1.00 9.14  ? 2652 C   A H41    1 
ATOM   237  H H42    . C   A 1 6  ? 2.520   4.361   0.955   1.00 9.14  ? 2652 C   A H42    1 
ATOM   238  H H5     . C   A 1 6  ? 1.435   3.553   4.263   1.00 7.98  ? 2652 C   A H5     1 
ATOM   239  H H6     . C   A 1 6  ? 0.732   5.146   5.815   1.00 8.50  ? 2652 C   A H6     1 
ATOM   240  P P      . U   A 1 7  ? -4.108  7.512   6.161   1.00 7.57  ? 2653 U   A P      1 
ATOM   241  O OP1    . U   A 1 7  ? -5.154  8.383   6.780   1.00 10.07 ? 2653 U   A OP1    1 
ATOM   242  O OP2    . U   A 1 7  ? -4.195  6.067   6.260   1.00 7.68  ? 2653 U   A OP2    1 
ATOM   243  O "O5'"  . U   A 1 7  ? -3.987  7.851   4.584   1.00 6.81  ? 2653 U   A "O5'"  1 
ATOM   244  C "C5'"  . U   A 1 7  ? -3.908  9.226   4.160   1.00 7.46  ? 2653 U   A "C5'"  1 
ATOM   245  C "C4'"  . U   A 1 7  ? -3.570  9.225   2.670   1.00 6.69  ? 2653 U   A "C4'"  1 
ATOM   246  O "O4'"  . U   A 1 7  ? -2.281  8.647   2.464   1.00 5.48  ? 2653 U   A "O4'"  1 
ATOM   247  C "C3'"  . U   A 1 7  ? -4.489  8.380   1.810   1.00 6.55  ? 2653 U   A "C3'"  1 
ATOM   248  O "O3'"  . U   A 1 7  ? -5.696  9.074   1.522   1.00 7.18  ? 2653 U   A "O3'"  1 
ATOM   249  C "C2'"  . U   A 1 7  ? -3.629  8.128   0.593   1.00 6.05  ? 2653 U   A "C2'"  1 
ATOM   250  O "O2'"  . U   A 1 7  ? -3.619  9.262   -0.259  1.00 7.45  ? 2653 U   A "O2'"  1 
ATOM   251  C "C1'"  . U   A 1 7  ? -2.243  8.000   1.223   1.00 6.37  ? 2653 U   A "C1'"  1 
ATOM   252  N N1     . U   A 1 7  ? -1.886  6.575   1.463   1.00 6.37  ? 2653 U   A N1     1 
ATOM   253  C C2     . U   A 1 7  ? -1.160  5.919   0.479   1.00 7.15  ? 2653 U   A C2     1 
ATOM   254  O O2     . U   A 1 7  ? -0.879  6.468   -0.544  1.00 8.25  ? 2653 U   A O2     1 
ATOM   255  N N3     . U   A 1 7  ? -0.842  4.609   0.766   1.00 6.90  ? 2653 U   A N3     1 
ATOM   256  C C4     . U   A 1 7  ? -1.170  3.916   1.889   1.00 6.81  ? 2653 U   A C4     1 
ATOM   257  O O4     . U   A 1 7  ? -0.879  2.723   1.973   1.00 8.01  ? 2653 U   A O4     1 
ATOM   258  C C5     . U   A 1 7  ? -1.966  4.653   2.840   1.00 6.54  ? 2653 U   A C5     1 
ATOM   259  C C6     . U   A 1 7  ? -2.236  5.963   2.635   1.00 6.74  ? 2653 U   A C6     1 
ATOM   260  H H3     . U   A 1 7  ? -0.364  4.113   0.069   1.00 8.28  ? 2653 U   A H3     1 
ATOM   261  H H5     . U   A 1 7  ? -2.212  4.236   3.691   1.00 7.85  ? 2653 U   A H5     1 
ATOM   262  H H6     . U   A 1 7  ? -2.759  6.458   3.299   1.00 8.09  ? 2653 U   A H6     1 
ATOM   263  P P      . A   A 1 8  ? -7.064  8.282   1.135   1.00 10.44 ? 2654 A   A P      1 
ATOM   264  O OP1    . A   A 1 8  ? -6.757  7.416   -0.061  1.00 10.56 ? 2654 A   A OP1    1 
ATOM   265  O OP2    . A   A 1 8  ? -8.113  9.381   1.071   1.00 9.95  ? 2654 A   A OP2    1 
ATOM   266  O "O5'"  . A   A 1 8  ? -7.254  7.347   2.386   1.00 8.34  ? 2654 A   A "O5'"  1 
ATOM   267  C "C5'"  . A   A 1 8  ? -8.475  6.610   2.547   1.00 8.44  ? 2654 A   A "C5'"  1 
ATOM   268  C "C4'"  . A   A 1 8  ? -8.255  5.244   3.095   1.00 8.09  ? 2654 A   A "C4'"  1 
ATOM   269  O "O4'"  . A   A 1 8  ? -7.596  4.447   2.079   1.00 6.87  ? 2654 A   A "O4'"  1 
ATOM   270  C "C3'"  . A   A 1 8  ? -7.348  5.176   4.322   1.00 10.02 ? 2654 A   A "C3'"  1 
ATOM   271  O "O3'"  A A   A 1 8  ? -7.755  4.076   5.156   0.90 12.21 ? 2654 A   A "O3'"  1 
ATOM   272  O "O3'"  B A   A 1 8  ? -7.721  4.091   5.157   0.10 12.18 ? 2654 A   A "O3'"  1 
ATOM   273  C "C2'"  . A   A 1 8  ? -6.008  4.843   3.706   1.00 7.67  ? 2654 A   A "C2'"  1 
ATOM   274  O "O2'"  . A   A 1 8  ? -5.103  4.172   4.565   1.00 9.42  ? 2654 A   A "O2'"  1 
ATOM   275  C "C1'"  . A   A 1 8  ? -6.441  3.898   2.610   1.00 7.33  ? 2654 A   A "C1'"  1 
ATOM   276  N N9     . A   A 1 8  ? -5.439  3.752   1.537   1.00 6.67  ? 2654 A   A N9     1 
ATOM   277  C C8     . A   A 1 8  ? -5.179  4.720   0.564   1.00 5.94  ? 2654 A   A C8     1 
ATOM   278  N N7     . A   A 1 8  ? -4.240  4.338   -0.280  1.00 6.57  ? 2654 A   A N7     1 
ATOM   279  C C5     . A   A 1 8  ? -3.945  3.035   0.140   1.00 6.68  ? 2654 A   A C5     1 
ATOM   280  C C6     . A   A 1 8  ? -3.004  2.143   -0.348  1.00 7.14  ? 2654 A   A C6     1 
ATOM   281  N N6     . A   A 1 8  ? -2.224  2.376   -1.445  1.00 8.09  ? 2654 A   A N6     1 
ATOM   282  N N1     . A   A 1 8  ? -2.889  0.943   0.257   1.00 7.79  ? 2654 A   A N1     1 
ATOM   283  C C2     . A   A 1 8  ? -3.652  0.700   1.290   1.00 8.81  ? 2654 A   A C2     1 
ATOM   284  N N3     . A   A 1 8  ? -4.585  1.503   1.875   1.00 8.33  ? 2654 A   A N3     1 
ATOM   285  C C4     . A   A 1 8  ? -4.660  2.667   1.236   1.00 6.92  ? 2654 A   A C4     1 
ATOM   286  H "H5'"  . A   A 1 8  ? -8.915  6.533   1.675   1.00 10.13 ? 2654 A   A "H5'"  1 
ATOM   287  H "H5''" . A   A 1 8  ? -9.064  7.104   3.156   1.00 10.13 ? 2654 A   A "H5''" 1 
ATOM   288  H "H4'"  . A   A 1 8  ? -9.121  4.839   3.312   1.00 9.70  ? 2654 A   A "H4'"  1 
ATOM   289  H "H3'"  A A   A 1 8  ? -7.326  6.025   4.811   0.90 12.03 ? 2654 A   A "H3'"  1 
ATOM   290  H "H3'"  B A   A 1 8  ? -7.325  6.026   4.809   0.10 12.03 ? 2654 A   A "H3'"  1 
ATOM   291  H "H2'"  . A   A 1 8  ? -5.594  5.645   3.325   1.00 9.21  ? 2654 A   A "H2'"  1 
ATOM   292  H "HO2'" . A   A 1 8  ? -4.823  4.786   5.275   1.00 11.31 ? 2654 A   A "HO2'" 1 
ATOM   293  H "H1'"  . A   A 1 8  ? -6.642  3.019   2.994   1.00 8.80  ? 2654 A   A "H1'"  1 
ATOM   294  H H8     . A   A 1 8  ? -5.607  5.601   0.541   1.00 7.12  ? 2654 A   A H8     1 
ATOM   295  H H61    . A   A 1 8  ? -1.610  1.683   -1.766  1.00 9.71  ? 2654 A   A H61    1 
ATOM   296  H H62    . A   A 1 8  ? -2.280  3.236   -1.911  1.00 9.71  ? 2654 A   A H62    1 
ATOM   297  H H2     . A   A 1 8  ? -3.533  -0.180  1.704   1.00 10.58 ? 2654 A   A H2     1 
ATOM   298  P P      . G   A 1 9  ? -8.811  4.238   6.319   1.00 13.80 ? 2655 G   A P      1 
ATOM   299  O OP1    . G   A 1 9  ? -9.853  5.173   5.866   1.00 18.48 ? 2655 G   A OP1    1 
ATOM   300  O OP2    . G   A 1 9  ? -8.117  4.509   7.591   1.00 16.26 ? 2655 G   A OP2    1 
ATOM   301  O "O5'"  . G   A 1 9  ? -9.341  2.707   6.412   1.00 15.35 ? 2655 G   A "O5'"  1 
ATOM   302  C "C5'"  . G   A 1 9  ? -10.432 2.204   5.746   1.00 14.12 ? 2655 G   A "C5'"  1 
ATOM   303  C "C4'"  . G   A 1 9  ? -10.124 1.780   4.346   1.00 11.88 ? 2655 G   A "C4'"  1 
ATOM   304  O "O4'"  . G   A 1 9  ? -9.194  0.600   4.300   1.00 11.23 ? 2655 G   A "O4'"  1 
ATOM   305  C "C3'"  . G   A 1 9  ? -11.373 1.316   3.679   1.00 10.72 ? 2655 G   A "C3'"  1 
ATOM   306  O "O3'"  . G   A 1 9  ? -11.215 1.492   2.303   1.00 9.68  ? 2655 G   A "O3'"  1 
ATOM   307  C "C2'"  . G   A 1 9  ? -11.366 -0.183  3.986   1.00 11.70 ? 2655 G   A "C2'"  1 
ATOM   308  O "O2'"  . G   A 1 9  ? -12.279 -0.960  3.222   1.00 13.77 ? 2655 G   A "O2'"  1 
ATOM   309  C "C1'"  . G   A 1 9  ? -9.908  -0.485  3.677   1.00 11.39 ? 2655 G   A "C1'"  1 
ATOM   310  N N9     . G   A 1 9  ? -9.402  -1.756  4.183   1.00 12.01 ? 2655 G   A N9     1 
ATOM   311  C C8     . G   A 1 9  ? -9.719  -2.565  5.242   1.00 14.10 ? 2655 G   A C8     1 
ATOM   312  N N7     . G   A 1 9  ? -8.944  -3.655  5.255   1.00 14.37 ? 2655 G   A N7     1 
ATOM   313  C C5     . G   A 1 9  ? -8.054  -3.606  4.200   1.00 13.65 ? 2655 G   A C5     1 
ATOM   314  C C6     . G   A 1 9  ? -6.944  -4.404  3.783   1.00 12.76 ? 2655 G   A C6     1 
ATOM   315  O O6     . G   A 1 9  ? -6.524  -5.505  4.188   1.00 15.17 ? 2655 G   A O6     1 
ATOM   316  N N1     . G   A 1 9  ? -6.301  -3.863  2.708   1.00 11.11 ? 2655 G   A N1     1 
ATOM   317  C C2     . G   A 1 9  ? -6.640  -2.704  2.092   1.00 11.19 ? 2655 G   A C2     1 
ATOM   318  N N2     . G   A 1 9  ? -5.913  -2.370  1.017   1.00 12.61 ? 2655 G   A N2     1 
ATOM   319  N N3     . G   A 1 9  ? -7.642  -1.900  2.513   1.00 12.07 ? 2655 G   A N3     1 
ATOM   320  C C4     . G   A 1 9  ? -8.327  -2.418  3.573   1.00 12.42 ? 2655 G   A C4     1 
ATOM   321  H "H5'"  . G   A 1 9  ? -11.129 2.893   5.719   1.00 16.95 ? 2655 G   A "H5'"  1 
ATOM   322  H "H5''" . G   A 1 9  ? -10.773 1.430   6.241   1.00 16.95 ? 2655 G   A "H5''" 1 
ATOM   323  H "H4'"  . G   A 1 9  ? -9.738  2.529   3.847   1.00 14.26 ? 2655 G   A "H4'"  1 
ATOM   324  H "H3'"  . G   A 1 9  ? -12.171 1.764   4.029   1.00 12.87 ? 2655 G   A "H3'"  1 
ATOM   325  H "H2'"  . G   A 1 9  ? -11.533 -0.323  4.941   1.00 14.04 ? 2655 G   A "H2'"  1 
ATOM   326  H "HO2'" . G   A 1 9  ? -12.458 -1.799  3.696   1.00 16.53 ? 2655 G   A "HO2'" 1 
ATOM   327  H "H1'"  . G   A 1 9  ? -9.768  -0.447  2.707   1.00 13.67 ? 2655 G   A "H1'"  1 
ATOM   328  H H8     . G   A 1 9  ? -10.476 -2.415  5.847   1.00 16.92 ? 2655 G   A H8     1 
ATOM   329  H H1     . G   A 1 9  ? -5.571  -4.384  2.313   1.00 13.33 ? 2655 G   A H1     1 
ATOM   330  H H21    . G   A 1 9  ? -5.073  -1.876  1.126   1.00 15.13 ? 2655 G   A H21    1 
ATOM   331  P P      . U   A 1 10 ? -12.444 1.334   1.274   1.00 10.11 ? 2656 U   A P      1 
ATOM   332  O OP1    . U   A 1 10 ? -13.697 1.547   1.981   1.00 10.84 ? 2656 U   A OP1    1 
ATOM   333  O OP2    . U   A 1 10 ? -12.265 0.054   0.502   1.00 10.96 ? 2656 U   A OP2    1 
ATOM   334  O "O5'"  . U   A 1 10 ? -12.123 2.498   0.288   1.00 10.35 ? 2656 U   A "O5'"  1 
ATOM   335  C "C5'"  . U   A 1 10 ? -12.274 3.859   0.663   1.00 8.83  ? 2656 U   A "C5'"  1 
ATOM   336  C "C4'"  . U   A 1 10 ? -11.367 4.725   -0.140  1.00 9.68  ? 2656 U   A "C4'"  1 
ATOM   337  O "O4'"  . U   A 1 10 ? -10.039 4.612   0.370   1.00 10.05 ? 2656 U   A "O4'"  1 
ATOM   338  C "C3'"  . U   A 1 10 ? -11.255 4.326   -1.613  1.00 8.21  ? 2656 U   A "C3'"  1 
ATOM   339  O "O3'"  . U   A 1 10 ? -12.296 4.941   -2.355  1.00 9.51  ? 2656 U   A "O3'"  1 
ATOM   340  C "C2'"  . U   A 1 10 ? -9.889  4.812   -2.003  1.00 8.72  ? 2656 U   A "C2'"  1 
ATOM   341  O "O2'"  . U   A 1 10 ? -9.951  6.209   -2.260  1.00 11.05 ? 2656 U   A "O2'"  1 
ATOM   342  C "C1'"  . U   A 1 10 ? -9.104  4.589   -0.709  1.00 9.68  ? 2656 U   A "C1'"  1 
ATOM   343  N N1     . U   A 1 10 ? -8.443  3.239   -0.699  1.00 8.92  ? 2656 U   A N1     1 
ATOM   344  C C2     . U   A 1 10 ? -7.374  3.066   -1.553  1.00 9.12  ? 2656 U   A C2     1 
ATOM   345  O O2     . U   A 1 10 ? -7.101  3.884   -2.406  1.00 9.23  ? 2656 U   A O2     1 
ATOM   346  N N3     . U   A 1 10 ? -6.705  1.898   -1.445  1.00 8.64  ? 2656 U   A N3     1 
ATOM   347  C C4     . U   A 1 10 ? -6.993  0.916   -0.513  1.00 9.11  ? 2656 U   A C4     1 
ATOM   348  O O4     . U   A 1 10 ? -6.324  -0.102  -0.527  1.00 10.17 ? 2656 U   A O4     1 
ATOM   349  C C5     . U   A 1 10 ? -8.029  1.202   0.431   1.00 9.04  ? 2656 U   A C5     1 
ATOM   350  C C6     . U   A 1 10 ? -8.679  2.340   0.300   1.00 8.32  ? 2656 U   A C6     1 
ATOM   351  H H3     . U   A 1 10 ? -5.996  1.714   -2.096  1.00 10.37 ? 2656 U   A H3     1 
ATOM   352  H H5     . U   A 1 10 ? -8.290  0.544   1.110   1.00 10.85 ? 2656 U   A H5     1 
ATOM   353  H H6     . U   A 1 10 ? -9.404  2.532   0.932   1.00 9.99  ? 2656 U   A H6     1 
ATOM   354  P P      . A   A 1 11 ? -13.001 4.208   -3.588  1.00 10.40 ? 2657 A   A P      1 
ATOM   355  O OP1    . A   A 1 11 ? -13.986 5.192   -4.151  1.00 11.23 ? 2657 A   A OP1    1 
ATOM   356  O OP2    . A   A 1 11 ? -13.509 2.903   -3.137  1.00 9.71  ? 2657 A   A OP2    1 
ATOM   357  O "O5'"  . A   A 1 11 ? -11.850 3.940   -4.623  1.00 8.97  ? 2657 A   A "O5'"  1 
ATOM   358  C "C5'"  . A   A 1 11 ? -11.353 5.003   -5.374  1.00 8.77  ? 2657 A   A "C5'"  1 
ATOM   359  C "C4'"  . A   A 1 11 ? -10.288 4.529   -6.327  1.00 8.43  ? 2657 A   A "C4'"  1 
ATOM   360  O "O4'"  . A   A 1 11 ? -9.165  4.007   -5.596  1.00 9.24  ? 2657 A   A "O4'"  1 
ATOM   361  C "C3'"  . A   A 1 11 ? -10.656 3.364   -7.224  1.00 8.14  ? 2657 A   A "C3'"  1 
ATOM   362  O "O3'"  . A   A 1 11 ? -11.459 3.760   -8.330  1.00 8.98  ? 2657 A   A "O3'"  1 
ATOM   363  C "C2'"  . A   A 1 11 ? -9.295  2.801   -7.619  1.00 9.29  ? 2657 A   A "C2'"  1 
ATOM   364  O "O2'"  . A   A 1 11 ? -8.694  3.627   -8.614  1.00 11.96 ? 2657 A   A "O2'"  1 
ATOM   365  C "C1'"  . A   A 1 11 ? -8.531  2.972   -6.338  1.00 9.39  ? 2657 A   A "C1'"  1 
ATOM   366  N N9     . A   A 1 11 ? -8.506  1.735   -5.542  1.00 7.57  ? 2657 A   A N9     1 
ATOM   367  C C8     . A   A 1 11 ? -9.091  1.507   -4.322  1.00 7.16  ? 2657 A   A C8     1 
ATOM   368  N N7     . A   A 1 11 ? -8.772  0.343   -3.804  1.00 7.55  ? 2657 A   A N7     1 
ATOM   369  C C5     . A   A 1 11 ? -7.966  -0.230  -4.770  1.00 6.71  ? 2657 A   A C5     1 
ATOM   370  C C6     . A   A 1 11 ? -7.298  -1.472  -4.846  1.00 6.85  ? 2657 A   A C6     1 
ATOM   371  N N6     . A   A 1 11 ? -7.322  -2.371  -3.874  1.00 7.69  ? 2657 A   A N6     1 
ATOM   372  N N1     . A   A 1 11 ? -6.540  -1.692  -5.952  1.00 7.80  ? 2657 A   A N1     1 
ATOM   373  C C2     . A   A 1 11 ? -6.519  -0.762  -6.934  1.00 7.74  ? 2657 A   A C2     1 
ATOM   374  N N3     . A   A 1 11 ? -7.075  0.424   -6.954  1.00 7.84  ? 2657 A   A N3     1 
ATOM   375  C C4     . A   A 1 11 ? -7.801  0.597   -5.828  1.00 7.67  ? 2657 A   A C4     1 
ATOM   376  H "H5'"  . A   A 1 11 ? -10.970 5.672   -4.769  1.00 10.52 ? 2657 A   A "H5'"  1 
ATOM   377  H "H5''" . A   A 1 11 ? -12.085 5.409   -5.883  1.00 10.52 ? 2657 A   A "H5''" 1 
ATOM   378  H "H4'"  . A   A 1 11 ? -9.991  5.282   -6.880  1.00 10.12 ? 2657 A   A "H4'"  1 
ATOM   379  H "H3'"  . A   A 1 11 ? -11.141 2.695   -6.699  1.00 9.77  ? 2657 A   A "H3'"  1 
ATOM   380  H "H2'"  . A   A 1 11 ? -9.349  1.862   -7.894  1.00 11.14 ? 2657 A   A "H2'"  1 
ATOM   381  H "HO2'" . A   A 1 11 ? -9.186  3.523   -9.454  1.00 14.35 ? 2657 A   A "HO2'" 1 
ATOM   382  H "H1'"  . A   A 1 11 ? -7.612  3.242   -6.545  1.00 11.26 ? 2657 A   A "H1'"  1 
ATOM   383  H H8     . A   A 1 11 ? -9.633  2.175   -3.852  1.00 8.59  ? 2657 A   A H8     1 
ATOM   384  H H61    . A   A 1 11 ? -6.795  -3.193  -3.952  1.00 9.23  ? 2657 A   A H61    1 
ATOM   385  H H62    . A   A 1 11 ? -7.869  -2.214  -3.076  1.00 9.23  ? 2657 A   A H62    1 
ATOM   386  H H2     . A   A 1 11 ? -5.950  -0.974  -7.703  1.00 9.29  ? 2657 A   A H2     1 
ATOM   387  P P      . C   A 1 12 ? -12.635 2.853   -8.829  1.00 10.28 ? 2658 C   A P      1 
ATOM   388  O OP1    . C   A 1 12 ? -13.102 3.429   -10.072 1.00 11.70 ? 2658 C   A OP1    1 
ATOM   389  O OP2    . C   A 1 12 ? -13.584 2.642   -7.715  1.00 11.26 ? 2658 C   A OP2    1 
ATOM   390  O "O5'"  . C   A 1 12 ? -11.967 1.429   -9.095  1.00 8.87  ? 2658 C   A "O5'"  1 
ATOM   391  C "C5'"  . C   A 1 12 ? -11.052 1.212   -10.157 1.00 8.01  ? 2658 C   A "C5'"  1 
ATOM   392  C "C4'"  . C   A 1 12 ? -10.448 -0.132  -10.026 1.00 8.29  ? 2658 C   A "C4'"  1 
ATOM   393  O "O4'"  . C   A 1 12 ? -9.693  -0.243  -8.786  1.00 7.72  ? 2658 C   A "O4'"  1 
ATOM   394  C "C3'"  . C   A 1 12 ? -11.407 -1.293  -9.970  1.00 7.77  ? 2658 C   A "C3'"  1 
ATOM   395  O "O3'"  . C   A 1 12 ? -11.929 -1.601  -11.254 1.00 7.93  ? 2658 C   A "O3'"  1 
ATOM   396  C "C2'"  . C   A 1 12 ? -10.528 -2.388  -9.347  1.00 7.64  ? 2658 C   A "C2'"  1 
ATOM   397  O "O2'"  . C   A 1 12 ? -9.659  -2.940  -10.300 1.00 8.74  ? 2658 C   A "O2'"  1 
ATOM   398  C "C1'"  . C   A 1 12 ? -9.729  -1.585  -8.319  1.00 6.96  ? 2658 C   A "C1'"  1 
ATOM   399  N N1     . C   A 1 12 ? -10.395 -1.600  -6.989  1.00 6.36  ? 2658 C   A N1     1 
ATOM   400  C C2     . C   A 1 12 ? -10.189 -2.728  -6.218  1.00 6.85  ? 2658 C   A C2     1 
ATOM   401  O O2     . C   A 1 12 ? -9.527  -3.652  -6.664  1.00 7.92  ? 2658 C   A O2     1 
ATOM   402  N N3     . C   A 1 12 ? -10.811 -2.768  -4.995  1.00 7.01  ? 2658 C   A N3     1 
ATOM   403  C C4     . C   A 1 12 ? -11.593 -1.792  -4.590  1.00 7.19  ? 2658 C   A C4     1 
ATOM   404  N N4     . C   A 1 12 ? -12.180 -1.965  -3.400  1.00 8.75  ? 2658 C   A N4     1 
ATOM   405  C C5     . C   A 1 12 ? -11.772 -0.623  -5.351  1.00 7.05  ? 2658 C   A C5     1 
ATOM   406  C C6     . C   A 1 12 ? -11.166 -0.582  -6.544  1.00 7.55  ? 2658 C   A C6     1 
ATOM   407  H "H5'"  . C   A 1 12 ? -10.346 1.892   -10.123 1.00 9.61  ? 2658 C   A "H5'"  1 
ATOM   408  H "H5''" . C   A 1 12 ? -11.525 1.275   -11.013 1.00 9.61  ? 2658 C   A "H5''" 1 
ATOM   409  H "H4'"  . C   A 1 12 ? -9.834  -0.271  -10.777 1.00 9.95  ? 2658 C   A "H4'"  1 
ATOM   410  H "H3'"  . C   A 1 12 ? -12.143 -1.078  -9.360  1.00 9.33  ? 2658 C   A "H3'"  1 
ATOM   411  H "H2'"  . C   A 1 12 ? -11.073 -3.079  -8.915  1.00 9.17  ? 2658 C   A "H2'"  1 
ATOM   412  H "HO2'" . C   A 1 12 ? -8.740  -2.680  -10.081 1.00 10.49 ? 2658 C   A "HO2'" 1 
ATOM   413  H "H1'"  . C   A 1 12 ? -8.818  -1.940  -8.245  1.00 8.35  ? 2658 C   A "H1'"  1 
ATOM   414  H H41    . C   A 1 12 ? -12.775 -1.273  -3.042  1.00 10.50 ? 2658 C   A H41    1 
ATOM   415  H H42    . C   A 1 12 ? -12.014 -2.782  -2.885  1.00 10.50 ? 2658 C   A H42    1 
ATOM   416  H H5     . C   A 1 12 ? -12.341 0.110   -5.038  1.00 8.46  ? 2658 C   A H5     1 
ATOM   417  H H6     . C   A 1 12 ? -11.283 0.210   -7.110  1.00 9.06  ? 2658 C   A H6     1 
ATOM   418  P P      . G   A 1 13 ? -13.405 -2.128  -11.411 1.00 9.24  ? 2659 G   A P      1 
ATOM   419  O OP1    . G   A 1 13 ? -13.604 -2.352  -12.876 1.00 9.74  ? 2659 G   A OP1    1 
ATOM   420  O OP2    . G   A 1 13 ? -14.328 -1.218  -10.670 1.00 9.41  ? 2659 G   A OP2    1 
ATOM   421  O "O5'"  . G   A 1 13 ? -13.365 -3.525  -10.610 1.00 9.66  ? 2659 G   A "O5'"  1 
ATOM   422  C "C5'"  . G   A 1 13 ? -12.724 -4.653  -11.136 1.00 9.47  ? 2659 G   A "C5'"  1 
ATOM   423  C "C4'"  . G   A 1 13 ? -12.825 -5.821  -10.165 1.00 8.22  ? 2659 G   A "C4'"  1 
ATOM   424  O "O4'"  . G   A 1 13 ? -12.133 -5.446  -8.953  1.00 8.89  ? 2659 G   A "O4'"  1 
ATOM   425  C "C3'"  . G   A 1 13 ? -14.196 -6.131  -9.682  1.00 8.88  ? 2659 G   A "C3'"  1 
ATOM   426  O "O3'"  . G   A 1 13 ? -14.904 -6.871  -10.645 1.00 9.25  ? 2659 G   A "O3'"  1 
ATOM   427  C "C2'"  . G   A 1 13 ? -13.947 -6.889  -8.373  1.00 8.61  ? 2659 G   A "C2'"  1 
ATOM   428  O "O2'"  . G   A 1 13 ? -13.595 -8.208  -8.643  1.00 9.02  ? 2659 G   A "O2'"  1 
ATOM   429  C "C1'"  . G   A 1 13 ? -12.722 -6.119  -7.818  1.00 8.22  ? 2659 G   A "C1'"  1 
ATOM   430  N N9     . G   A 1 13 ? -13.154 -5.072  -6.879  1.00 8.35  ? 2659 G   A N9     1 
ATOM   431  C C8     . G   A 1 13 ? -13.464 -3.772  -7.089  1.00 8.41  ? 2659 G   A C8     1 
ATOM   432  N N7     . G   A 1 13 ? -14.028 -3.230  -6.036  1.00 9.47  ? 2659 G   A N7     1 
ATOM   433  C C5     . G   A 1 13 ? -14.141 -4.236  -5.111  1.00 8.37  ? 2659 G   A C5     1 
ATOM   434  C C6     . G   A 1 13 ? -14.769 -4.306  -3.828  1.00 8.83  ? 2659 G   A C6     1 
ATOM   435  O O6     . G   A 1 13 ? -15.340 -3.406  -3.233  1.00 9.97  ? 2659 G   A O6     1 
ATOM   436  N N1     . G   A 1 13 ? -14.680 -5.596  -3.337  1.00 8.00  ? 2659 G   A N1     1 
ATOM   437  C C2     . G   A 1 13 ? -14.096 -6.641  -3.899  1.00 8.03  ? 2659 G   A C2     1 
ATOM   438  N N2     . G   A 1 13 ? -14.148 -7.811  -3.257  1.00 8.18  ? 2659 G   A N2     1 
ATOM   439  N N3     . G   A 1 13 ? -13.518 -6.594  -5.094  1.00 7.96  ? 2659 G   A N3     1 
ATOM   440  C C4     . G   A 1 13 ? -13.601 -5.401  -5.642  1.00 7.85  ? 2659 G   A C4     1 
ATOM   441  H "H5'"  . G   A 1 13 ? -11.780 -4.444  -11.296 1.00 11.36 ? 2659 G   A "H5'"  1 
ATOM   442  H "H5''" . G   A 1 13 ? -13.148 -4.899  -11.985 1.00 11.36 ? 2659 G   A "H5''" 1 
ATOM   443  H "H4'"  . G   A 1 13 ? -12.414 -6.621  -10.553 1.00 9.87  ? 2659 G   A "H4'"  1 
ATOM   444  H "H3'"  . G   A 1 13 ? -14.674 -5.297  -9.492  1.00 10.65 ? 2659 G   A "H3'"  1 
ATOM   445  H "H2'"  . G   A 1 13 ? -14.715 -6.830  -7.769  1.00 10.33 ? 2659 G   A "H2'"  1 
ATOM   446  H "HO2'" . G   A 1 13 ? -13.129 -8.580  -7.865  1.00 10.83 ? 2659 G   A "HO2'" 1 
ATOM   447  H "H1'"  . G   A 1 13 ? -12.080 -6.728  -7.398  1.00 9.86  ? 2659 G   A "H1'"  1 
ATOM   448  H H8     . G   A 1 13 ? -13.228 -3.276  -7.901  1.00 10.09 ? 2659 G   A H8     1 
ATOM   449  H H1     . G   A 1 13 ? -15.009 -5.728  -2.425  1.00 9.60  ? 2659 G   A H1     1 
ATOM   450  H H21    . G   A 1 13 ? -14.090 -8.649  -3.760  1.00 9.81  ? 2659 G   A H21    1 
ATOM   451  P P      . A   A 1 14 ? -16.416 -6.453  -11.030 1.00 11.13 ? 2660 A   A P      1 
ATOM   452  O OP1    . A   A 1 14 ? -16.934 -7.459  -11.969 1.00 12.48 ? 2660 A   A OP1    1 
ATOM   453  O OP2    . A   A 1 14 ? -16.450 -5.033  -11.451 1.00 12.20 ? 2660 A   A OP2    1 
ATOM   454  O "O5'"  . A   A 1 14 ? -17.138 -6.604  -9.622  1.00 10.51 ? 2660 A   A "O5'"  1 
ATOM   455  C "C5'"  . A   A 1 14 ? -18.443 -6.082  -9.443  1.00 11.84 ? 2660 A   A "C5'"  1 
ATOM   456  C "C4'"  . A   A 1 14 ? -19.344 -7.072  -8.777  1.00 11.50 ? 2660 A   A "C4'"  1 
ATOM   457  O "O4'"  . A   A 1 14 ? -19.444 -8.230  -9.600  1.00 11.09 ? 2660 A   A "O4'"  1 
ATOM   458  C "C3'"  . A   A 1 14 ? -18.902 -7.631  -7.430  1.00 11.06 ? 2660 A   A "C3'"  1 
ATOM   459  O "O3'"  . A   A 1 14 ? -19.180 -6.745  -6.348  1.00 11.21 ? 2660 A   A "O3'"  1 
ATOM   460  C "C2'"  . A   A 1 14 ? -19.695 -8.922  -7.368  1.00 10.79 ? 2660 A   A "C2'"  1 
ATOM   461  O "O2'"  . A   A 1 14 ? -21.082 -8.665  -7.101  1.00 11.80 ? 2660 A   A "O2'"  1 
ATOM   462  C "C1'"  . A   A 1 14 ? -19.594 -9.375  -8.805  1.00 12.02 ? 2660 A   A "C1'"  1 
ATOM   463  N N9     . A   A 1 14 ? -18.468 -10.278 -9.057  1.00 11.56 ? 2660 A   A N9     1 
ATOM   464  C C8     . A   A 1 14 ? -17.316 -10.094 -9.782  1.00 12.46 ? 2660 A   A C8     1 
ATOM   465  N N7     . A   A 1 14 ? -16.541 -11.107 -9.873  1.00 12.92 ? 2660 A   A N7     1 
ATOM   466  C C5     . A   A 1 14 ? -17.255 -12.098 -9.197  1.00 13.26 ? 2660 A   A C5     1 
ATOM   467  C C6     . A   A 1 14 ? -16.991 -13.435 -9.008  1.00 12.89 ? 2660 A   A C6     1 
ATOM   468  N N6     . A   A 1 14 ? -15.932 -14.097 -9.431  1.00 13.52 ? 2660 A   A N6     1 
ATOM   469  N N1     . A   A 1 14 ? -17.839 -14.125 -8.247  1.00 12.68 ? 2660 A   A N1     1 
ATOM   470  C C2     . A   A 1 14 ? -18.944 -13.514 -7.849  1.00 12.71 ? 2660 A   A C2     1 
ATOM   471  N N3     . A   A 1 14 ? -19.293 -12.254 -7.963  1.00 12.30 ? 2660 A   A N3     1 
ATOM   472  C C4     . A   A 1 14 ? -18.410 -11.594 -8.681  1.00 12.02 ? 2660 A   A C4     1 
ATOM   473  H "H5'"  . A   A 1 14 ? -18.816 -5.847  -10.319 1.00 14.20 ? 2660 A   A "H5'"  1 
ATOM   474  H "H5''" . A   A 1 14 ? -18.391 -5.274  -8.891  1.00 14.20 ? 2660 A   A "H5''" 1 
ATOM   475  H "H4'"  . A   A 1 14 ? -20.234 -6.674  -8.679  1.00 13.81 ? 2660 A   A "H4'"  1 
ATOM   476  H "H3'"  . A   A 1 14 ? -17.944 -7.834  -7.455  1.00 13.27 ? 2660 A   A "H3'"  1 
ATOM   477  H "H2'"  . A   A 1 14 ? -19.305 -9.571  -6.746  1.00 12.95 ? 2660 A   A "H2'"  1 
ATOM   478  H "HO2'" . A   A 1 14 ? -21.179 -8.368  -6.171  1.00 14.16 ? 2660 A   A "HO2'" 1 
ATOM   479  H "H1'"  . A   A 1 14 ? -20.427 -9.829  -9.054  1.00 14.42 ? 2660 A   A "H1'"  1 
ATOM   480  H H8     . A   A 1 14 ? -17.087 -9.229  -10.181 1.00 14.95 ? 2660 A   A H8     1 
ATOM   481  H H61    . A   A 1 14 ? -15.808 -15.036 -9.182  1.00 16.22 ? 2660 A   A H61    1 
ATOM   482  H H62    . A   A 1 14 ? -15.267 -13.649 -9.995  1.00 16.22 ? 2660 A   A H62    1 
ATOM   483  H H2     . A   A 1 14 ? -19.554 -14.066 -7.317  1.00 15.25 ? 2660 A   A H2     1 
ATOM   484  P P      . G   A 1 15 ? -18.034 -6.147  -5.406  1.00 10.50 ? 2661 G   A P      1 
ATOM   485  O OP1    . G   A 1 15 ? -18.642 -5.035  -4.643  1.00 10.50 ? 2661 G   A OP1    1 
ATOM   486  O OP2    . G   A 1 15 ? -16.839 -5.865  -6.222  1.00 10.88 ? 2661 G   A OP2    1 
ATOM   487  O "O5'"  . G   A 1 15 ? -17.672 -7.335  -4.400  1.00 9.84  ? 2661 G   A "O5'"  1 
ATOM   488  C "C5'"  . G   A 1 15 ? -18.654 -7.881  -3.541  1.00 9.85  ? 2661 G   A "C5'"  1 
ATOM   489  C "C4'"  . G   A 1 15 ? -18.502 -9.370  -3.401  1.00 8.66  ? 2661 G   A "C4'"  1 
ATOM   490  O "O4'"  . G   A 1 15 ? -18.449 -9.973  -4.699  1.00 9.18  ? 2661 G   A "O4'"  1 
ATOM   491  C "C3'"  . G   A 1 15 ? -17.262 -9.884  -2.684  1.00 8.07  ? 2661 G   A "C3'"  1 
ATOM   492  O "O3'"  . G   A 1 15 ? -17.441 -9.806  -1.264  1.00 8.42  ? 2661 G   A "O3'"  1 
ATOM   493  C "C2'"  . G   A 1 15 ? -17.177 -11.307 -3.202  1.00 8.07  ? 2661 G   A "C2'"  1 
ATOM   494  O "O2'"  . G   A 1 15 ? -18.178 -12.094 -2.587  1.00 9.29  ? 2661 G   A "O2'"  1 
ATOM   495  C "C1'"  . G   A 1 15 ? -17.568 -11.089 -4.652  1.00 8.15  ? 2661 G   A "C1'"  1 
ATOM   496  N N9     . G   A 1 15 ? -16.411 -10.824 -5.527  1.00 6.88  ? 2661 G   A N9     1 
ATOM   497  C C8     . G   A 1 15 ? -16.029 -9.576  -6.067  1.00 7.81  ? 2661 G   A C8     1 
ATOM   498  N N7     . G   A 1 15 ? -14.993 -9.757  -6.875  1.00 7.36  ? 2661 G   A N7     1 
ATOM   499  C C5     . G   A 1 15 ? -14.719 -11.120 -6.878  1.00 7.07  ? 2661 G   A C5     1 
ATOM   500  C C6     . G   A 1 15 ? -13.742 -11.850 -7.558  1.00 7.06  ? 2661 G   A C6     1 
ATOM   501  O O6     . G   A 1 15 ? -12.965 -11.492 -8.418  1.00 8.43  ? 2661 G   A O6     1 
ATOM   502  N N1     . G   A 1 15 ? -13.839 -13.193 -7.221  1.00 7.10  ? 2661 G   A N1     1 
ATOM   503  C C2     . G   A 1 15 ? -14.719 -13.755 -6.366  1.00 7.74  ? 2661 G   A C2     1 
ATOM   504  N N2     . G   A 1 15 ? -14.639 -15.075 -6.191  1.00 8.67  ? 2661 G   A N2     1 
ATOM   505  N N3     . G   A 1 15 ? -15.664 -13.082 -5.743  1.00 6.77  ? 2661 G   A N3     1 
ATOM   506  C C4     . G   A 1 15 ? -15.596 -11.777 -6.061  1.00 7.05  ? 2661 G   A C4     1 
ATOM   507  H "H5'"  . G   A 1 15 ? -19.543 -7.683  -3.904  1.00 11.83 ? 2661 G   A "H5'"  1 
ATOM   508  H "H5''" . G   A 1 15 ? -18.572 -7.465  -2.657  1.00 11.83 ? 2661 G   A "H5''" 1 
ATOM   509  H "H4'"  . G   A 1 15 ? -19.291 -9.715  -2.934  1.00 10.39 ? 2661 G   A "H4'"  1 
ATOM   510  H "H3'"  . G   A 1 15 ? -16.472 -9.373  -2.959  1.00 9.68  ? 2661 G   A "H3'"  1 
ATOM   511  H "H2'"  . G   A 1 15 ? -16.280 -11.688 -3.109  1.00 9.68  ? 2661 G   A "H2'"  1 
ATOM   512  H "HO2'" . G   A 1 15 ? -18.721 -12.520 -3.282  1.00 11.15 ? 2661 G   A "HO2'" 1 
ATOM   513  H "H1'"  . G   A 1 15 ? -18.040 -11.883 -4.978  1.00 9.78  ? 2661 G   A "H1'"  1 
ATOM   514  H H8     . G   A 1 15 ? -16.480 -8.723  -5.901  1.00 9.37  ? 2661 G   A H8     1 
ATOM   515  H H1     . G   A 1 15 ? -13.201 -13.799 -7.652  1.00 8.51  ? 2661 G   A H1     1 
ATOM   516  H H21    . G   A 1 15 ? -14.623 -15.449 -5.286  1.00 10.40 ? 2661 G   A H21    1 
ATOM   517  P P      . A   A 1 16 ? -16.176 -9.703  -0.309  1.00 8.64  ? 2662 A   A P      1 
ATOM   518  O OP1    . A   A 1 16 ? -16.724 -9.778  1.069   1.00 8.63  ? 2662 A   A OP1    1 
ATOM   519  O OP2    . A   A 1 16 ? -15.339 -8.530  -0.673  1.00 9.22  ? 2662 A   A OP2    1 
ATOM   520  O "O5'"  . A   A 1 16 ? -15.356 -11.018 -0.635  1.00 7.91  ? 2662 A   A "O5'"  1 
ATOM   521  C "C5'"  . A   A 1 16 ? -15.780 -12.282 -0.226  1.00 8.02  ? 2662 A   A "C5'"  1 
ATOM   522  C "C4'"  . A   A 1 16 ? -14.789 -13.320 -0.640  1.00 7.28  ? 2662 A   A "C4'"  1 
ATOM   523  O "O4'"  . A   A 1 16 ? -14.749 -13.437 -2.080  1.00 6.55  ? 2662 A   A "O4'"  1 
ATOM   524  C "C3'"  . A   A 1 16 ? -13.355 -13.021 -0.278  1.00 6.88  ? 2662 A   A "C3'"  1 
ATOM   525  O "O3'"  . A   A 1 16 ? -13.078 -13.391 1.042   1.00 9.24  ? 2662 A   A "O3'"  1 
ATOM   526  C "C2'"  . A   A 1 16 ? -12.565 -13.787 -1.311  1.00 7.84  ? 2662 A   A "C2'"  1 
ATOM   527  O "O2'"  . A   A 1 16 ? -12.449 -15.161 -0.958  1.00 7.79  ? 2662 A   A "O2'"  1 
ATOM   528  C "C1'"  . A   A 1 16 ? -13.440 -13.651 -2.529  1.00 7.21  ? 2662 A   A "C1'"  1 
ATOM   529  N N9     . A   A 1 16 ? -13.023 -12.500 -3.349  1.00 7.24  ? 2662 A   A N9     1 
ATOM   530  C C8     . A   A 1 16 ? -13.376 -11.184 -3.178  1.00 8.17  ? 2662 A   A C8     1 
ATOM   531  N N7     . A   A 1 16 ? -12.791 -10.351 -4.004  1.00 7.53  ? 2662 A   A N7     1 
ATOM   532  C C5     . A   A 1 16 ? -11.978 -11.220 -4.754  1.00 7.27  ? 2662 A   A C5     1 
ATOM   533  C C6     . A   A 1 16 ? -11.125 -10.954 -5.806  1.00 8.96  ? 2662 A   A C6     1 
ATOM   534  N N6     . A   A 1 16 ? -10.909 -9.693  -6.225  1.00 10.86 ? 2662 A   A N6     1 
ATOM   535  N N1     . A   A 1 16 ? -10.413 -11.954 -6.359  1.00 8.66  ? 2662 A   A N1     1 
ATOM   536  C C2     . A   A 1 16 ? -10.677 -13.190 -5.934  1.00 8.70  ? 2662 A   A C2     1 
ATOM   537  N N3     . A   A 1 16 ? -11.516 -13.568 -4.931  1.00 8.23  ? 2662 A   A N3     1 
ATOM   538  C C4     . A   A 1 16 ? -12.128 -12.537 -4.405  1.00 7.47  ? 2662 A   A C4     1 
ATOM   539  H "H5'"  . A   A 1 16 ? -16.648 -12.481 -0.637  1.00 9.62  ? 2662 A   A "H5'"  1 
ATOM   540  H "H5''" . A   A 1 16 ? -15.873 -12.294 0.749   1.00 9.62  ? 2662 A   A "H5''" 1 
ATOM   541  H "H4'"  . A   A 1 16 ? -15.046 -14.184 -0.254  1.00 8.74  ? 2662 A   A "H4'"  1 
ATOM   542  H "H3'"  . A   A 1 16 ? -13.188 -12.061 -0.388  1.00 8.25  ? 2662 A   A "H3'"  1 
ATOM   543  H "H2'"  . A   A 1 16 ? -11.686 -13.379 -1.460  1.00 9.41  ? 2662 A   A "H2'"  1 
ATOM   544  H "HO2'" . A   A 1 16 ? -11.878 -15.240 -0.165  1.00 9.35  ? 2662 A   A "HO2'" 1 
ATOM   545  H "H1'"  . A   A 1 16 ? -13.400 -14.473 -3.062  1.00 8.65  ? 2662 A   A "H1'"  1 
ATOM   546  H H8     . A   A 1 16 ? -14.002 -10.889 -2.484  1.00 9.81  ? 2662 A   A H8     1 
ATOM   547  H H61    . A   A 1 16 ? -10.243 -9.514  -6.921  1.00 13.04 ? 2662 A   A H61    1 
ATOM   548  H H62    . A   A 1 16 ? -11.419 -8.953  -5.832  1.00 13.04 ? 2662 A   A H62    1 
ATOM   549  H H2     . A   A 1 16 ? -10.169 -13.909 -6.364  1.00 10.44 ? 2662 A   A H2     1 
ATOM   550  P P      . G   A 1 17 ? -12.154 -12.456 1.974   1.00 10.07 ? 2663 G   A P      1 
ATOM   551  O OP1    . G   A 1 17 ? -12.125 -13.088 3.301   1.00 12.85 ? 2663 G   A OP1    1 
ATOM   552  O OP2    . G   A 1 17 ? -12.607 -11.038 1.919   1.00 10.46 ? 2663 G   A OP2    1 
ATOM   553  O "O5'"  . G   A 1 17 ? -10.768 -12.635 1.240   1.00 9.53  ? 2663 G   A "O5'"  1 
ATOM   554  C "C5'"  . G   A 1 17 ? -9.873  -11.552 1.181   1.00 10.08 ? 2663 G   A "C5'"  1 
ATOM   555  C "C4'"  . G   A 1 17 ? -9.313  -11.368 -0.185  1.00 9.41  ? 2663 G   A "C4'"  1 
ATOM   556  O "O4'"  . G   A 1 17 ? -10.402 -11.057 -1.114  1.00 9.14  ? 2663 G   A "O4'"  1 
ATOM   557  C "C3'"  . G   A 1 17 ? -8.373  -10.190 -0.300  1.00 8.58  ? 2663 G   A "C3'"  1 
ATOM   558  O "O3'"  . G   A 1 17 ? -7.061  -10.511 0.144   1.00 9.10  ? 2663 G   A "O3'"  1 
ATOM   559  C "C2'"  . G   A 1 17 ? -8.472  -9.845  -1.775  1.00 9.33  ? 2663 G   A "C2'"  1 
ATOM   560  O "O2'"  . G   A 1 17 ? -7.725  -10.766 -2.518  1.00 9.92  ? 2663 G   A "O2'"  1 
ATOM   561  C "C1'"  . G   A 1 17 ? -9.988  -10.047 -2.020  1.00 9.34  ? 2663 G   A "C1'"  1 
ATOM   562  N N9     . G   A 1 17 ? -10.741 -8.821  -1.741  1.00 9.83  ? 2663 G   A N9     1 
ATOM   563  C C8     . G   A 1 17 ? -11.439 -8.449  -0.650  1.00 9.82  ? 2663 G   A C8     1 
ATOM   564  N N7     . G   A 1 17 ? -11.841 -7.193  -0.640  1.00 10.10 ? 2663 G   A N7     1 
ATOM   565  C C5     . G   A 1 17 ? -11.316 -6.708  -1.814  1.00 8.63  ? 2663 G   A C5     1 
ATOM   566  C C6     . G   A 1 17 ? -11.387 -5.405  -2.366  1.00 7.81  ? 2663 G   A C6     1 
ATOM   567  O O6     . G   A 1 17 ? -11.960 -4.399  -1.927  1.00 7.44  ? 2663 G   A O6     1 
ATOM   568  N N1     . G   A 1 17 ? -10.687 -5.372  -3.589  1.00 8.25  ? 2663 G   A N1     1 
ATOM   569  C C2     . G   A 1 17 ? -10.074 -6.400  -4.223  1.00 7.77  ? 2663 G   A C2     1 
ATOM   570  N N2     . G   A 1 17 ? -9.521  -6.116  -5.404  1.00 8.42  ? 2663 G   A N2     1 
ATOM   571  N N3     . G   A 1 17 ? -10.020 -7.599  -3.714  1.00 8.35  ? 2663 G   A N3     1 
ATOM   572  C C4     . G   A 1 17 ? -10.637 -7.684  -2.500  1.00 8.68  ? 2663 G   A C4     1 
ATOM   573  H "H5'"  . G   A 1 17 ? -9.137  -11.712 1.808   1.00 12.09 ? 2663 G   A "H5'"  1 
ATOM   574  H "H5''" . G   A 1 17 ? -10.345 -10.735 1.444   1.00 12.09 ? 2663 G   A "H5''" 1 
ATOM   575  H "H4'"  . G   A 1 17 ? -8.856  -12.187 -0.471  1.00 11.29 ? 2663 G   A "H4'"  1 
ATOM   576  H "H3'"  . G   A 1 17 ? -8.722  -9.445  0.231   1.00 10.30 ? 2663 G   A "H3'"  1 
ATOM   577  H "H2'"  . G   A 1 17 ? -8.197  -8.921  -1.950  1.00 11.19 ? 2663 G   A "H2'"  1 
ATOM   578  H "HO2'" . G   A 1 17 ? -8.166  -10.913 -3.380  1.00 11.91 ? 2663 G   A "HO2'" 1 
ATOM   579  H "H1'"  . G   A 1 17 ? -10.145 -10.338 -2.942  1.00 11.20 ? 2663 G   A "H1'"  1 
ATOM   580  H H8     . G   A 1 17 ? -11.621 -9.064  0.091   1.00 11.79 ? 2663 G   A H8     1 
ATOM   581  H H1     . G   A 1 17 ? -10.737 -4.530  -4.089  1.00 9.90  ? 2663 G   A H1     1 
ATOM   582  H H21    . G   A 1 17 ? -8.815  -6.692  -5.767  1.00 10.11 ? 2663 G   A H21    1 
ATOM   583  P P      . G   A 1 18 ? -6.254  -9.485  1.050   1.00 10.62 ? 2664 G   A P      1 
ATOM   584  O OP1    . G   A 1 18 ? -4.922  -10.098 1.320   1.00 11.90 ? 2664 G   A OP1    1 
ATOM   585  O OP2    . G   A 1 18 ? -7.137  -9.073  2.202   1.00 11.73 ? 2664 G   A OP2    1 
ATOM   586  O "O5'"  . G   A 1 18 ? -6.083  -8.198  0.137   1.00 10.00 ? 2664 G   A "O5'"  1 
ATOM   587  C "C5'"  . G   A 1 18 ? -5.455  -8.251  -1.125  1.00 9.22  ? 2664 G   A "C5'"  1 
ATOM   588  C "C4'"  . G   A 1 18 ? -5.611  -6.945  -1.835  1.00 7.88  ? 2664 G   A "C4'"  1 
ATOM   589  O "O4'"  . G   A 1 18 ? -7.030  -6.736  -2.132  1.00 7.16  ? 2664 G   A "O4'"  1 
ATOM   590  C "C3'"  . G   A 1 18 ? -5.182  -5.708  -1.079  1.00 7.53  ? 2664 G   A "C3'"  1 
ATOM   591  O "O3'"  . G   A 1 18 ? -3.774  -5.524  -1.053  1.00 7.88  ? 2664 G   A "O3'"  1 
ATOM   592  C "C2'"  . G   A 1 18 ? -5.970  -4.649  -1.806  1.00 7.41  ? 2664 G   A "C2'"  1 
ATOM   593  O "O2'"  . G   A 1 18 ? -5.448  -4.433  -3.090  1.00 7.58  ? 2664 G   A "O2'"  1 
ATOM   594  C "C1'"  . G   A 1 18 ? -7.305  -5.365  -2.010  1.00 7.04  ? 2664 G   A "C1'"  1 
ATOM   595  N N9     . G   A 1 18 ? -8.207  -5.177  -0.846  1.00 8.58  ? 2664 G   A N9     1 
ATOM   596  C C8     . G   A 1 18 ? -8.470  -6.046  0.135   1.00 7.62  ? 2664 G   A C8     1 
ATOM   597  N N7     . G   A 1 18 ? -9.315  -5.603  1.023   1.00 7.63  ? 2664 G   A N7     1 
ATOM   598  C C5     . G   A 1 18 ? -9.614  -4.275  0.635   1.00 7.71  ? 2664 G   A C5     1 
ATOM   599  C C6     . G   A 1 18 ? -10.504 -3.320  1.132   1.00 9.59  ? 2664 G   A C6     1 
ATOM   600  O O6     . G   A 1 18 ? -11.155 -3.402  2.179   1.00 10.25 ? 2664 G   A O6     1 
ATOM   601  N N1     . G   A 1 18 ? -10.507 -2.163  0.356   1.00 8.84  ? 2664 G   A N1     1 
ATOM   602  C C2     . G   A 1 18 ? -9.817  -1.941  -0.805  1.00 7.01  ? 2664 G   A C2     1 
ATOM   603  N N2     . G   A 1 18 ? -10.002 -0.728  -1.356  1.00 7.59  ? 2664 G   A N2     1 
ATOM   604  N N3     . G   A 1 18 ? -8.969  -2.878  -1.273  1.00 8.25  ? 2664 G   A N3     1 
ATOM   605  C C4     . G   A 1 18 ? -8.954  -4.026  -0.579  1.00 8.67  ? 2664 G   A C4     1 
ATOM   606  H "H5'"  . G   A 1 18 ? -5.863  -8.963  -1.661  1.00 11.06 ? 2664 G   A "H5'"  1 
ATOM   607  H "H5''" . G   A 1 18 ? -4.502  -8.443  -1.004  1.00 11.06 ? 2664 G   A "H5''" 1 
ATOM   608  H "H4'"  . G   A 1 18 ? -5.114  -6.986  -2.680  1.00 9.46  ? 2664 G   A "H4'"  1 
ATOM   609  H "H3'"  . G   A 1 18 ? -5.509  -5.771  -0.157  1.00 9.04  ? 2664 G   A "H3'"  1 
ATOM   610  H "H2'"  . G   A 1 18 ? -6.064  -3.824  -1.287  1.00 8.89  ? 2664 G   A "H2'"  1 
ATOM   611  H "HO2'" . G   A 1 18 ? -5.227  -3.483  -3.189  1.00 9.09  ? 2664 G   A "HO2'" 1 
ATOM   612  H "H1'"  . G   A 1 18 ? -7.737  -5.038  -2.825  1.00 8.45  ? 2664 G   A "H1'"  1 
ATOM   613  H H8     . G   A 1 18 ? -8.065  -6.938  0.181   1.00 9.15  ? 2664 G   A H8     1 
ATOM   614  H H1     . G   A 1 18 ? -11.073 -1.429  0.673   1.00 10.61 ? 2664 G   A H1     1 
ATOM   615  H H21    . G   A 1 18 ? -10.304 -0.652  -2.284  1.00 9.11  ? 2664 G   A H21    1 
ATOM   616  P P      . A   A 1 19 ? -3.097  -4.663  0.058   1.00 7.50  ? 2665 A   A P      1 
ATOM   617  O OP1    . A   A 1 19 ? -1.646  -4.958  0.011   1.00 8.92  ? 2665 A   A OP1    1 
ATOM   618  O OP2    . A   A 1 19 ? -3.831  -4.831  1.311   1.00 8.75  ? 2665 A   A OP2    1 
ATOM   619  O "O5'"  . A   A 1 19 ? -3.376  -3.172  -0.419  1.00 7.84  ? 2665 A   A "O5'"  1 
ATOM   620  C "C5'"  . A   A 1 19 ? -2.348  -2.300  -0.934  1.00 7.93  ? 2665 A   A "C5'"  1 
ATOM   621  C "C4'"  . A   A 1 19 ? -2.055  -2.557  -2.393  1.00 8.31  ? 2665 A   A "C4'"  1 
ATOM   622  O "O4'"  . A   A 1 19 ? -3.297  -2.607  -3.191  1.00 8.18  ? 2665 A   A "O4'"  1 
ATOM   623  C "C3'"  . A   A 1 19 ? -1.264  -1.478  -3.059  1.00 8.26  ? 2665 A   A "C3'"  1 
ATOM   624  O "O3'"  . A   A 1 19 ? 0.129   -1.564  -2.750  1.00 7.17  ? 2665 A   A "O3'"  1 
ATOM   625  C "C2'"  . A   A 1 19 ? -1.615  -1.692  -4.532  1.00 7.29  ? 2665 A   A "C2'"  1 
ATOM   626  O "O2'"  . A   A 1 19 ? -0.957  -2.828  -5.010  1.00 9.43  ? 2665 A   A "O2'"  1 
ATOM   627  C "C1'"  . A   A 1 19 ? -3.114  -1.945  -4.413  1.00 8.04  ? 2665 A   A "C1'"  1 
ATOM   628  N N9     . A   A 1 19 ? -3.797  -0.646  -4.298  1.00 7.75  ? 2665 A   A N9     1 
ATOM   629  C C8     . A   A 1 19 ? -4.443  -0.163  -3.189  1.00 7.63  ? 2665 A   A C8     1 
ATOM   630  N N7     . A   A 1 19 ? -4.891  1.065   -3.368  1.00 8.21  ? 2665 A   A N7     1 
ATOM   631  C C5     . A   A 1 19 ? -4.577  1.393   -4.697  1.00 7.06  ? 2665 A   A C5     1 
ATOM   632  C C6     . A   A 1 19 ? -4.843  2.532   -5.424  1.00 8.32  ? 2665 A   A C6     1 
ATOM   633  N N6     . A   A 1 19 ? -5.514  3.616   -4.959  1.00 8.39  ? 2665 A   A N6     1 
ATOM   634  N N1     . A   A 1 19 ? -4.383  2.557   -6.722  1.00 8.20  ? 2665 A   A N1     1 
ATOM   635  C C2     . A   A 1 19 ? -3.724  1.479   -7.139  1.00 7.65  ? 2665 A   A C2     1 
ATOM   636  N N3     . A   A 1 19 ? -3.434  0.321   -6.534  1.00 7.32  ? 2665 A   A N3     1 
ATOM   637  C C4     . A   A 1 19 ? -3.896  0.352   -5.239  1.00 6.79  ? 2665 A   A C4     1 
ATOM   638  H "H5'"  . A   A 1 19 ? -1.527  -2.437  -0.418  1.00 9.52  ? 2665 A   A "H5'"  1 
ATOM   639  H "H5''" . A   A 1 19 ? -2.638  -1.371  -0.829  1.00 9.52  ? 2665 A   A "H5''" 1 
ATOM   640  H "H4'"  . A   A 1 19 ? -1.579  -3.410  -2.483  1.00 9.97  ? 2665 A   A "H4'"  1 
ATOM   641  H "H3'"  . A   A 1 19 ? -1.604  -0.606  -2.771  1.00 9.91  ? 2665 A   A "H3'"  1 
ATOM   642  H "H2'"  . A   A 1 19 ? -1.421  -0.897  -5.072  1.00 8.75  ? 2665 A   A "H2'"  1 
ATOM   643  H "HO2'" . A   A 1 19 ? 0.002   -2.638  -5.076  1.00 11.31 ? 2665 A   A "HO2'" 1 
ATOM   644  H "H1'"  . A   A 1 19 ? -3.456  -2.471  -5.166  1.00 9.65  ? 2665 A   A "H1'"  1 
ATOM   645  H H8     . A   A 1 19 ? -4.499  -0.646  -2.337  1.00 9.16  ? 2665 A   A H8     1 
ATOM   646  H H61    . A   A 1 19 ? -5.659  4.389   -5.541  1.00 10.07 ? 2665 A   A H61    1 
ATOM   647  H H62    . A   A 1 19 ? -5.852  3.624   -4.039  1.00 10.07 ? 2665 A   A H62    1 
ATOM   648  H H2     . A   A 1 19 ? -3.416  1.533   -8.068  1.00 9.18  ? 2665 A   A H2     1 
ATOM   649  P P      . C   A 1 20 ? 1.036   -0.215  -2.714  1.00 7.94  ? 2666 C   A P      1 
ATOM   650  O OP1    . C   A 1 20 ? 2.320   -0.611  -2.078  1.00 9.75  ? 2666 C   A OP1    1 
ATOM   651  O OP2    . C   A 1 20 ? 0.243   0.902   -2.140  1.00 6.80  ? 2666 C   A OP2    1 
ATOM   652  O "O5'"  . C   A 1 20 ? 1.251   0.147   -4.261  1.00 7.15  ? 2666 C   A "O5'"  1 
ATOM   653  C "C5'"  . C   A 1 20 ? 1.802   -0.789  -5.153  1.00 7.31  ? 2666 C   A "C5'"  1 
ATOM   654  C "C4'"  . C   A 1 20 ? 1.696   -0.293  -6.573  1.00 8.60  ? 2666 C   A "C4'"  1 
ATOM   655  O "O4'"  . C   A 1 20 ? 0.302   0.000   -6.877  1.00 9.53  ? 2666 C   A "O4'"  1 
ATOM   656  C "C3'"  . C   A 1 20 ? 2.394   0.989   -6.918  1.00 8.38  ? 2666 C   A "C3'"  1 
ATOM   657  O "O3'"  . C   A 1 20 ? 3.745   0.779   -7.205  1.00 10.21 ? 2666 C   A "O3'"  1 
ATOM   658  C "C2'"  . C   A 1 20 ? 1.641   1.442   -8.152  1.00 10.21 ? 2666 C   A "C2'"  1 
ATOM   659  O "O2'"  . C   A 1 20 ? 1.994   0.642   -9.270  1.00 12.30 ? 2666 C   A "O2'"  1 
ATOM   660  C "C1'"  . C   A 1 20 ? 0.240   1.109   -7.748  1.00 8.40  ? 2666 C   A "C1'"  1 
ATOM   661  N N1     . C   A 1 20 ? -0.422  2.244   -7.031  1.00 8.36  ? 2666 C   A N1     1 
ATOM   662  C C2     . C   A 1 20 ? -0.826  3.289   -7.812  1.00 8.01  ? 2666 C   A C2     1 
ATOM   663  O O2     . C   A 1 20 ? -0.574  3.231   -9.037  1.00 9.20  ? 2666 C   A O2     1 
ATOM   664  N N3     . C   A 1 20 ? -1.517  4.332   -7.304  1.00 8.13  ? 2666 C   A N3     1 
ATOM   665  C C4     . C   A 1 20 ? -1.816  4.294   -5.985  1.00 7.58  ? 2666 C   A C4     1 
ATOM   666  N N4     . C   A 1 20 ? -2.506  5.297   -5.477  1.00 7.52  ? 2666 C   A N4     1 
ATOM   667  C C5     . C   A 1 20 ? -1.406  3.209   -5.145  1.00 7.19  ? 2666 C   A C5     1 
ATOM   668  C C6     . C   A 1 20 ? -0.740  2.198   -5.696  1.00 7.18  ? 2666 C   A C6     1 
ATOM   669  H "H5'"  . C   A 1 20 ? 1.318   -1.637  -5.071  1.00 8.77  ? 2666 C   A "H5'"  1 
ATOM   670  H "H5''" . C   A 1 20 ? 2.745   -0.932  -4.930  1.00 8.77  ? 2666 C   A "H5''" 1 
ATOM   671  H "H4'"  . C   A 1 20 ? 2.011   -0.998  -7.178  1.00 10.32 ? 2666 C   A "H4'"  1 
ATOM   672  H "H3'"  . C   A 1 20 ? 2.292   1.642   -6.195  1.00 10.06 ? 2666 C   A "H3'"  1 
ATOM   673  H "H2'"  . C   A 1 20 ? 1.757   2.399   -8.325  1.00 12.25 ? 2666 C   A "H2'"  1 
ATOM   674  H "HO2'" . C   A 1 20 ? 1.234   0.068   -9.504  1.00 14.76 ? 2666 C   A "HO2'" 1 
ATOM   675  H "H1'"  . C   A 1 20 ? -0.282  0.873   -8.542  1.00 10.08 ? 2666 C   A "H1'"  1 
ATOM   676  H H41    . C   A 1 20 ? -2.739  5.300   -4.525  1.00 9.03  ? 2666 C   A H41    1 
ATOM   677  H H42    . C   A 1 20 ? -2.787  6.039   -6.051  1.00 9.03  ? 2666 C   A H42    1 
ATOM   678  H H5     . C   A 1 20 ? -1.625  3.204   -4.190  1.00 8.63  ? 2666 C   A H5     1 
ATOM   679  H H6     . C   A 1 20 ? -0.458  1.436   -5.148  1.00 8.61  ? 2666 C   A H6     1 
ATOM   680  P P      . C   A 1 21 ? 4.874   1.645   -6.511  1.00 11.75 ? 2667 C   A P      1 
ATOM   681  O OP1    . C   A 1 21 ? 6.157   1.022   -6.927  1.00 12.67 ? 2667 C   A OP1    1 
ATOM   682  O OP2    . C   A 1 21 ? 4.569   1.765   -5.063  1.00 11.59 ? 2667 C   A OP2    1 
ATOM   683  O "O5'"  . C   A 1 21 ? 4.702   3.095   -7.123  1.00 11.97 ? 2667 C   A "O5'"  1 
ATOM   684  C "C5'"  . C   A 1 21 ? 4.932   3.343   -8.499  1.00 12.87 ? 2667 C   A "C5'"  1 
ATOM   685  C "C4'"  . C   A 1 21 ? 4.262   4.623   -8.876  1.00 12.76 ? 2667 C   A "C4'"  1 
ATOM   686  O "O4'"  . C   A 1 21 ? 2.795   4.537   -8.671  1.00 12.34 ? 2667 C   A "O4'"  1 
ATOM   687  C "C3'"  . C   A 1 21 ? 4.672   5.864   -8.090  1.00 12.96 ? 2667 C   A "C3'"  1 
ATOM   688  O "O3'"  . C   A 1 21 ? 5.886   6.399   -8.588  1.00 12.73 ? 2667 C   A "O3'"  1 
ATOM   689  C "C2'"  . C   A 1 21 ? 3.492   6.773   -8.322  1.00 12.85 ? 2667 C   A "C2'"  1 
ATOM   690  O "O2'"  . C   A 1 21 ? 3.592   7.330   -9.628  1.00 13.64 ? 2667 C   A "O2'"  1 
ATOM   691  C "C1'"  . C   A 1 21 ? 2.321   5.810   -8.285  1.00 12.91 ? 2667 C   A "C1'"  1 
ATOM   692  N N1     . C   A 1 21 ? 1.810   5.703   -6.885  1.00 12.05 ? 2667 C   A N1     1 
ATOM   693  C C2     . C   A 1 21 ? 1.038   6.762   -6.461  1.00 11.27 ? 2667 C   A C2     1 
ATOM   694  O O2     . C   A 1 21 ? 0.823   7.645   -7.326  1.00 12.48 ? 2667 C   A O2     1 
ATOM   695  N N3     . C   A 1 21 ? 0.566   6.767   -5.177  1.00 11.12 ? 2667 C   A N3     1 
ATOM   696  C C4     . C   A 1 21 ? 0.828   5.757   -4.349  1.00 10.53 ? 2667 C   A C4     1 
ATOM   697  N N4     . C   A 1 21 ? 0.318   5.814   -3.122  1.00 10.36 ? 2667 C   A N4     1 
ATOM   698  C C5     . C   A 1 21 ? 1.686   4.644   -4.739  1.00 10.03 ? 2667 C   A C5     1 
ATOM   699  C C6     . C   A 1 21 ? 2.130   4.676   -6.038  1.00 9.51  ? 2667 C   A C6     1 
ATOM   700  H "H5'"  . C   A 1 21 ? 4.561   2.609   -9.032  1.00 15.44 ? 2667 C   A "H5'"  1 
ATOM   701  H "H5''" . C   A 1 21 ? 5.895   3.415   -8.664  1.00 15.44 ? 2667 C   A "H5''" 1 
ATOM   702  H "H4'"  . C   A 1 21 ? 4.431   4.791   -9.827  1.00 15.31 ? 2667 C   A "H4'"  1 
ATOM   703  H "H3'"  . C   A 1 21 ? 4.756   5.651   -7.138  1.00 15.55 ? 2667 C   A "H3'"  1 
ATOM   704  H "H2'"  . C   A 1 21 ? 3.420   7.463   -7.630  1.00 15.42 ? 2667 C   A "H2'"  1 
ATOM   705  H "HO2'" . C   A 1 21 ? 2.881   6.957   -10.189 1.00 16.37 ? 2667 C   A "HO2'" 1 
ATOM   706  H "H1'"  . C   A 1 21 ? 1.610   6.109   -8.888  1.00 15.49 ? 2667 C   A "H1'"  1 
ATOM   707  H H41    . C   A 1 21 ? 0.490   5.089   -2.486  1.00 12.43 ? 2667 C   A H41    1 
ATOM   708  H H42    . C   A 1 21 ? -0.230  6.581   -2.854  1.00 12.43 ? 2667 C   A H42    1 
ATOM   709  H H5     . C   A 1 21 ? 1.884   3.897   -4.136  1.00 12.04 ? 2667 C   A H5     1 
ATOM   710  H H6     . C   A 1 21 ? 2.703   3.951   -6.364  1.00 11.41 ? 2667 C   A H6     1 
ATOM   711  P P      . G   A 1 22 ? 7.009   6.919   -7.582  1.00 13.28 ? 2668 G   A P      1 
ATOM   712  O OP1    . G   A 1 22 ? 8.083   7.543   -8.402  1.00 14.22 ? 2668 G   A OP1    1 
ATOM   713  O OP2    . G   A 1 22 ? 7.332   5.792   -6.711  1.00 15.84 ? 2668 G   A OP2    1 
ATOM   714  O "O5'"  . G   A 1 22 ? 6.266   8.002   -6.718  1.00 10.65 ? 2668 G   A "O5'"  1 
ATOM   715  C "C5'"  . G   A 1 22 ? 5.927   9.258   -7.268  1.00 12.34 ? 2668 G   A "C5'"  1 
ATOM   716  C "C4'"  . G   A 1 22 ? 5.105   10.059  -6.279  1.00 11.58 ? 2668 G   A "C4'"  1 
ATOM   717  O "O4'"  . G   A 1 22 ? 3.879   9.337   -5.979  1.00 10.35 ? 2668 G   A "O4'"  1 
ATOM   718  C "C3'"  . G   A 1 22 ? 5.703   10.281  -4.886  1.00 12.37 ? 2668 G   A "C3'"  1 
ATOM   719  O "O3'"  . G   A 1 22 ? 6.772   11.283  -4.834  1.00 14.21 ? 2668 G   A "O3'"  1 
ATOM   720  C "C2'"  . G   A 1 22 ? 4.443   10.649  -4.090  1.00 11.42 ? 2668 G   A "C2'"  1 
ATOM   721  O "O2'"  . G   A 1 22 ? 3.986   11.926  -4.456  1.00 13.16 ? 2668 G   A "O2'"  1 
ATOM   722  C "C1'"  . G   A 1 22 ? 3.471   9.627   -4.638  1.00 8.69  ? 2668 G   A "C1'"  1 
ATOM   723  N N9     . G   A 1 22 ? 3.572   8.370   -3.878  1.00 6.99  ? 2668 G   A N9     1 
ATOM   724  C C8     . G   A 1 22 ? 4.206   7.198   -4.273  1.00 7.06  ? 2668 G   A C8     1 
ATOM   725  N N7     . G   A 1 22 ? 4.149   6.292   -3.359  1.00 7.64  ? 2668 G   A N7     1 
ATOM   726  C C5     . G   A 1 22 ? 3.434   6.864   -2.299  1.00 6.75  ? 2668 G   A C5     1 
ATOM   727  C C6     . G   A 1 22 ? 3.126   6.383   -1.014  1.00 6.34  ? 2668 G   A C6     1 
ATOM   728  O O6     . G   A 1 22 ? 3.250   5.241   -0.643  1.00 7.19  ? 2668 G   A O6     1 
ATOM   729  N N1     . G   A 1 22 ? 2.464   7.275   -0.235  1.00 6.99  ? 2668 G   A N1     1 
ATOM   730  C C2     . G   A 1 22 ? 2.138   8.548   -0.607  1.00 6.71  ? 2668 G   A C2     1 
ATOM   731  N N2     . G   A 1 22 ? 1.497   9.311   0.294   1.00 7.90  ? 2668 G   A N2     1 
ATOM   732  N N3     . G   A 1 22 ? 2.430   9.049   -1.849  1.00 6.64  ? 2668 G   A N3     1 
ATOM   733  C C4     . G   A 1 22 ? 3.129   8.143   -2.596  1.00 6.29  ? 2668 G   A C4     1 
ATOM   734  H "H5'"  . G   A 1 22 ? 5.407   9.124   -8.087  1.00 14.80 ? 2668 G   A "H5'"  1 
ATOM   735  H "H5''" . G   A 1 22 ? 6.747   9.751   -7.482  1.00 14.80 ? 2668 G   A "H5''" 1 
ATOM   736  H "H4'"  . G   A 1 22 ? 4.878   10.927  -6.675  1.00 13.90 ? 2668 G   A "H4'"  1 
ATOM   737  H "H3'"  . G   A 1 22 ? 6.053   9.428   -4.552  1.00 14.84 ? 2668 G   A "H3'"  1 
ATOM   738  H "H2'"  . G   A 1 22 ? 4.574   10.556  -3.123  1.00 13.70 ? 2668 G   A "H2'"  1 
ATOM   739  H "HO2'" . G   A 1 22 ? 3.006   11.936  -4.419  1.00 15.79 ? 2668 G   A "HO2'" 1 
ATOM   740  H "H1'"  . G   A 1 22 ? 2.555   9.972   -4.621  1.00 10.43 ? 2668 G   A "H1'"  1 
ATOM   741  H H8     . G   A 1 22 ? 4.608   7.061   -5.156  1.00 8.47  ? 2668 G   A H8     1 
ATOM   742  H H1     . G   A 1 22 ? 2.160   6.968   0.645   1.00 8.39  ? 2668 G   A H1     1 
ATOM   743  H H21    . G   A 1 22 ? 1.286   10.244  0.083   1.00 9.48  ? 2668 G   A H21    1 
ATOM   744  P P      . G   A 1 23 ? 8.034   11.110  -3.792  1.00 15.34 ? 2669 G   A P      1 
ATOM   745  O OP1    . G   A 1 23 ? 9.018   12.208  -4.162  1.00 17.38 ? 2669 G   A OP1    1 
ATOM   746  O OP2    . G   A 1 23 ? 8.467   9.653   -3.750  1.00 17.48 ? 2669 G   A OP2    1 
ATOM   747  O "O5'"  . G   A 1 23 ? 7.401   11.435  -2.396  1.00 13.94 ? 2669 G   A "O5'"  1 
ATOM   748  C "C5'"  . G   A 1 23 ? 6.752   12.664  -2.131  1.00 13.06 ? 2669 G   A "C5'"  1 
ATOM   749  C "C4'"  . G   A 1 23 ? 5.969   12.546  -0.859  1.00 10.20 ? 2669 G   A "C4'"  1 
ATOM   750  O "O4'"  . G   A 1 23 ? 5.048   11.428  -0.966  1.00 8.75  ? 2669 G   A "O4'"  1 
ATOM   751  C "C3'"  . G   A 1 23 ? 6.752   12.233  0.403   1.00 10.92 ? 2669 G   A "C3'"  1 
ATOM   752  O "O3'"  . G   A 1 23 ? 7.394   13.376  0.887   1.00 13.07 ? 2669 G   A "O3'"  1 
ATOM   753  C "C2'"  . G   A 1 23 ? 5.655   11.701  1.323   1.00 9.70  ? 2669 G   A "C2'"  1 
ATOM   754  O "O2'"  . G   A 1 23 ? 4.783   12.739  1.779   1.00 9.70  ? 2669 G   A "O2'"  1 
ATOM   755  C "C1'"  . G   A 1 23 ? 4.870   10.847  0.327   1.00 8.08  ? 2669 G   A "C1'"  1 
ATOM   756  N N9     . G   A 1 23 ? 5.341   9.447   0.255   1.00 8.55  ? 2669 G   A N9     1 
ATOM   757  C C8     . G   A 1 23 ? 5.974   8.748   -0.797  1.00 9.00  ? 2669 G   A C8     1 
ATOM   758  N N7     . G   A 1 23 ? 6.186   7.478   -0.568  1.00 9.22  ? 2669 G   A N7     1 
ATOM   759  C C5     . G   A 1 23 ? 5.718   7.313   0.738   1.00 7.98  ? 2669 G   A C5     1 
ATOM   760  C C6     . G   A 1 23 ? 5.637   6.209   1.582   1.00 7.14  ? 2669 G   A C6     1 
ATOM   761  O O6     . G   A 1 23 ? 5.978   5.018   1.293   1.00 8.88  ? 2669 G   A O6     1 
ATOM   762  N N1     . G   A 1 23 ? 5.126   6.491   2.848   1.00 6.75  ? 2669 G   A N1     1 
ATOM   763  C C2     . G   A 1 23 ? 4.644   7.701   3.234   1.00 8.02  ? 2669 G   A C2     1 
ATOM   764  N N2     . G   A 1 23 ? 4.196   7.812   4.535   1.00 8.24  ? 2669 G   A N2     1 
ATOM   765  N N3     . G   A 1 23 ? 4.716   8.749   2.464   1.00 8.68  ? 2669 G   A N3     1 
ATOM   766  C C4     . G   A 1 23 ? 5.227   8.520   1.223   1.00 8.47  ? 2669 G   A C4     1 
ATOM   767  H "H5'"  . G   A 1 23 ? 6.145   12.879  -2.870  1.00 15.68 ? 2669 G   A "H5'"  1 
ATOM   768  H "H5''" . G   A 1 23 ? 7.420   13.374  -2.039  1.00 15.68 ? 2669 G   A "H5''" 1 
ATOM   769  H "H4'"  . G   A 1 23 ? 5.456   13.371  -0.721  1.00 12.24 ? 2669 G   A "H4'"  1 
ATOM   770  H "H3'"  . G   A 1 23 ? 7.409   11.529  0.222   1.00 13.11 ? 2669 G   A "H3'"  1 
ATOM   771  H "H2'"  . G   A 1 23 ? 6.017   11.165  2.060   1.00 11.64 ? 2669 G   A "H2'"  1 
ATOM   772  H "HO2'" . G   A 1 23 ? 4.657   13.389  1.057   1.00 11.64 ? 2669 G   A "HO2'" 1 
ATOM   773  H "H1'"  . G   A 1 23 ? 3.919   10.860  0.563   1.00 9.70  ? 2669 G   A "H1'"  1 
ATOM   774  H H8     . G   A 1 23 ? 6.137   9.156   -1.673  1.00 10.80 ? 2669 G   A H8     1 
ATOM   775  H H1     . G   A 1 23 ? 5.059   5.750   3.486   1.00 8.10  ? 2669 G   A H1     1 
ATOM   776  H H21    . G   A 1 23 ? 4.005   8.697   4.913   1.00 9.88  ? 2669 G   A H21    1 
HETATM 777  P P      . AT7 A 1 24 ? 8.817   13.299  1.587   1.00 16.99 ? 2670 AT7 A P      1 
HETATM 778  N N1     . AT7 A 1 24 ? 7.854   5.469   5.324   1.00 10.94 ? 2670 AT7 A N1     1 
HETATM 779  C C2     . AT7 A 1 24 ? 7.408   6.258   6.372   1.00 10.45 ? 2670 AT7 A C2     1 
HETATM 780  N N3     . AT7 A 1 24 ? 7.272   7.597   6.348   1.00 10.28 ? 2670 AT7 A N3     1 
HETATM 781  C C4     . AT7 A 1 24 ? 7.602   8.185   5.132   1.00 10.79 ? 2670 AT7 A C4     1 
HETATM 782  C C5     . AT7 A 1 24 ? 8.027   7.459   4.048   1.00 11.49 ? 2670 AT7 A C5     1 
HETATM 783  C C6     . AT7 A 1 24 ? 8.138   6.043   4.159   1.00 11.45 ? 2670 AT7 A C6     1 
HETATM 784  N N6     . AT7 A 1 24 ? 8.590   5.293   3.062   1.00 10.49 ? 2670 AT7 A N6     1 
HETATM 785  N N7     . AT7 A 1 24 ? 8.269   8.399   3.049   1.00 11.65 ? 2670 AT7 A N7     1 
HETATM 786  C C8     . AT7 A 1 24 ? 7.955   9.589   3.483   1.00 11.73 ? 2670 AT7 A C8     1 
HETATM 787  N N9     . AT7 A 1 24 ? 7.524   9.468   4.786   1.00 11.04 ? 2670 AT7 A N9     1 
HETATM 788  C "C1'"  . AT7 A 1 24 ? 7.064   10.553  5.710   1.00 11.20 ? 2670 AT7 A "C1'"  1 
HETATM 789  C "C2'"  . AT7 A 1 24 ? 8.118   11.106  6.621   1.00 12.41 ? 2670 AT7 A "C2'"  1 
HETATM 790  C "C3'"  . AT7 A 1 24 ? 8.724   12.115  5.811   1.00 12.77 ? 2670 AT7 A "C3'"  1 
HETATM 791  N "N3'"  . AT7 A 1 24 ? 7.428   11.641  7.802   1.00 15.23 ? 2670 AT7 A "N3'"  1 
HETATM 792  O "O3'"  . AT7 A 1 24 ? 9.444   13.119  6.567   1.00 14.52 ? 2670 AT7 A "O3'"  1 
HETATM 793  C "C4'"  . AT7 A 1 24 ? 7.522   12.726  5.190   1.00 11.36 ? 2670 AT7 A "C4'"  1 
HETATM 794  N "N4'"  . AT7 A 1 24 ? 7.974   11.932  8.828   1.00 19.93 ? 2670 AT7 A "N4'"  1 
HETATM 795  O "O4'"  . AT7 A 1 24 ? 6.751   11.656  4.847   1.00 10.98 ? 2670 AT7 A "O4'"  1 
HETATM 796  C "C5'"  . AT7 A 1 24 ? 7.872   13.506  4.000   1.00 13.17 ? 2670 AT7 A "C5'"  1 
HETATM 797  N "N5'"  . AT7 A 1 24 ? 8.446   12.123  9.852   1.00 22.72 ? 2670 AT7 A "N5'"  1 
HETATM 798  O "O5'"  . AT7 A 1 24 ? 8.558   12.744  2.972   1.00 14.70 ? 2670 AT7 A "O5'"  1 
HETATM 799  O OP1    . AT7 A 1 24 ? 9.325   14.730  1.744   1.00 18.91 ? 2670 AT7 A OP1    1 
HETATM 800  O OP2    . AT7 A 1 24 ? 9.679   12.204  0.942   1.00 19.05 ? 2670 AT7 A OP2    1 
ATOM   801  P P      . G   A 1 25 ? 10.973  12.868  7.050   1.00 17.35 ? 2671 G   A P      1 
ATOM   802  O OP1    . G   A 1 25 ? 11.356  14.006  7.893   1.00 17.99 ? 2671 G   A OP1    1 
ATOM   803  O OP2    . G   A 1 25 ? 11.773  12.522  5.831   1.00 19.22 ? 2671 G   A OP2    1 
ATOM   804  O "O5'"  . G   A 1 25 ? 10.766  11.596  7.920   1.00 16.51 ? 2671 G   A "O5'"  1 
ATOM   805  C "C5'"  . G   A 1 25 ? 11.765  10.707  8.180   1.00 16.03 ? 2671 G   A "C5'"  1 
ATOM   806  C "C4'"  . G   A 1 25 ? 11.209  9.571   8.989   1.00 14.81 ? 2671 G   A "C4'"  1 
ATOM   807  O "O4'"  . G   A 1 25 ? 10.206  8.862   8.214   1.00 15.54 ? 2671 G   A "O4'"  1 
ATOM   808  C "C3'"  . G   A 1 25 ? 12.198  8.538   9.404   1.00 15.43 ? 2671 G   A "C3'"  1 
ATOM   809  O "O3'"  . G   A 1 25 ? 12.851  8.935   10.610  1.00 15.66 ? 2671 G   A "O3'"  1 
ATOM   810  C "C2'"  . G   A 1 25 ? 11.346  7.283   9.529   1.00 14.79 ? 2671 G   A "C2'"  1 
ATOM   811  O "O2'"  . G   A 1 25 ? 10.664  7.276   10.793  1.00 14.49 ? 2671 G   A "O2'"  1 
ATOM   812  C "C1'"  . G   A 1 25 ? 10.308  7.486   8.416   1.00 14.83 ? 2671 G   A "C1'"  1 
ATOM   813  N N9     . G   A 1 25 ? 10.725  6.928   7.137   1.00 14.93 ? 2671 G   A N9     1 
ATOM   814  C C8     . G   A 1 25 ? 11.045  7.618   5.978   1.00 15.74 ? 2671 G   A C8     1 
ATOM   815  N N7     . G   A 1 25 ? 11.294  6.844   4.936   1.00 16.25 ? 2671 G   A N7     1 
ATOM   816  C C5     . G   A 1 25 ? 11.237  5.610   5.453   1.00 16.65 ? 2671 G   A C5     1 
ATOM   817  C C6     . G   A 1 25 ? 11.431  4.388   4.785   1.00 18.50 ? 2671 G   A C6     1 
ATOM   818  O O6     . G   A 1 25 ? 11.742  4.148   3.590   1.00 19.24 ? 2671 G   A O6     1 
ATOM   819  N N1     . G   A 1 25 ? 11.192  3.380   5.692   1.00 17.79 ? 2671 G   A N1     1 
ATOM   820  C C2     . G   A 1 25 ? 10.785  3.498   7.022   1.00 17.02 ? 2671 G   A C2     1 
ATOM   821  N N2     . G   A 1 25 ? 10.601  2.359   7.712   1.00 18.09 ? 2671 G   A N2     1 
ATOM   822  N N3     . G   A 1 25 ? 10.619  4.655   7.666   1.00 15.84 ? 2671 G   A N3     1 
ATOM   823  C C4     . G   A 1 25 ? 10.837  5.626   6.787   1.00 15.34 ? 2671 G   A C4     1 
ATOM   824  H "H5'"  . G   A 1 25 ? 12.477  11.152  8.686   1.00 19.23 ? 2671 G   A "H5'"  1 
ATOM   825  H "H5''" . G   A 1 25 ? 12.127  10.363  7.336   1.00 19.23 ? 2671 G   A "H5''" 1 
ATOM   826  H "H4'"  . G   A 1 25 ? 10.783  9.938   9.792   1.00 17.77 ? 2671 G   A "H4'"  1 
ATOM   827  H "H3'"  . G   A 1 25 ? 12.862  8.416   8.694   1.00 18.52 ? 2671 G   A "H3'"  1 
ATOM   828  H "H2'"  . G   A 1 25 ? 11.874  6.469   9.390   1.00 17.75 ? 2671 G   A "H2'"  1 
ATOM   829  H "HO2'" . G   A 1 25 ? 11.296  7.014   11.494  1.00 17.39 ? 2671 G   A "HO2'" 1 
ATOM   830  H "H1'"  . G   A 1 25 ? 9.440   7.116   8.684   1.00 17.79 ? 2671 G   A "H1'"  1 
ATOM   831  H H8     . G   A 1 25 ? 11.028  8.596   5.920   1.00 18.89 ? 2671 G   A H8     1 
ATOM   832  H H1     . G   A 1 25 ? 11.288  2.466   5.351   1.00 21.35 ? 2671 G   A H1     1 
ATOM   833  H H21    . G   A 1 25 ? 10.674  2.359   8.689   1.00 21.71 ? 2671 G   A H21    1 
ATOM   834  P P      . U   A 1 26 ? 14.391  8.688   10.751  1.00 15.80 ? 2672 U   A P      1 
ATOM   835  O OP1    . U   A 1 26 ? 14.789  9.265   12.065  1.00 16.58 ? 2672 U   A OP1    1 
ATOM   836  O OP2    . U   A 1 26 ? 15.042  9.226   9.533   1.00 17.20 ? 2672 U   A OP2    1 
ATOM   837  O "O5'"  . U   A 1 26 ? 14.506  7.137   10.750  1.00 14.76 ? 2672 U   A "O5'"  1 
ATOM   838  C "C5'"  . U   A 1 26 ? 14.065  6.333   11.843  1.00 14.87 ? 2672 U   A "C5'"  1 
ATOM   839  C "C4'"  . U   A 1 26 ? 14.137  4.897   11.434  1.00 14.48 ? 2672 U   A "C4'"  1 
ATOM   840  O "O4'"  . U   A 1 26 ? 13.226  4.669   10.310  1.00 14.73 ? 2672 U   A "O4'"  1 
ATOM   841  C "C3'"  . U   A 1 26 ? 15.473  4.444   10.885  1.00 13.52 ? 2672 U   A "C3'"  1 
ATOM   842  O "O3'"  . U   A 1 26 ? 16.412  4.203   11.876  1.00 14.13 ? 2672 U   A "O3'"  1 
ATOM   843  C "C2'"  . U   A 1 26 ? 15.086  3.226   10.075  1.00 14.04 ? 2672 U   A "C2'"  1 
ATOM   844  O "O2'"  . U   A 1 26 ? 14.810  2.123   10.912  1.00 15.87 ? 2672 U   A "O2'"  1 
ATOM   845  C "C1'"  . U   A 1 26 ? 13.785  3.692   9.444   1.00 13.77 ? 2672 U   A "C1'"  1 
ATOM   846  N N1     . U   A 1 26 ? 14.044  4.329   8.132   1.00 13.82 ? 2672 U   A N1     1 
ATOM   847  C C2     . U   A 1 26 ? 14.169  3.446   7.077   1.00 14.32 ? 2672 U   A C2     1 
ATOM   848  O O2     . U   A 1 26 ? 14.059  2.259   7.185   1.00 14.15 ? 2672 U   A O2     1 
ATOM   849  N N3     . U   A 1 26 ? 14.312  3.989   5.853   1.00 14.72 ? 2672 U   A N3     1 
ATOM   850  C C4     . U   A 1 26 ? 14.448  5.320   5.572   1.00 14.53 ? 2672 U   A C4     1 
ATOM   851  O O4     . U   A 1 26 ? 14.630  5.666   4.376   1.00 15.00 ? 2672 U   A O4     1 
ATOM   852  C C5     . U   A 1 26 ? 14.333  6.171   6.736   1.00 14.15 ? 2672 U   A C5     1 
ATOM   853  C C6     . U   A 1 26 ? 14.198  5.670   7.968   1.00 13.39 ? 2672 U   A C6     1 
ATOM   854  H H3     . U   A 1 26 ? 14.398  3.366   5.101   1.00 17.67 ? 2672 U   A H3     1 
ATOM   855  H H5     . U   A 1 26 ? 14.422  7.141   6.624   1.00 16.98 ? 2672 U   A H5     1 
ATOM   856  H H6     . U   A 1 26 ? 14.083  6.274   8.731   1.00 16.07 ? 2672 U   A H6     1 
ATOM   857  P P      . G   A 1 27 ? 18.003  4.383   11.576  1.00 17.11 ? 2673 G   A P      1 
ATOM   858  O OP1    . G   A 1 27 ? 18.630  4.175   12.856  1.00 17.21 ? 2673 G   A OP1    1 
ATOM   859  O OP2    . G   A 1 27 ? 18.245  5.708   10.842  1.00 18.43 ? 2673 G   A OP2    1 
ATOM   860  O "O5'"  . G   A 1 27 ? 18.346  3.153   10.592  1.00 16.75 ? 2673 G   A "O5'"  1 
ATOM   861  C "C5'"  . G   A 1 27 ? 18.267  1.840   11.085  1.00 15.31 ? 2673 G   A "C5'"  1 
ATOM   862  C "C4'"  . G   A 1 27 ? 18.562  0.834   10.024  1.00 14.02 ? 2673 G   A "C4'"  1 
ATOM   863  O "O4'"  . G   A 1 27 ? 17.512  0.854   9.055   1.00 14.02 ? 2673 G   A "O4'"  1 
ATOM   864  C "C3'"  . G   A 1 27 ? 19.808  1.080   9.167   1.00 14.09 ? 2673 G   A "C3'"  1 
ATOM   865  O "O3'"  . G   A 1 27 ? 21.016  0.781   9.844   1.00 15.79 ? 2673 G   A "O3'"  1 
ATOM   866  C "C2'"  . G   A 1 27 ? 19.514  0.176   7.976   1.00 14.23 ? 2673 G   A "C2'"  1 
ATOM   867  O "O2'"  . G   A 1 27 ? 19.745  -1.187  8.292   1.00 16.36 ? 2673 G   A "O2'"  1 
ATOM   868  C "C1'"  . G   A 1 27 ? 17.998  0.406   7.816   1.00 12.92 ? 2673 G   A "C1'"  1 
ATOM   869  N N9     . G   A 1 27 ? 17.728  1.435   6.818   1.00 11.70 ? 2673 G   A N9     1 
ATOM   870  C C8     . G   A 1 27 ? 17.606  2.806   6.992   1.00 10.95 ? 2673 G   A C8     1 
ATOM   871  N N7     . G   A 1 27 ? 17.473  3.415   5.853   1.00 10.52 ? 2673 G   A N7     1 
ATOM   872  C C5     . G   A 1 27 ? 17.437  2.359   4.919   1.00 10.05 ? 2673 G   A C5     1 
ATOM   873  C C6     . G   A 1 27 ? 17.332  2.457   3.520   1.00 10.87 ? 2673 G   A C6     1 
ATOM   874  O O6     . G   A 1 27 ? 17.215  3.504   2.879   1.00 11.88 ? 2673 G   A O6     1 
ATOM   875  N N1     . G   A 1 27 ? 17.395  1.212   2.891   1.00 11.20 ? 2673 G   A N1     1 
ATOM   876  C C2     . G   A 1 27 ? 17.630  0.014   3.577   1.00 11.10 ? 2673 G   A C2     1 
ATOM   877  N N2     . G   A 1 27 ? 17.625  -1.106  2.845   1.00 12.20 ? 2673 G   A N2     1 
ATOM   878  N N3     . G   A 1 27 ? 17.684  -0.079  4.899   1.00 11.29 ? 2673 G   A N3     1 
ATOM   879  C C4     . G   A 1 27 ? 17.661  1.141   5.494   1.00 11.89 ? 2673 G   A C4     1 
ATOM   880  H "H5'"  . G   A 1 27 ? 17.364  1.684   11.433  1.00 18.37 ? 2673 G   A "H5'"  1 
ATOM   881  H "H5''" . G   A 1 27 ? 18.912  1.734   11.816  1.00 18.37 ? 2673 G   A "H5''" 1 
ATOM   882  H "H4'"  . G   A 1 27 ? 18.616  -0.058  10.427  1.00 16.83 ? 2673 G   A "H4'"  1 
ATOM   883  H "H3'"  . G   A 1 27 ? 19.821  2.015   8.872   1.00 16.91 ? 2673 G   A "H3'"  1 
ATOM   884  H "HO3'" . G   A 1 27 ? 21.622  0.099   9.486   1.00 18.94 ? 2673 G   A "HO3'" 1 
ATOM   885  H "H2'"  . G   A 1 27 ? 20.008  0.457   7.178   1.00 17.08 ? 2673 G   A "H2'"  1 
ATOM   886  H "HO2'" . G   A 1 27 ? 18.905  -1.683  8.200   1.00 19.63 ? 2673 G   A "HO2'" 1 
ATOM   887  H "H1'"  . G   A 1 27 ? 17.556  -0.431  7.564   1.00 15.51 ? 2673 G   A "H1'"  1 
ATOM   888  H H8     . G   A 1 27 ? 17.663  3.261   7.859   1.00 13.14 ? 2673 G   A H8     1 
ATOM   889  H H1     . G   A 1 27 ? 17.318  1.181   1.915   1.00 13.44 ? 2673 G   A H1     1 
ATOM   890  H H21    . G   A 1 27 ? 18.100  -1.903  3.163   1.00 14.64 ? 2673 G   A H21    1 
HETATM 891  O O      . HOH B 2 .  ? -9.695  -15.173 -1.517  1.00 9.23  ? 1    HOH A O      1 
HETATM 892  O O      . HOH B 2 .  ? -17.937 -14.252 -4.259  1.00 8.75  ? 2    HOH A O      1 
HETATM 893  O O      . HOH B 2 .  ? 0.880   3.507   -1.349  1.00 9.19  ? 3    HOH A O      1 
HETATM 894  O O      . HOH B 2 .  ? -15.932 -5.950  -0.793  1.00 11.87 ? 4    HOH A O      1 
HETATM 895  O O      . HOH B 2 .  ? -11.409 -1.418  -14.401 1.00 12.77 ? 5    HOH A O      1 
HETATM 896  O O      . HOH B 2 .  ? -12.308 -15.364 -8.120  1.00 10.82 ? 6    HOH A O      1 
HETATM 897  O O      . HOH B 2 .  ? -2.902  5.143   -2.562  1.00 10.19 ? 7    HOH A O      1 
HETATM 898  O O      . HOH B 2 .  ? 3.409   10.216  6.128   1.00 10.52 ? 8    HOH A O      1 
HETATM 899  O O      . HOH B 2 .  ? -13.282 0.427   -2.093  1.00 12.59 ? 9    HOH A O      1 
HETATM 900  O O      . HOH B 2 .  ? -6.087  0.424   3.951   1.00 15.24 ? 10   HOH A O      1 
HETATM 901  O O      . HOH B 2 .  ? -13.795 -4.266  0.098   1.00 15.06 ? 11   HOH A O      1 
HETATM 902  O O      . HOH B 2 .  ? -16.555 -2.825  -9.884  1.00 14.62 ? 12   HOH A O      1 
HETATM 903  O O      . HOH B 2 .  ? 1.957   1.243   2.525   1.00 16.42 ? 13   HOH A O      1 
HETATM 904  O O      . HOH B 2 .  ? -17.145 -3.238  -7.254  1.00 14.17 ? 14   HOH A O      1 
HETATM 905  O O      . HOH B 2 .  ? 5.485   3.770   -3.340  0.94 13.13 ? 15   HOH A O      1 
HETATM 906  O O      . HOH B 2 .  ? 3.225   1.611   -0.250  1.00 13.62 ? 16   HOH A O      1 
HETATM 907  O O      . HOH B 2 .  ? 6.795   4.421   10.162  1.00 14.96 ? 17   HOH A O      1 
HETATM 908  O O      . HOH B 2 .  ? 6.165   7.999   8.850   1.00 23.42 ? 18   HOH A O      1 
HETATM 909  O O      . HOH B 2 .  ? 6.231   7.313   -11.435 1.00 19.61 ? 19   HOH A O      1 
HETATM 910  O O      . HOH B 2 .  ? 5.830   2.427   11.758  1.00 18.56 ? 20   HOH A O      1 
HETATM 911  O O      . HOH B 2 .  ? 5.470   2.996   -0.713  0.97 14.83 ? 21   HOH A O      1 
HETATM 912  O O      . HOH B 2 .  ? 7.753   1.800   0.726   1.00 20.17 ? 22   HOH A O      1 
HETATM 913  O O      . HOH B 2 .  ? 17.344  0.575   0.236   1.00 19.75 ? 23   HOH A O      1 
HETATM 914  O O      . HOH B 2 .  ? -14.578 1.693   -5.420  1.00 11.90 ? 24   HOH A O      1 
HETATM 915  O O      . HOH B 2 .  ? -6.292  5.705   -6.749  1.00 18.52 ? 25   HOH A O      1 
HETATM 916  O O      . HOH B 2 .  ? 0.089   0.247   0.772   1.00 14.47 ? 26   HOH A O      1 
HETATM 917  O O      . HOH B 2 .  ? 7.788   5.675   -1.815  1.00 21.58 ? 27   HOH A O      1 
HETATM 918  O O      . HOH B 2 .  ? 4.819   -0.058  -3.128  1.00 15.20 ? 28   HOH A O      1 
HETATM 919  O O      . HOH B 2 .  ? -1.516  10.872  8.258   1.00 17.10 ? 29   HOH A O      1 
HETATM 920  O O      . HOH B 2 .  ? -13.971 -10.026 -10.976 1.00 18.14 ? 30   HOH A O      1 
HETATM 921  O O      . HOH B 2 .  ? -13.566 2.531   -12.575 0.93 29.08 ? 31   HOH A O      1 
HETATM 922  O O      . HOH B 2 .  ? -1.404  1.040   3.930   0.83 11.41 ? 32   HOH A O      1 
HETATM 923  O O      . HOH B 2 .  ? -15.570 -0.931  -5.465  1.00 19.52 ? 33   HOH A O      1 
HETATM 924  O O      . HOH B 2 .  ? 2.525   9.722   -9.605  0.97 29.08 ? 34   HOH A O      1 
HETATM 925  O O      . HOH B 2 .  ? -9.452  -7.780  2.757   1.00 19.18 ? 35   HOH A O      1 
HETATM 926  O O      . HOH B 2 .  ? -11.810 5.079   3.865   1.00 18.09 ? 36   HOH A O      1 
HETATM 927  O O      . HOH B 2 .  ? -14.783 -1.752  -15.204 1.00 16.43 ? 37   HOH A O      1 
HETATM 928  O O      . HOH B 2 .  ? 14.486  -0.197  9.524   1.00 25.75 ? 38   HOH A O      1 
HETATM 929  O O      . HOH B 2 .  ? 2.497   -2.016  12.483  1.00 23.55 ? 39   HOH A O      1 
HETATM 930  O O      . HOH B 2 .  ? -14.975 0.233   -8.410  1.00 22.44 ? 40   HOH A O      1 
HETATM 931  O O      . HOH B 2 .  ? 0.670   1.447   5.613   1.00 21.57 ? 41   HOH A O      1 
HETATM 932  O O      . HOH B 2 .  ? -4.917  -4.006  -6.541  1.00 20.06 ? 42   HOH A O      1 
HETATM 933  O O      . HOH B 2 .  ? -15.494 0.712   -12.209 1.00 23.78 ? 43   HOH A O      1 
HETATM 934  O O      . HOH B 2 .  ? 1.025   -4.473  -3.767  1.00 21.23 ? 44   HOH A O      1 
HETATM 935  O O      . HOH B 2 .  ? -2.846  8.122   -2.535  0.87 40.91 ? 45   HOH A O      1 
HETATM 936  O O      . HOH B 2 .  ? 17.354  7.032   8.587   1.00 23.49 ? 46   HOH A O      1 
HETATM 937  O O      . HOH B 2 .  ? -5.418  1.896   6.306   0.87 18.92 ? 47   HOH A O      1 
HETATM 938  O O      . HOH B 2 .  ? -5.063  10.830  7.736   0.97 24.92 ? 48   HOH A O      1 
HETATM 939  O O      . HOH B 2 .  ? -4.702  4.775   8.508   1.00 23.26 ? 49   HOH A O      1 
HETATM 940  O O      . HOH B 2 .  ? -2.359  -9.261  0.569   0.95 31.16 ? 50   HOH A O      1 
HETATM 941  O O      . HOH B 2 .  ? -14.445 -1.979  1.074   1.00 31.30 ? 51   HOH A O      1 
HETATM 942  O O      . HOH B 2 .  ? -11.782 -9.006  3.340   1.00 21.56 ? 52   HOH A O      1 
HETATM 943  O O      . HOH B 2 .  ? 19.916  3.905   -5.221  0.97 25.26 ? 53   HOH A O      1 
HETATM 944  O O      . HOH B 2 .  ? 1.218   10.683  -7.160  1.00 34.35 ? 54   HOH A O      1 
HETATM 945  O O      . HOH B 2 .  ? -12.271 -5.216  3.590   1.00 26.45 ? 55   HOH A O      1 
HETATM 946  O O      . HOH B 2 .  ? 14.173  4.046   1.859   1.00 23.35 ? 56   HOH A O      1 
HETATM 947  O O      . HOH B 2 .  ? -3.072  9.237   9.797   1.00 22.41 ? 57   HOH A O      1 
HETATM 948  O O      . HOH B 2 .  ? -3.088  -3.278  3.430   1.00 29.52 ? 58   HOH A O      1 
HETATM 949  O O      . HOH B 2 .  ? 0.814   -1.895  -9.608  0.81 27.35 ? 59   HOH A O      1 
HETATM 950  O O      . HOH B 2 .  ? 8.556   6.783   -4.313  0.75 21.89 ? 60   HOH A O      1 
HETATM 951  O O      . HOH B 2 .  ? 4.992   -0.272  2.028   1.00 30.96 ? 61   HOH A O      1 
HETATM 952  O O      . HOH B 2 .  ? -18.257 -7.404  1.587   1.00 24.82 ? 62   HOH A O      1 
HETATM 953  O O      . HOH B 2 .  ? 4.410   -1.668  4.882   0.73 14.89 ? 63   HOH A O      1 
HETATM 954  O O      . HOH B 2 .  ? 0.886   -4.328  -0.872  1.00 30.14 ? 64   HOH A O      1 
HETATM 955  O O      . HOH B 2 .  ? -10.733 -8.724  -9.263  1.00 27.10 ? 65   HOH A O      1 
HETATM 956  O O      . HOH B 2 .  ? 8.961   6.331   -10.605 1.00 26.66 ? 66   HOH A O      1 
HETATM 957  O O      . HOH B 2 .  ? -14.747 -10.563 3.280   1.00 31.23 ? 67   HOH A O      1 
HETATM 958  O O      . HOH B 2 .  ? -15.932 -9.639  -13.105 0.64 16.44 ? 68   HOH A O      1 
HETATM 959  O O      . HOH B 2 .  ? -18.781 -5.745  -0.266  0.91 25.92 ? 69   HOH A O      1 
HETATM 960  O O      . HOH B 2 .  ? -3.891  2.056   9.741   1.00 28.96 ? 70   HOH A O      1 
HETATM 961  O O      . HOH B 2 .  ? -8.660  -5.161  -9.187  1.00 25.03 ? 71   HOH A O      1 
HETATM 962  O O      . HOH B 2 .  ? -14.036 -13.307 -11.444 1.00 34.90 ? 72   HOH A O      1 
HETATM 963  O O      . HOH B 2 .  ? 7.296   -1.871  2.541   1.00 26.27 ? 73   HOH A O      1 
HETATM 964  O O      . HOH B 2 .  ? -15.874 -0.579  -2.562  1.00 30.75 ? 74   HOH A O      1 
HETATM 965  O O      . HOH B 2 .  ? -12.154 -12.138 5.741   0.95 26.84 ? 75   HOH A O      1 
HETATM 966  O O      . HOH B 2 .  ? 6.941   0.490   -1.211  1.00 33.42 ? 76   HOH A O      1 
HETATM 967  O O      . HOH B 2 .  ? -13.670 -6.833  1.718   1.00 26.22 ? 77   HOH A O      1 
HETATM 968  O O      . HOH B 2 .  ? 7.306   3.665   -11.012 1.00 33.15 ? 78   HOH A O      1 
HETATM 969  O O      . HOH B 2 .  ? 12.743  -7.534  -7.957  0.89 27.75 ? 79   HOH A O      1 
HETATM 970  O O      . HOH B 2 .  ? 18.132  -3.288  0.784   1.00 26.38 ? 80   HOH A O      1 
HETATM 971  O O      . HOH B 2 .  ? 10.034  9.039   -7.502  1.00 26.94 ? 81   HOH A O      1 
HETATM 972  O O      . HOH B 2 .  ? -6.178  -5.113  -8.695  1.00 33.09 ? 82   HOH A O      1 
HETATM 973  O O      . HOH B 2 .  ? 10.827  -1.509  -0.894  0.89 29.56 ? 83   HOH A O      1 
HETATM 974  O O      . HOH B 2 .  ? 9.381   4.768   10.628  1.00 24.01 ? 84   HOH A O      1 
HETATM 975  O O      . HOH B 2 .  ? -4.885  -1.935  5.039   0.98 25.20 ? 85   HOH A O      1 
HETATM 976  O O      . HOH B 2 .  ? -0.325  -3.394  -7.572  0.86 25.03 ? 86   HOH A O      1 
HETATM 977  O O      . HOH B 2 .  ? 17.975  6.143   6.085   1.00 18.24 ? 87   HOH A O      1 
HETATM 978  O O      . HOH B 2 .  ? 14.021  -5.893  -5.189  1.00 26.43 ? 88   HOH A O      1 
HETATM 979  O O      . HOH B 2 .  ? -2.227  -7.039  2.694   1.00 35.66 ? 89   HOH A O      1 
HETATM 980  O O      . HOH B 2 .  ? -16.934 2.865   -5.360  1.00 37.78 ? 90   HOH A O      1 
HETATM 981  O O      . HOH B 2 .  ? -7.499  -11.567 4.138   1.00 35.96 ? 91   HOH A O      1 
HETATM 982  O O      . HOH B 2 .  ? -4.273  -0.450  8.995   0.50 26.89 ? 92   HOH A O      1 
HETATM 983  O O      . HOH B 2 .  ? 16.593  -6.459  -6.198  1.00 36.37 ? 93   HOH A O      1 
HETATM 984  O O      . HOH B 2 .  ? 7.005   -6.989  1.516   1.00 31.10 ? 94   HOH A O      1 
HETATM 985  O O      . HOH B 2 .  ? -8.682  -7.826  -7.493  1.00 29.59 ? 95   HOH A O      1 
HETATM 986  O O      . HOH B 2 .  ? -1.171  -1.615  2.603   1.00 24.58 ? 96   HOH A O      1 
HETATM 987  O O      . HOH B 2 .  ? 14.531  8.375   3.617   1.00 37.10 ? 97   HOH A O      1 
HETATM 988  O O      . HOH B 2 .  ? 16.112  4.438   -1.650  1.00 29.92 ? 98   HOH A O      1 
HETATM 989  O O      . HOH B 2 .  ? -1.709  -0.141  7.891   1.00 40.20 ? 99   HOH A O      1 
HETATM 990  O O      . HOH B 2 .  ? -0.898  -1.517  10.184  1.00 37.53 ? 100  HOH A O      1 
HETATM 991  O O      . HOH B 2 .  ? -9.009  -6.712  5.687   1.00 29.40 ? 101  HOH A O      1 
HETATM 992  O O      . HOH B 2 .  ? 9.380   -8.563  -1.032  1.00 37.68 ? 102  HOH A O      1 
HETATM 993  O O      . HOH B 2 .  ? 5.153   -3.435  -0.113  1.00 29.76 ? 103  HOH A O      1 
HETATM 994  O O      . HOH B 2 .  ? 5.621   -2.301  -4.810  0.86 29.13 ? 104  HOH A O      1 
HETATM 995  O O      . HOH B 2 .  ? 17.593  5.194   -4.216  1.00 35.34 ? 105  HOH A O      1 
HETATM 996  O O      . HOH B 2 .  ? -8.092  8.407   6.234   1.00 26.26 ? 106  HOH A O      1 
HETATM 997  O O      . HOH B 2 .  ? -14.547 5.957   -6.587  1.00 32.94 ? 107  HOH A O      1 
HETATM 998  O O      . HOH B 2 .  ? -6.736  -9.333  -7.851  1.00 37.28 ? 108  HOH A O      1 
HETATM 999  O O      . HOH B 2 .  ? -0.304  9.610   -5.510  1.00 24.56 ? 109  HOH A O      1 
HETATM 1000 O O      . HOH B 2 .  ? -8.006  -9.189  -4.703  1.00 33.84 ? 110  HOH A O      1 
HETATM 1001 O O      . HOH B 2 .  ? 10.571  2.110   10.913  1.00 26.78 ? 111  HOH A O      1 
HETATM 1002 O O      . HOH B 2 .  ? 12.851  1.453   12.602  0.98 22.28 ? 112  HOH A O      1 
HETATM 1003 O O      . HOH B 2 .  ? 4.567   -4.527  2.341   1.00 43.21 ? 113  HOH A O      1 
HETATM 1004 O O      . HOH B 2 .  ? -5.235  9.413   -2.347  1.00 14.83 ? 114  HOH A O      1 
HETATM 1005 O O      . HOH B 2 .  ? -3.600  8.977   -4.694  1.00 19.08 ? 115  HOH A O      1 
HETATM 1006 O O      . HOH B 2 .  ? -7.147  7.427   -2.665  1.00 24.24 ? 116  HOH A O      1 
HETATM 1007 O O      . HOH B 2 .  ? -4.062  7.367   -7.538  1.00 38.84 ? 117  HOH A O      1 
HETATM 1008 O O      . HOH B 2 .  ? 14.620  7.249   0.174   1.00 42.64 ? 118  HOH A O      1 
HETATM 1009 O O      . HOH B 2 .  ? 10.041  8.957   -1.860  0.97 31.54 ? 119  HOH A O      1 
HETATM 1010 O O      . HOH B 2 .  ? -4.251  9.548   -6.952  1.00 40.25 ? 120  HOH A O      1 
HETATM 1011 O O      . HOH B 2 .  ? 9.612   5.808   0.136   1.00 41.44 ? 121  HOH A O      1 
HETATM 1012 O O      . HOH B 2 .  ? 0.866   -1.068  5.741   1.00 28.00 ? 122  HOH A O      1 
HETATM 1013 O O      . HOH B 2 .  ? 11.966  10.234  4.474   0.87 24.54 ? 123  HOH A O      1 
HETATM 1014 O O      . HOH B 2 .  ? -3.685  -10.421 3.617   1.00 31.29 ? 124  HOH A O      1 
HETATM 1015 O O      . HOH B 2 .  ? -3.007  -6.267  -4.985  1.00 37.80 ? 125  HOH A O      1 
HETATM 1016 O O      . HOH B 2 .  ? 19.059  -2.301  5.961   1.00 31.97 ? 126  HOH A O      1 
HETATM 1017 O O      . HOH B 2 .  ? -16.083 1.287   0.799   0.92 29.17 ? 127  HOH A O      1 
HETATM 1018 O O      . HOH B 2 .  ? -18.068 -2.337  -4.624  1.00 26.51 ? 128  HOH A O      1 
HETATM 1019 O O      . HOH B 2 .  ? 11.788  7.186   2.018   1.00 29.82 ? 129  HOH A O      1 
HETATM 1020 O O      . HOH B 2 .  ? 2.902   -1.475  2.922   1.00 40.61 ? 131  HOH A O      1 
HETATM 1021 O O      . HOH B 2 .  ? 12.047  14.425  3.716   1.00 42.04 ? 132  HOH A O      1 
HETATM 1022 O O      . HOH B 2 .  ? -4.818  7.082   10.322  1.00 35.77 ? 134  HOH A O      1 
HETATM 1023 O O      . HOH B 2 .  ? 13.604  2.122   -0.135  0.83 29.99 ? 136  HOH A O      1 
HETATM 1024 O O      . HOH B 2 .  ? 6.868   0.167   -9.455  0.78 26.37 ? 137  HOH A O      1 
HETATM 1025 O O      . HOH B 2 .  ? -19.844 -2.989  -7.435  1.00 32.22 ? 138  HOH A O      1 
HETATM 1026 O O      . HOH B 2 .  ? 19.531  7.649   11.744  0.98 33.03 ? 140  HOH A O      1 
HETATM 1027 O O      . HOH B 2 .  ? 12.631  10.658  1.808   0.97 50.58 ? 141  HOH A O      1 
HETATM 1028 O O      . HOH B 2 .  ? -9.320  -11.360 -8.826  1.00 23.43 ? 142  HOH A O      1 
HETATM 1029 O O      . HOH B 2 .  ? 11.217  16.850  2.838   0.90 36.51 ? 143  HOH A O      1 
HETATM 1030 O O      . HOH B 2 .  ? -1.487  7.567   -9.045  1.00 35.81 ? 144  HOH A O      1 
HETATM 1031 O O      . HOH B 2 .  ? -4.953  4.029   -9.069  0.94 30.29 ? 145  HOH A O      1 
HETATM 1032 O O      . HOH B 2 .  ? -15.886 2.847   -1.611  1.00 27.29 ? 146  HOH A O      1 
HETATM 1033 O O      . HOH B 2 .  ? 8.053   4.199   -4.283  0.90 30.56 ? 148  HOH A O      1 
HETATM 1034 O O      . HOH B 2 .  ? 17.613  8.357   13.299  0.78 34.00 ? 149  HOH A O      1 
HETATM 1035 O O      . HOH B 2 .  ? -7.738  -0.631  6.556   0.93 36.71 ? 150  HOH A O      1 
HETATM 1036 O O      . HOH B 2 .  ? 11.042  -5.284  -8.011  0.97 35.51 ? 151  HOH A O      1 
HETATM 1037 O O      . HOH B 2 .  ? -0.969  8.706   -3.890  1.00 23.94 ? 152  HOH A O      1 
HETATM 1038 O O      . HOH B 2 .  ? 9.720   8.456   0.601   0.94 38.07 ? 153  HOH A O      1 
HETATM 1039 O O      . HOH B 2 .  ? -15.976 -5.922  2.571   1.00 32.84 ? 154  HOH A O      1 
HETATM 1040 O O      . HOH B 2 .  ? -6.015  -9.389  -4.259  0.83 24.01 ? 155  HOH A O      1 
HETATM 1041 O O      . HOH B 2 .  ? -3.949  -9.600  -4.602  1.00 32.26 ? 156  HOH A O      1 
HETATM 1042 O O      . HOH B 2 .  ? -5.977  -7.007  -5.605  1.00 31.21 ? 157  HOH A O      1 
HETATM 1043 O O      . HOH B 2 .  ? 13.995  -4.100  8.108   1.00 34.11 ? 158  HOH A O      1 
HETATM 1044 O O      . HOH B 2 .  ? 5.875   -4.896  -2.603  1.00 35.11 ? 159  HOH A O      1 
HETATM 1045 O O      . HOH B 2 .  ? -21.323 -5.294  -3.701  0.80 35.06 ? 160  HOH A O      1 
HETATM 1046 O O      . HOH B 2 .  ? 16.835  6.655   1.676   1.00 33.47 ? 161  HOH A O      1 
HETATM 1047 O O      . HOH B 2 .  ? 23.233  -0.116  11.549  0.93 32.22 ? 162  HOH A O      1 
HETATM 1048 O O      . HOH B 2 .  ? 10.121  0.995   -0.643  0.93 32.37 ? 163  HOH A O      1 
HETATM 1049 O O      . HOH B 2 .  ? 11.246  3.381   -0.482  1.00 33.07 ? 164  HOH A O      1 
HETATM 1050 O O      . HOH B 2 .  ? -5.770  -7.956  4.349   0.86 24.96 ? 165  HOH A O      1 
HETATM 1051 O O      . HOH B 2 .  ? -7.137  1.841   8.901   0.84 22.48 ? 166  HOH A O      1 
HETATM 1052 O O      . HOH B 2 .  ? 9.941   -8.517  5.565   1.00 35.50 ? 167  HOH A O      1 
# 
loop_
_atom_site_anisotrop.id 
_atom_site_anisotrop.type_symbol 
_atom_site_anisotrop.pdbx_label_atom_id 
_atom_site_anisotrop.pdbx_label_alt_id 
_atom_site_anisotrop.pdbx_label_comp_id 
_atom_site_anisotrop.pdbx_label_asym_id 
_atom_site_anisotrop.pdbx_label_seq_id 
_atom_site_anisotrop.pdbx_PDB_ins_code 
_atom_site_anisotrop.U[1][1] 
_atom_site_anisotrop.U[2][2] 
_atom_site_anisotrop.U[3][3] 
_atom_site_anisotrop.U[1][2] 
_atom_site_anisotrop.U[1][3] 
_atom_site_anisotrop.U[2][3] 
_atom_site_anisotrop.pdbx_auth_seq_id 
_atom_site_anisotrop.pdbx_auth_comp_id 
_atom_site_anisotrop.pdbx_auth_asym_id 
_atom_site_anisotrop.pdbx_auth_atom_id 
1    O "O5'" . U   A 1  ? 0.3131 0.4112 0.2745 -0.0287 0.0437  0.0131  2647 U   A "O5'" 
2    C "C5'" . U   A 1  ? 0.2945 0.3971 0.2544 -0.0246 0.0249  0.0061  2647 U   A "C5'" 
3    C "C4'" . U   A 1  ? 0.2711 0.3898 0.2346 -0.0394 0.0096  -0.0024 2647 U   A "C4'" 
4    O "O4'" . U   A 1  ? 0.2663 0.4018 0.2299 -0.0469 -0.0121 0.0019  2647 U   A "O4'" 
5    C "C3'" . U   A 1  ? 0.2420 0.3529 0.2212 -0.0339 0.0218  -0.0125 2647 U   A "C3'" 
6    O "O3'" A U   A 1  ? 0.2648 0.3667 0.2380 -0.0464 0.0370  -0.0031 2647 U   A "O3'" 
7    O "O3'" B U   A 1  ? 0.1967 0.2814 0.1848 -0.0198 0.0312  -0.0267 2647 U   A "O3'" 
8    C "C2'" . U   A 1  ? 0.2430 0.3625 0.2180 -0.0358 -0.0036 -0.0202 2647 U   A "C2'" 
9    O "O2'" . U   A 1  ? 0.2294 0.3519 0.2167 -0.0240 -0.0157 -0.0319 2647 U   A "O2'" 
10   C "C1'" . U   A 1  ? 0.2313 0.3925 0.2132 -0.0485 -0.0187 -0.0161 2647 U   A "C1'" 
11   N N1    . U   A 1  ? 0.2067 0.3907 0.1845 -0.0667 -0.0399 -0.0398 2647 U   A N1    
12   C C2    . U   A 1  ? 0.2071 0.3832 0.1737 -0.0623 -0.0502 -0.0597 2647 U   A C2    
13   O O2    . U   A 1  ? 0.2469 0.3725 0.1760 -0.0750 -0.0548 -0.0649 2647 U   A O2    
14   N N3    . U   A 1  ? 0.2013 0.3835 0.1665 -0.0545 -0.0442 -0.0680 2647 U   A N3    
15   C C4    . U   A 1  ? 0.1797 0.3998 0.1674 -0.0554 -0.0408 -0.0671 2647 U   A C4    
16   O O4    . U   A 1  ? 0.1956 0.4211 0.1686 -0.0484 -0.0204 -0.0797 2647 U   A O4    
17   C C5    . U   A 1  ? 0.1853 0.4159 0.1685 -0.0564 -0.0495 -0.0495 2647 U   A C5    
18   C C6    . U   A 1  ? 0.1650 0.4017 0.1781 -0.0552 -0.0541 -0.0321 2647 U   A C6    
22   P P     A G   A 2  ? 0.2896 0.3660 0.2485 -0.0513 0.0320  0.0199  2648 G   A P     
23   P P     B G   A 2  ? 0.1495 0.2072 0.1460 -0.0056 0.0286  -0.0339 2648 G   A P     
24   O OP1   A G   A 2  ? 0.3136 0.3631 0.2488 -0.0419 0.0328  0.0123  2648 G   A OP1   
25   O OP1   B G   A 2  ? 0.1662 0.1842 0.1327 -0.0034 0.0376  -0.0527 2648 G   A OP1   
26   O OP2   A G   A 2  ? 0.3069 0.3818 0.2492 -0.0691 0.0337  0.0216  2648 G   A OP2   
27   O OP2   B G   A 2  ? 0.1719 0.1869 0.1529 0.0162  0.0477  -0.0251 2648 G   A OP2   
28   O "O5'" A G   A 2  ? 0.2670 0.3158 0.2363 -0.0315 0.0291  0.0150  2648 G   A "O5'" 
29   O "O5'" B G   A 2  ? 0.0841 0.1810 0.1455 0.0201  0.0318  -0.0303 2648 G   A "O5'" 
30   C "C5'" A G   A 2  ? 0.2121 0.2408 0.2176 -0.0233 0.0210  0.0051  2648 G   A "C5'" 
31   C "C5'" B G   A 2  ? 0.0853 0.1223 0.1468 0.0082  0.0275  -0.0367 2648 G   A "C5'" 
32   C "C4'" A G   A 2  ? 0.1586 0.1666 0.1952 -0.0130 0.0039  -0.0078 2648 G   A "C4'" 
33   C "C4'" B G   A 2  ? 0.0734 0.0996 0.1529 0.0127  0.0223  -0.0356 2648 G   A "C4'" 
34   O "O4'" A G   A 2  ? 0.1658 0.1409 0.1897 0.0031  0.0004  -0.0095 2648 G   A "O4'" 
35   O "O4'" B G   A 2  ? 0.0744 0.1353 0.1642 0.0177  0.0096  -0.0287 2648 G   A "O4'" 
36   C "C3'" A G   A 2  ? 0.1324 0.1492 0.1831 -0.0063 -0.0026 -0.0090 2648 G   A "C3'" 
37   C "C3'" B G   A 2  ? 0.1027 0.1039 0.1474 0.0370  0.0228  -0.0366 2648 G   A "C3'" 
38   O "O3'" A G   A 2  ? 0.1088 0.1150 0.1677 0.0073  -0.0001 -0.0205 2648 G   A "O3'" 
39   O "O3'" B G   A 2  ? 0.1328 0.1267 0.1331 0.0135  0.0279  -0.0431 2648 G   A "O3'" 
40   C "C2'" A G   A 2  ? 0.1111 0.1751 0.1862 -0.0045 -0.0056 -0.0043 2648 G   A "C2'" 
41   C "C2'" B G   A 2  ? 0.1228 0.1108 0.1617 0.0538  0.0114  -0.0254 2648 G   A "C2'" 
42   O "O2'" A G   A 2  ? 0.0794 0.1781 0.1873 -0.0115 0.0069  -0.0099 2648 G   A "O2'" 
43   O "O2'" B G   A 2  ? 0.1593 0.1037 0.1676 0.0688  0.0137  -0.0221 2648 G   A "O2'" 
44   C "C1'" A G   A 2  ? 0.1484 0.1643 0.1887 0.0076  -0.0074 -0.0010 2648 G   A "C1'" 
45   C "C1'" B G   A 2  ? 0.0967 0.1201 0.1701 0.0326  0.0064  -0.0183 2648 G   A "C1'" 
46   N N9    A G   A 2  ? 0.1358 0.1790 0.1906 0.0178  -0.0117 0.0152  2648 G   A N9    
47   N N9    B G   A 2  ? 0.0995 0.1104 0.1821 0.0346  0.0013  -0.0053 2648 G   A N9    
48   C C8    A G   A 2  ? 0.1183 0.1887 0.1926 0.0117  -0.0117 0.0194  2648 G   A C8    
49   C C8    B G   A 2  ? 0.1043 0.0810 0.1838 0.0354  0.0010  -0.0003 2648 G   A C8    
50   N N7    A G   A 2  ? 0.0970 0.2098 0.1947 0.0159  -0.0119 0.0176  2648 G   A N7    
51   N N7    B G   A 2  ? 0.0969 0.0602 0.1639 0.0317  -0.0085 0.0054  2648 G   A N7    
52   C C5    A G   A 2  ? 0.0824 0.2046 0.1939 0.0128  -0.0110 0.0195  2648 G   A C5    
53   C C5    B G   A 2  ? 0.0959 0.0789 0.1816 0.0409  -0.0044 0.0026  2648 G   A C5    
54   C C6    A G   A 2  ? 0.0890 0.1802 0.1952 0.0098  -0.0009 0.0238  2648 G   A C6    
55   C C6    B G   A 2  ? 0.0786 0.0955 0.1911 0.0027  -0.0136 0.0036  2648 G   A C6    
56   O O6    A G   A 2  ? 0.1072 0.1475 0.1953 -0.0129 0.0002  0.0292  2648 G   A O6    
57   O O6    B G   A 2  ? 0.0568 0.1128 0.1803 -0.0270 -0.0091 -0.0037 2648 G   A O6    
58   N N1    A G   A 2  ? 0.0915 0.1588 0.1956 0.0285  0.0089  0.0207  2648 G   A N1    
59   N N1    B G   A 2  ? 0.0666 0.0885 0.1892 0.0100  -0.0231 0.0111  2648 G   A N1    
60   C C2    A G   A 2  ? 0.1152 0.1574 0.1928 0.0404  -0.0051 0.0248  2648 G   A C2    
61   C C2    B G   A 2  ? 0.1076 0.0826 0.1915 0.0207  -0.0181 0.0020  2648 G   A C2    
62   N N2    A G   A 2  ? 0.1423 0.1291 0.1948 0.0478  -0.0051 0.0247  2648 G   A N2    
63   N N2    B G   A 2  ? 0.1173 0.0795 0.1928 0.0250  -0.0323 0.0093  2648 G   A N2    
64   N N3    A G   A 2  ? 0.1191 0.1939 0.1909 0.0332  -0.0164 0.0256  2648 G   A N3    
65   N N3    B G   A 2  ? 0.1096 0.0733 0.1887 0.0331  -0.0099 -0.0025 2648 G   A N3    
66   C C4    A G   A 2  ? 0.1100 0.1948 0.1920 0.0258  -0.0095 0.0205  2648 G   A C4    
67   C C4    B G   A 2  ? 0.0913 0.0954 0.1853 0.0363  -0.0058 -0.0051 2648 G   A C4    
88   P P     A C   A 3  ? 0.1191 0.1407 0.1551 -0.0004 -0.0001 -0.0383 2649 C   A P     
89   P P     B C   A 3  ? 0.1666 0.1373 0.1354 -0.0083 0.0457  -0.0300 2649 C   A P     
90   O OP1   A C   A 3  ? 0.0841 0.1507 0.1620 -0.0506 0.0011  -0.0358 2649 C   A OP1   
91   O OP1   B C   A 3  ? 0.1796 0.1433 0.1339 -0.0032 0.0542  -0.0405 2649 C   A OP1   
92   O OP2   A C   A 3  ? 0.1183 0.1605 0.1630 0.0289  0.0003  -0.0303 2649 C   A OP2   
93   O OP2   B C   A 3  ? 0.1448 0.1530 0.1570 0.0010  0.0382  0.0015  2649 C   A OP2   
94   O "O5'" A C   A 3  ? 0.1350 0.1074 0.1421 0.0139  -0.0021 -0.0276 2649 C   A "O5'" 
95   O "O5'" B C   A 3  ? 0.2239 0.0864 0.1295 0.0103  0.0509  -0.0299 2649 C   A "O5'" 
96   C "C5'" A C   A 3  ? 0.1342 0.0910 0.1293 0.0249  -0.0060 -0.0296 2649 C   A "C5'" 
97   C "C5'" B C   A 3  ? 0.2365 0.0941 0.1304 0.0254  0.0428  -0.0215 2649 C   A "C5'" 
98   C "C4'" A C   A 3  ? 0.1272 0.1075 0.1261 0.0103  0.0002  -0.0256 2649 C   A "C4'" 
99   C "C4'" B C   A 3  ? 0.2353 0.0965 0.1267 0.0197  0.0379  -0.0154 2649 C   A "C4'" 
100  O "O4'" A C   A 3  ? 0.1371 0.1077 0.1332 0.0025  -0.0011 -0.0118 2649 C   A "O4'" 
101  O "O4'" B C   A 3  ? 0.2132 0.0990 0.1273 0.0354  0.0401  -0.0073 2649 C   A "O4'" 
102  C "C3'" A C   A 3  ? 0.1366 0.1000 0.1173 0.0275  -0.0068 -0.0216 2649 C   A "C3'" 
103  C "C3'" B C   A 3  ? 0.2250 0.1069 0.1188 -0.0164 0.0242  -0.0168 2649 C   A "C3'" 
104  O "O3'" A C   A 3  ? 0.1329 0.0986 0.1019 0.0287  -0.0113 -0.0238 2649 C   A "O3'" 
105  O "O3'" B C   A 3  ? 0.2530 0.1104 0.1136 -0.0607 0.0268  -0.0186 2649 C   A "O3'" 
106  C "C2'" A C   A 3  ? 0.1560 0.1146 0.1246 0.0237  -0.0007 -0.0195 2649 C   A "C2'" 
107  C "C2'" B C   A 3  ? 0.2247 0.1162 0.1228 0.0112  0.0241  -0.0026 2649 C   A "C2'" 
108  O "O2'" A C   A 3  ? 0.1565 0.1140 0.1174 0.0246  0.0002  -0.0382 2649 C   A "O2'" 
109  O "O2'" B C   A 3  ? 0.2359 0.1505 0.1258 -0.0008 0.0310  0.0020  2649 C   A "O2'" 
110  C "C1'" A C   A 3  ? 0.1452 0.1221 0.1350 0.0064  -0.0082 -0.0087 2649 C   A "C1'" 
111  C "C1'" B C   A 3  ? 0.1889 0.0941 0.1213 0.0276  0.0231  -0.0045 2649 C   A "C1'" 
112  N N1    A C   A 3  ? 0.1397 0.1055 0.1426 -0.0054 -0.0188 -0.0019 2649 C   A N1    
113  N N1    B C   A 3  ? 0.1085 0.1168 0.1206 0.0173  0.0107  -0.0128 2649 C   A N1    
114  C C2    A C   A 3  ? 0.1225 0.1218 0.1402 -0.0112 -0.0347 -0.0054 2649 C   A C2    
115  C C2    B C   A 3  ? 0.0676 0.1077 0.1231 0.0250  0.0010  -0.0102 2649 C   A C2    
116  O O2    A C   A 3  ? 0.1222 0.1454 0.1390 -0.0247 -0.0506 0.0029  2649 C   A O2    
117  O O2    B C   A 3  ? 0.0699 0.1094 0.1211 0.0185  -0.0036 -0.0129 2649 C   A O2    
118  N N3    A C   A 3  ? 0.0922 0.1439 0.1471 0.0036  -0.0339 -0.0032 2649 C   A N3    
119  N N3    B C   A 3  ? 0.0750 0.1056 0.1267 0.0221  0.0035  -0.0093 2649 C   A N3    
120  C C4    A C   A 3  ? 0.0835 0.1626 0.1524 -0.0033 -0.0249 -0.0033 2649 C   A C4    
121  C C4    B C   A 3  ? 0.0775 0.1042 0.1319 0.0122  0.0075  -0.0104 2649 C   A C4    
122  N N4    A C   A 3  ? 0.1025 0.1570 0.1510 0.0093  -0.0307 -0.0079 2649 C   A N4    
123  N N4    B C   A 3  ? 0.0808 0.0793 0.1354 -0.0112 0.0206  -0.0164 2649 C   A N4    
124  C C5    A C   A 3  ? 0.1143 0.1653 0.1553 -0.0139 -0.0117 -0.0052 2649 C   A C5    
125  C C5    B C   A 3  ? 0.0484 0.1228 0.1325 -0.0006 0.0030  -0.0063 2649 C   A C5    
126  C C6    A C   A 3  ? 0.1403 0.1371 0.1538 -0.0055 -0.0081 -0.0002 2649 C   A C6    
127  C C6    B C   A 3  ? 0.0528 0.1365 0.1252 0.0185  0.0090  -0.0080 2649 C   A C6    
150  P P     A U   A 4  ? 0.1164 0.1020 0.0953 0.0112  0.0048  -0.0176 2650 U   A P     
151  P P     B U   A 4  ? 0.2898 0.1050 0.1111 -0.0600 0.0363  -0.0255 2650 U   A P     
152  O OP1   A U   A 4  ? 0.1340 0.0645 0.0850 -0.0094 0.0224  -0.0356 2650 U   A OP1   
153  O OP1   B U   A 4  ? 0.3214 0.1308 0.1165 -0.0674 0.0404  -0.0283 2650 U   A OP1   
154  O OP2   A U   A 4  ? 0.1048 0.1479 0.0948 0.0082  -0.0049 -0.0101 2650 U   A OP2   
155  O OP2   B U   A 4  ? 0.2880 0.1389 0.1020 -0.0466 0.0167  -0.0394 2650 U   A OP2   
156  O "O5'" A U   A 4  ? 0.0961 0.1404 0.1032 0.0347  0.0070  0.0030  2650 U   A "O5'" 
157  O "O5'" B U   A 4  ? 0.2641 0.1465 0.1099 -0.0294 0.0362  -0.0168 2650 U   A "O5'" 
158  C "C5'" A U   A 4  ? 0.1685 0.1584 0.1180 0.0244  0.0287  0.0103  2650 U   A "C5'" 
159  C "C5'" B U   A 4  ? 0.2536 0.1648 0.1199 -0.0075 0.0403  0.0059  2650 U   A "C5'" 
160  C "C4'" . U   A 4  ? 0.2109 0.1556 0.1156 0.0237  0.0337  0.0021  2650 U   A "C4'" 
161  O "O4'" . U   A 4  ? 0.1849 0.1588 0.1042 0.0402  0.0032  -0.0111 2650 U   A "O4'" 
162  C "C3'" . U   A 4  ? 0.2163 0.1640 0.1207 0.0263  0.0546  -0.0022 2650 U   A "C3'" 
163  O "O3'" . U   A 4  ? 0.2254 0.1834 0.1450 -0.0019 0.0861  -0.0076 2650 U   A "O3'" 
164  C "C2'" . U   A 4  ? 0.1942 0.1502 0.0996 0.0450  0.0299  -0.0127 2650 U   A "C2'" 
165  O "O2'" . U   A 4  ? 0.2440 0.1466 0.0934 0.0686  0.0189  -0.0010 2650 U   A "O2'" 
166  C "C1'" . U   A 4  ? 0.1629 0.1385 0.0971 0.0265  0.0042  -0.0227 2650 U   A "C1'" 
167  N N1    . U   A 4  ? 0.1111 0.1506 0.0995 -0.0121 -0.0102 -0.0287 2650 U   A N1    
168  C C2    . U   A 4  ? 0.0767 0.1308 0.1053 0.0060  -0.0147 -0.0230 2650 U   A C2    
169  O O2    . U   A 4  ? 0.0841 0.1556 0.1108 -0.0072 -0.0114 -0.0297 2650 U   A O2    
170  N N3    . U   A 4  ? 0.0707 0.1268 0.1098 -0.0072 -0.0024 -0.0230 2650 U   A N3    
171  C C4    . U   A 4  ? 0.0733 0.1242 0.1111 0.0135  0.0124  -0.0241 2650 U   A C4    
172  O O4    . U   A 4  ? 0.1014 0.1783 0.1199 0.0162  0.0116  -0.0013 2650 U   A O4    
173  C C5    . U   A 4  ? 0.0627 0.1283 0.1099 -0.0150 0.0025  -0.0244 2650 U   A C5    
174  C C6    . U   A 4  ? 0.0671 0.1339 0.1088 -0.0433 0.0003  -0.0325 2650 U   A C6    
178  P P     . C   A 5  ? 0.2449 0.1616 0.1526 -0.0558 0.0886  -0.0288 2651 C   A P     
179  O OP1   . C   A 5  ? 0.2895 0.1642 0.1753 -0.0838 0.0970  -0.0359 2651 C   A OP1   
180  O OP2   . C   A 5  ? 0.2635 0.2189 0.1622 -0.0668 0.0718  -0.0464 2651 C   A OP2   
181  O "O5'" . C   A 5  ? 0.1660 0.1401 0.1142 -0.0483 0.0417  -0.0077 2651 C   A "O5'" 
182  C "C5'" . C   A 5  ? 0.1206 0.1066 0.0962 -0.0372 0.0127  -0.0130 2651 C   A "C5'" 
183  C "C4'" . C   A 5  ? 0.1171 0.0784 0.0867 -0.0124 0.0024  -0.0014 2651 C   A "C4'" 
184  O "O4'" . C   A 5  ? 0.0900 0.1182 0.0863 0.0064  -0.0095 0.0278  2651 C   A "O4'" 
185  C "C3'" . C   A 5  ? 0.1093 0.0922 0.0909 0.0026  0.0116  0.0154  2651 C   A "C3'" 
186  O "O3'" . C   A 5  ? 0.0933 0.1495 0.0996 -0.0201 0.0219  0.0187  2651 C   A "O3'" 
187  C "C2'" . C   A 5  ? 0.0836 0.1111 0.0943 -0.0027 -0.0023 0.0159  2651 C   A "C2'" 
188  O "O2'" . C   A 5  ? 0.1046 0.1474 0.1122 -0.0077 0.0030  0.0212  2651 C   A "O2'" 
189  C "C1'" . C   A 5  ? 0.0729 0.1138 0.0848 0.0062  -0.0102 0.0174  2651 C   A "C1'" 
190  N N1    . C   A 5  ? 0.0859 0.1158 0.0821 0.0124  0.0099  0.0201  2651 C   A N1    
191  C C2    . C   A 5  ? 0.0675 0.1518 0.0799 0.0149  0.0100  0.0121  2651 C   A C2    
192  O O2    . C   A 5  ? 0.1090 0.1230 0.0741 0.0072  0.0236  0.0133  2651 C   A O2    
193  N N3    . C   A 5  ? 0.0713 0.1453 0.0879 0.0183  0.0231  0.0063  2651 C   A N3    
194  C C4    . C   A 5  ? 0.0701 0.1350 0.0891 0.0079  0.0058  0.0170  2651 C   A C4    
195  N N4    . C   A 5  ? 0.0668 0.1217 0.0991 0.0115  0.0166  0.0183  2651 C   A N4    
196  C C5    . C   A 5  ? 0.0799 0.1416 0.0847 0.0244  0.0048  0.0324  2651 C   A C5    
197  C C6    . C   A 5  ? 0.1088 0.1386 0.0890 -0.0058 0.0039  0.0400  2651 C   A C6    
209  P P     . C   A 6  ? 0.0938 0.1217 0.1156 -0.0169 0.0233  0.0071  2652 C   A P     
210  O OP1   . C   A 6  ? 0.1256 0.1452 0.1298 -0.0105 0.0366  0.0316  2652 C   A OP1   
211  O OP2   . C   A 6  ? 0.1530 0.1028 0.1283 -0.0296 0.0088  -0.0114 2652 C   A OP2   
212  O "O5'" . C   A 6  ? 0.0929 0.0951 0.0847 -0.0141 0.0108  0.0052  2652 C   A "O5'" 
213  C "C5'" . C   A 6  ? 0.1128 0.1138 0.0846 -0.0090 0.0094  0.0024  2652 C   A "C5'" 
214  C "C4'" . C   A 6  ? 0.0963 0.1031 0.0753 -0.0119 0.0085  -0.0031 2652 C   A "C4'" 
215  O "O4'" . C   A 6  ? 0.1096 0.1027 0.0702 -0.0358 0.0044  0.0058  2652 C   A "O4'" 
216  C "C3'" . C   A 6  ? 0.0778 0.1147 0.0740 -0.0282 0.0002  -0.0059 2652 C   A "C3'" 
217  O "O3'" . C   A 6  ? 0.0716 0.1191 0.0796 -0.0202 0.0110  -0.0030 2652 C   A "O3'" 
218  C "C2'" . C   A 6  ? 0.0950 0.0723 0.0720 -0.0089 -0.0009 0.0001  2652 C   A "C2'" 
219  O "O2'" . C   A 6  ? 0.0912 0.1172 0.0854 0.0085  0.0074  0.0035  2652 C   A "O2'" 
220  C "C1'" . C   A 6  ? 0.0953 0.1084 0.0688 -0.0339 0.0106  0.0139  2652 C   A "C1'" 
221  N N1    . C   A 6  ? 0.0753 0.1070 0.0648 -0.0249 0.0148  0.0183  2652 C   A N1    
222  C C2    . C   A 6  ? 0.0703 0.1130 0.0668 -0.0392 0.0065  0.0132  2652 C   A C2    
223  O O2    . C   A 6  ? 0.0729 0.1224 0.0687 -0.0445 0.0027  0.0160  2652 C   A O2    
224  N N3    . C   A 6  ? 0.0986 0.0827 0.0728 -0.0251 0.0140  0.0053  2652 C   A N3    
225  C C4    . C   A 6  ? 0.0653 0.1331 0.0694 -0.0250 -0.0026 0.0062  2652 C   A C4    
226  N N4    . C   A 6  ? 0.0743 0.1282 0.0869 -0.0049 0.0022  0.0156  2652 C   A N4    
227  C C5    . C   A 6  ? 0.0826 0.1134 0.0566 -0.0153 -0.0114 0.0112  2652 C   A C5    
228  C C6    . C   A 6  ? 0.0796 0.1337 0.0557 -0.0272 -0.0019 0.0111  2652 C   A C6    
240  P P     . U   A 7  ? 0.0750 0.1281 0.0843 -0.0175 0.0099  0.0017  2653 U   A P     
241  O OP1   . U   A 7  ? 0.1015 0.1781 0.1030 0.0182  0.0249  -0.0007 2653 U   A OP1   
242  O OP2   . U   A 7  ? 0.0937 0.1214 0.0767 -0.0299 0.0052  0.0142  2653 U   A OP2   
243  O "O5'" . U   A 7  ? 0.0801 0.0962 0.0824 -0.0084 0.0066  -0.0123 2653 U   A "O5'" 
244  C "C5'" . U   A 7  ? 0.1156 0.0819 0.0859 0.0101  0.0085  -0.0051 2653 U   A "C5'" 
245  C "C4'" . U   A 7  ? 0.0796 0.0860 0.0886 0.0037  0.0021  -0.0040 2653 U   A "C4'" 
246  O "O4'" . U   A 7  ? 0.0603 0.0558 0.0921 -0.0102 -0.0011 -0.0059 2653 U   A "O4'" 
247  C "C3'" . U   A 7  ? 0.0856 0.0666 0.0964 0.0009  -0.0001 -0.0110 2653 U   A "C3'" 
248  O "O3'" . U   A 7  ? 0.0601 0.0927 0.1201 0.0004  -0.0112 -0.0049 2653 U   A "O3'" 
249  C "C2'" . U   A 7  ? 0.0734 0.0709 0.0855 -0.0128 0.0003  -0.0072 2653 U   A "C2'" 
250  O "O2'" . U   A 7  ? 0.1359 0.0737 0.0735 -0.0265 -0.0073 0.0002  2653 U   A "O2'" 
251  C "C1'" . U   A 7  ? 0.0698 0.0867 0.0855 -0.0102 0.0035  -0.0152 2653 U   A "C1'" 
252  N N1    . U   A 7  ? 0.0862 0.0742 0.0815 -0.0174 0.0052  -0.0149 2653 U   A N1    
253  C C2    . U   A 7  ? 0.0827 0.0947 0.0945 -0.0207 0.0079  -0.0025 2653 U   A C2    
254  O O2    . U   A 7  ? 0.0994 0.1150 0.0990 -0.0179 0.0285  0.0060  2653 U   A O2    
255  N N3    . U   A 7  ? 0.0946 0.0633 0.1043 -0.0051 0.0175  -0.0023 2653 U   A N3    
256  C C4    . U   A 7  ? 0.0811 0.0746 0.1030 -0.0162 -0.0034 0.0000  2653 U   A C4    
257  O O4    . U   A 7  ? 0.1151 0.0659 0.1232 0.0048  0.0127  0.0137  2653 U   A O4    
258  C C5    . U   A 7  ? 0.0841 0.0779 0.0867 -0.0191 0.0029  -0.0102 2653 U   A C5    
259  C C6    . U   A 7  ? 0.0890 0.0861 0.0810 -0.0343 -0.0062 -0.0082 2653 U   A C6    
263  P P     . A   A 8  ? 0.0788 0.1546 0.1633 -0.0037 -0.0172 -0.0078 2654 A   A P     
264  O OP1   . A   A 8  ? 0.1118 0.1457 0.1440 0.0075  -0.0247 -0.0324 2654 A   A OP1   
265  O OP2   . A   A 8  ? 0.0583 0.1506 0.1694 0.0289  -0.0198 0.0185  2654 A   A OP2   
266  O "O5'" . A   A 8  ? 0.1070 0.0474 0.1626 -0.0170 -0.0003 -0.0043 2654 A   A "O5'" 
267  C "C5'" . A   A 8  ? 0.0892 0.0943 0.1373 -0.0349 0.0023  -0.0187 2654 A   A "C5'" 
268  C "C4'" . A   A 8  ? 0.0507 0.1364 0.1200 -0.0344 0.0087  -0.0103 2654 A   A "C4'" 
269  O "O4'" . A   A 8  ? 0.0470 0.1068 0.1073 -0.0055 0.0017  -0.0216 2654 A   A "O4'" 
270  C "C3'" . A   A 8  ? 0.1217 0.1466 0.1126 -0.0127 0.0266  -0.0102 2654 A   A "C3'" 
271  O "O3'" A A   A 8  ? 0.1293 0.2089 0.1260 -0.0331 0.0665  -0.0192 2654 A   A "O3'" 
272  O "O3'" B A   A 8  ? 0.1308 0.2150 0.1169 -0.0376 0.0373  -0.0297 2654 A   A "O3'" 
273  C "C2'" . A   A 8  ? 0.0797 0.1106 0.1011 -0.0122 0.0095  -0.0055 2654 A   A "C2'" 
274  O "O2'" . A   A 8  ? 0.1472 0.1174 0.0934 -0.0002 0.0077  0.0054  2654 A   A "O2'" 
275  C "C1'" . A   A 8  ? 0.0720 0.0977 0.1090 -0.0188 0.0099  -0.0178 2654 A   A "C1'" 
276  N N9    . A   A 8  ? 0.0656 0.0785 0.1094 -0.0106 0.0139  -0.0033 2654 A   A N9    
277  C C8    . A   A 8  ? 0.0321 0.0906 0.1028 -0.0058 0.0088  -0.0137 2654 A   A C8    
278  N N7    . A   A 8  ? 0.0595 0.0860 0.1042 0.0025  0.0181  -0.0011 2654 A   A N7    
279  C C5    . A   A 8  ? 0.0602 0.0871 0.1064 -0.0128 0.0042  -0.0152 2654 A   A C5    
280  C C6    . A   A 8  ? 0.0597 0.0944 0.1172 -0.0097 0.0076  -0.0101 2654 A   A C6    
281  N N6    . A   A 8  ? 0.0780 0.1224 0.1069 -0.0176 0.0066  -0.0228 2654 A   A N6    
282  N N1    . A   A 8  ? 0.0965 0.0702 0.1292 -0.0267 0.0096  -0.0236 2654 A   A N1    
283  C C2    . A   A 8  ? 0.1359 0.0749 0.1241 0.0052  0.0096  -0.0071 2654 A   A C2    
284  N N3    . A   A 8  ? 0.1231 0.0742 0.1194 -0.0010 0.0181  -0.0089 2654 A   A N3    
285  C C4    . A   A 8  ? 0.0664 0.0864 0.1104 -0.0211 0.0003  -0.0083 2654 A   A C4    
298  P P     . G   A 9  ? 0.1279 0.2777 0.1186 -0.0616 0.0364  -0.0528 2655 G   A P     
299  O OP1   . G   A 9  ? 0.1895 0.3665 0.1461 -0.0108 0.0693  -0.0338 2655 G   A OP1   
300  O OP2   . G   A 9  ? 0.2008 0.3002 0.1169 -0.0577 0.0025  -0.0612 2655 G   A OP2   
301  O "O5'" . G   A 9  ? 0.1575 0.2779 0.1476 -0.0967 0.0530  -0.0431 2655 G   A "O5'" 
302  C "C5'" . G   A 9  ? 0.1851 0.2156 0.1358 -0.0627 0.0487  -0.0472 2655 G   A "C5'" 
303  C "C4'" . G   A 9  ? 0.1660 0.1686 0.1169 -0.0544 0.0363  -0.0442 2655 G   A "C4'" 
304  O "O4'" . G   A 9  ? 0.1593 0.1615 0.1057 -0.0609 0.0154  -0.0305 2655 G   A "O4'" 
305  C "C3'" . G   A 9  ? 0.1743 0.1136 0.1196 -0.0284 0.0462  -0.0469 2655 G   A "C3'" 
306  O "O3'" . G   A 9  ? 0.1156 0.1372 0.1150 -0.0309 0.0322  -0.0454 2655 G   A "O3'" 
307  C "C2'" . G   A 9  ? 0.1782 0.1366 0.1297 -0.0480 0.0407  -0.0370 2655 G   A "C2'" 
308  O "O2'" . G   A 9  ? 0.1891 0.1719 0.1626 -0.0707 0.0334  -0.0141 2655 G   A "O2'" 
309  C "C1'" . G   A 9  ? 0.1441 0.1726 0.1163 -0.0527 0.0309  -0.0318 2655 G   A "C1'" 
310  N N9    . G   A 9  ? 0.1637 0.1698 0.1228 -0.0314 0.0327  -0.0109 2655 G   A N9    
311  C C8    . G   A 9  ? 0.2045 0.1904 0.1408 -0.0264 0.0318  0.0122  2655 G   A C8    
312  N N7    . G   A 9  ? 0.1925 0.2106 0.1428 -0.0154 0.0213  0.0145  2655 G   A N7    
313  C C5    . G   A 9  ? 0.1790 0.2024 0.1374 -0.0185 0.0103  0.0032  2655 G   A C5    
314  C C6    . G   A 9  ? 0.1584 0.1865 0.1397 -0.0058 -0.0108 0.0098  2655 G   A C6    
315  O O6    . G   A 9  ? 0.1988 0.2210 0.1566 -0.0220 -0.0015 0.0213  2655 G   A O6    
316  N N1    . G   A 9  ? 0.1157 0.1740 0.1323 -0.0176 -0.0245 -0.0140 2655 G   A N1    
317  C C2    . G   A 9  ? 0.1216 0.1845 0.1190 0.0055  -0.0217 -0.0165 2655 G   A C2    
318  N N2    . G   A 9  ? 0.1752 0.1860 0.1180 0.0131  -0.0025 -0.0228 2655 G   A N2    
319  N N3    . G   A 9  ? 0.1328 0.2045 0.1213 -0.0119 -0.0059 -0.0254 2655 G   A N3    
320  C C4    . G   A 9  ? 0.1560 0.1867 0.1291 -0.0181 0.0083  -0.0091 2655 G   A C4    
331  P P     . U   A 10 ? 0.1229 0.1157 0.1454 -0.0100 0.0432  -0.0492 2656 U   A P     
332  O OP1   . U   A 10 ? 0.1211 0.1361 0.1548 -0.0081 0.0470  -0.0414 2656 U   A OP1   
333  O OP2   . U   A 10 ? 0.1152 0.1492 0.1521 -0.0138 0.0207  -0.0525 2656 U   A OP2   
334  O "O5'" . U   A 10 ? 0.1242 0.1315 0.1374 -0.0021 0.0325  -0.0358 2656 U   A "O5'" 
335  C "C5'" . U   A 10 ? 0.0836 0.1153 0.1365 -0.0050 0.0172  -0.0337 2656 U   A "C5'" 
336  C "C4'" . U   A 10 ? 0.0874 0.1512 0.1292 0.0009  0.0081  -0.0425 2656 U   A "C4'" 
337  O "O4'" . U   A 10 ? 0.0898 0.1698 0.1224 0.0005  0.0141  -0.0456 2656 U   A "O4'" 
338  C "C3'" . U   A 10 ? 0.0507 0.1284 0.1326 0.0113  0.0001  -0.0467 2656 U   A "C3'" 
339  O "O3'" . U   A 10 ? 0.0924 0.1304 0.1383 0.0117  -0.0064 -0.0665 2656 U   A "O3'" 
340  C "C2'" . U   A 10 ? 0.0864 0.1138 0.1313 0.0208  0.0112  -0.0360 2656 U   A "C2'" 
341  O "O2'" . U   A 10 ? 0.1537 0.1246 0.1415 0.0228  0.0084  -0.0432 2656 U   A "O2'" 
342  C "C1'" . U   A 10 ? 0.0889 0.1595 0.1192 0.0141  0.0165  -0.0365 2656 U   A "C1'" 
343  N N1    . U   A 10 ? 0.0906 0.1466 0.1019 -0.0020 0.0022  -0.0413 2656 U   A N1    
344  C C2    . U   A 10 ? 0.0697 0.1716 0.1053 -0.0103 -0.0038 -0.0230 2656 U   A C2    
345  O O2    . U   A 10 ? 0.1039 0.1429 0.1040 -0.0163 0.0052  -0.0230 2656 U   A O2    
346  N N3    . U   A 10 ? 0.0726 0.1551 0.1006 0.0265  0.0049  -0.0234 2656 U   A N3    
347  C C4    . U   A 10 ? 0.0679 0.1730 0.1053 0.0182  0.0039  -0.0346 2656 U   A C4    
348  O O4    . U   A 10 ? 0.1058 0.1769 0.1037 0.0188  -0.0050 -0.0315 2656 U   A O4    
349  C C5    . U   A 10 ? 0.1110 0.1252 0.1072 0.0044  0.0200  -0.0553 2656 U   A C5    
350  C C6    . U   A 10 ? 0.0793 0.1264 0.1106 0.0021  0.0110  -0.0400 2656 U   A C6    
354  P P     . A   A 11 ? 0.0917 0.1622 0.1411 -0.0003 -0.0078 -0.0521 2657 A   A P     
355  O OP1   . A   A 11 ? 0.0805 0.1979 0.1482 0.0270  -0.0276 -0.0546 2657 A   A OP1   
356  O OP2   . A   A 11 ? 0.0955 0.1384 0.1350 -0.0165 -0.0104 -0.0669 2657 A   A OP2   
357  O "O5'" . A   A 11 ? 0.1027 0.1046 0.1336 -0.0059 -0.0055 -0.0387 2657 A   A "O5'" 
358  C "C5'" . A   A 11 ? 0.0995 0.0968 0.1368 -0.0041 -0.0167 -0.0136 2657 A   A "C5'" 
359  C "C4'" . A   A 11 ? 0.1122 0.0733 0.1349 0.0027  0.0007  -0.0094 2657 A   A "C4'" 
360  O "O4'" . A   A 11 ? 0.1186 0.0957 0.1368 -0.0160 -0.0059 -0.0070 2657 A   A "O4'" 
361  C "C3'" . A   A 11 ? 0.1149 0.0664 0.1280 0.0070  -0.0065 0.0017  2657 A   A "C3'" 
362  O "O3'" . A   A 11 ? 0.1208 0.0946 0.1258 0.0155  -0.0272 -0.0033 2657 A   A "O3'" 
363  C "C2'" . A   A 11 ? 0.1320 0.0903 0.1306 -0.0019 0.0067  0.0128  2657 A   A "C2'" 
364  O "O2'" . A   A 11 ? 0.1601 0.1481 0.1462 -0.0011 0.0313  0.0418  2657 A   A "O2'" 
365  C "C1'" . A   A 11 ? 0.1330 0.0953 0.1283 -0.0035 0.0032  -0.0057 2657 A   A "C1'" 
366  N N9    . A   A 11 ? 0.0967 0.0764 0.1147 0.0030  -0.0034 -0.0132 2657 A   A N9    
367  C C8    . A   A 11 ? 0.0886 0.0712 0.1121 0.0041  0.0053  -0.0163 2657 A   A C8    
368  N N7    . A   A 11 ? 0.0893 0.0938 0.1037 0.0060  0.0102  -0.0219 2657 A   A N7    
369  C C5    . A   A 11 ? 0.0659 0.0868 0.1022 -0.0064 -0.0073 -0.0197 2657 A   A C5    
370  C C6    . A   A 11 ? 0.0669 0.0852 0.1083 -0.0112 0.0067  -0.0125 2657 A   A C6    
371  N N6    . A   A 11 ? 0.1015 0.0765 0.1142 -0.0133 0.0122  0.0001  2657 A   A N6    
372  N N1    . A   A 11 ? 0.0749 0.1074 0.1140 -0.0083 0.0200  -0.0140 2657 A   A N1    
373  C C2    . A   A 11 ? 0.0993 0.0818 0.1130 -0.0093 0.0227  -0.0261 2657 A   A C2    
374  N N3    . A   A 11 ? 0.1051 0.0815 0.1115 -0.0143 0.0188  -0.0402 2657 A   A N3    
375  C C4    . A   A 11 ? 0.0997 0.0804 0.1116 -0.0208 0.0043  -0.0218 2657 A   A C4    
387  P P     . C   A 12 ? 0.1433 0.1282 0.1190 0.0194  -0.0247 -0.0165 2658 C   A P     
388  O OP1   . C   A 12 ? 0.1812 0.1372 0.1262 0.0219  -0.0662 -0.0149 2658 C   A OP1   
389  O OP2   . C   A 12 ? 0.1321 0.1576 0.1380 -0.0194 -0.0072 -0.0274 2658 C   A OP2   
390  O "O5'" . C   A 12 ? 0.1522 0.0909 0.0939 0.0047  -0.0047 -0.0042 2658 C   A "O5'" 
391  C "C5'" . C   A 12 ? 0.1342 0.0791 0.0910 0.0228  0.0042  -0.0016 2658 C   A "C5'" 
392  C "C4'" . C   A 12 ? 0.1326 0.1021 0.0805 0.0044  0.0034  0.0050  2658 C   A "C4'" 
393  O "O4'" . C   A 12 ? 0.1332 0.0847 0.0753 -0.0167 -0.0016 0.0103  2658 C   A "O4'" 
394  C "C3'" . C   A 12 ? 0.1059 0.1156 0.0739 -0.0068 -0.0092 0.0044  2658 C   A "C3'" 
395  O "O3'" . C   A 12 ? 0.1134 0.1124 0.0757 -0.0085 -0.0072 0.0143  2658 C   A "O3'" 
396  C "C2'" . C   A 12 ? 0.1146 0.1059 0.0698 -0.0122 -0.0006 0.0031  2658 C   A "C2'" 
397  O "O2'" . C   A 12 ? 0.1211 0.1482 0.0627 -0.0103 -0.0071 -0.0035 2658 C   A "O2'" 
398  C "C1'" . C   A 12 ? 0.1230 0.0717 0.0698 -0.0076 -0.0013 0.0174  2658 C   A "C1'" 
399  N N1    . C   A 12 ? 0.1266 0.0488 0.0664 -0.0068 -0.0057 -0.0040 2658 C   A N1    
400  C C2    . C   A 12 ? 0.1150 0.0722 0.0731 -0.0025 -0.0007 -0.0083 2658 C   A C2    
401  O O2    . C   A 12 ? 0.1348 0.0902 0.0758 0.0016  -0.0022 -0.0064 2658 C   A O2    
402  N N3    . C   A 12 ? 0.1406 0.0617 0.0641 0.0001  -0.0094 -0.0116 2658 C   A N3    
403  C C4    . C   A 12 ? 0.1325 0.0734 0.0672 0.0088  -0.0102 -0.0047 2658 C   A C4    
404  N N4    . C   A 12 ? 0.1552 0.1090 0.0682 -0.0175 -0.0013 -0.0187 2658 C   A N4    
405  C C5    . C   A 12 ? 0.1089 0.0792 0.0796 -0.0031 -0.0134 0.0093  2658 C   A C5    
406  C C6    . C   A 12 ? 0.1422 0.0652 0.0794 -0.0127 -0.0186 0.0070  2658 C   A C6    
418  P P     . G   A 13 ? 0.1331 0.1319 0.0862 -0.0249 -0.0226 0.0207  2659 G   A P     
419  O OP1   . G   A 13 ? 0.1590 0.1255 0.0857 -0.0353 -0.0307 0.0004  2659 G   A OP1   
420  O OP2   . G   A 13 ? 0.1162 0.1365 0.1049 -0.0013 -0.0139 0.0053  2659 G   A OP2   
421  O "O5'" . G   A 13 ? 0.1322 0.1451 0.0899 -0.0227 0.0121  0.0119  2659 G   A "O5'" 
422  C "C5'" . G   A 13 ? 0.1494 0.1220 0.0884 -0.0090 0.0251  -0.0034 2659 G   A "C5'" 
423  C "C4'" . G   A 13 ? 0.1167 0.1050 0.0908 -0.0276 0.0110  -0.0044 2659 G   A "C4'" 
424  O "O4'" . G   A 13 ? 0.1457 0.1094 0.0827 -0.0193 0.0131  0.0057  2659 G   A "O4'" 
425  C "C3'" . G   A 13 ? 0.1474 0.0918 0.0982 -0.0212 0.0041  -0.0001 2659 G   A "C3'" 
426  O "O3'" . G   A 13 ? 0.1519 0.1009 0.0985 -0.0648 -0.0058 -0.0067 2659 G   A "O3'" 
427  C "C2'" . G   A 13 ? 0.1318 0.1075 0.0879 -0.0202 0.0037  -0.0062 2659 G   A "C2'" 
428  O "O2'" . G   A 13 ? 0.1538 0.0987 0.0904 -0.0269 0.0150  0.0079  2659 G   A "O2'" 
429  C "C1'" . G   A 13 ? 0.1224 0.1073 0.0827 -0.0248 0.0034  0.0018  2659 G   A "C1'" 
430  N N9    . G   A 13 ? 0.1332 0.1099 0.0743 -0.0348 0.0025  -0.0064 2659 G   A N9    
431  C C8    . G   A 13 ? 0.1127 0.1198 0.0870 -0.0358 0.0079  0.0083  2659 G   A C8    
432  N N7    . G   A 13 ? 0.1414 0.1285 0.0898 -0.0425 0.0044  -0.0085 2659 G   A N7    
433  C C5    . G   A 13 ? 0.1199 0.1157 0.0825 -0.0415 0.0091  -0.0228 2659 G   A C5    
434  C C6    . G   A 13 ? 0.1248 0.1187 0.0920 -0.0373 0.0087  -0.0323 2659 G   A C6    
435  O O6    . G   A 13 ? 0.1605 0.1063 0.1118 -0.0089 0.0249  -0.0165 2659 G   A O6    
436  N N1    . G   A 13 ? 0.1166 0.0988 0.0885 -0.0319 0.0006  -0.0388 2659 G   A N1    
437  C C2    . G   A 13 ? 0.1344 0.0874 0.0834 -0.0420 0.0018  -0.0348 2659 G   A C2    
438  N N2    . G   A 13 ? 0.1283 0.0883 0.0941 -0.0411 0.0061  -0.0187 2659 G   A N2    
439  N N3    . G   A 13 ? 0.1223 0.0970 0.0830 -0.0503 0.0054  -0.0193 2659 G   A N3    
440  C C4    . G   A 13 ? 0.1208 0.1022 0.0752 -0.0452 0.0020  -0.0170 2659 G   A C4    
451  P P     . A   A 14 ? 0.1637 0.1555 0.1037 -0.0714 -0.0139 0.0056  2660 A   A P     
452  O OP1   . A   A 14 ? 0.1828 0.1818 0.1097 -0.1020 -0.0225 -0.0035 2660 A   A OP1   
453  O OP2   . A   A 14 ? 0.1632 0.1852 0.1150 -0.0609 -0.0254 0.0215  2660 A   A OP2   
454  O "O5'" . A   A 14 ? 0.1434 0.1564 0.0996 -0.0323 -0.0113 0.0126  2660 A   A "O5'" 
455  C "C5'" . A   A 14 ? 0.1709 0.1714 0.1074 -0.0197 -0.0162 0.0114  2660 A   A "C5'" 
456  C "C4'" . A   A 14 ? 0.1526 0.1781 0.1064 -0.0337 -0.0311 0.0036  2660 A   A "C4'" 
457  O "O4'" . A   A 14 ? 0.1289 0.1853 0.1072 -0.0464 -0.0331 0.0084  2660 A   A "O4'" 
458  C "C3'" . A   A 14 ? 0.1377 0.1672 0.1154 -0.0095 -0.0135 -0.0036 2660 A   A "C3'" 
459  O "O3'" . A   A 14 ? 0.1277 0.1795 0.1187 -0.0295 -0.0139 -0.0112 2660 A   A "O3'" 
460  C "C2'" . A   A 14 ? 0.1108 0.1803 0.1190 -0.0207 -0.0166 0.0084  2660 A   A "C2'" 
461  O "O2'" . A   A 14 ? 0.1237 0.1956 0.1291 -0.0074 -0.0099 0.0069  2660 A   A "O2'" 
462  C "C1'" . A   A 14 ? 0.1652 0.1745 0.1170 -0.0261 -0.0198 0.0166  2660 A   A "C1'" 
463  N N9    . A   A 14 ? 0.1595 0.1614 0.1186 -0.0626 -0.0158 -0.0071 2660 A   A N9    
464  C C8    . A   A 14 ? 0.1736 0.1811 0.1185 -0.0518 -0.0148 -0.0191 2660 A   A C8    
465  N N7    . A   A 14 ? 0.1761 0.1911 0.1239 -0.0694 -0.0123 -0.0305 2660 A   A N7    
466  C C5    . A   A 14 ? 0.1668 0.2121 0.1248 -0.0465 -0.0292 -0.0107 2660 A   A C5    
467  C C6    . A   A 14 ? 0.1161 0.2465 0.1272 -0.0341 -0.0517 -0.0020 2660 A   A C6    
468  N N6    . A   A 14 ? 0.1186 0.2601 0.1349 -0.0248 -0.0578 -0.0026 2660 A   A N6    
469  N N1    . A   A 14 ? 0.1034 0.2470 0.1314 -0.0330 -0.0446 0.0067  2660 A   A N1    
470  C C2    . A   A 14 ? 0.1236 0.2246 0.1346 -0.0252 -0.0290 0.0153  2660 A   A C2    
471  N N3    . A   A 14 ? 0.1543 0.1858 0.1272 -0.0193 -0.0265 0.0086  2660 A   A N3    
472  C C4    . A   A 14 ? 0.1623 0.1738 0.1206 -0.0384 -0.0300 -0.0059 2660 A   A C4    
484  P P     . G   A 15 ? 0.1190 0.1582 0.1217 -0.0070 -0.0092 -0.0057 2661 G   A P     
485  O OP1   . G   A 15 ? 0.1144 0.1524 0.1323 -0.0080 -0.0143 -0.0267 2661 G   A OP1   
486  O OP2   . G   A 15 ? 0.1250 0.1719 0.1166 0.0053  -0.0214 -0.0077 2661 G   A OP2   
487  O "O5'" . G   A 15 ? 0.1324 0.1297 0.1117 -0.0024 0.0016  -0.0130 2661 G   A "O5'" 
488  C "C5'" . G   A 15 ? 0.1342 0.1362 0.1041 0.0121  0.0077  -0.0211 2661 G   A "C5'" 
489  C "C4'" . G   A 15 ? 0.0967 0.1304 0.1018 0.0057  0.0046  -0.0179 2661 G   A "C4'" 
490  O "O4'" . G   A 15 ? 0.0994 0.1476 0.1016 -0.0128 0.0010  -0.0127 2661 G   A "O4'" 
491  C "C3'" . G   A 15 ? 0.0914 0.1223 0.0928 -0.0094 0.0141  -0.0062 2661 G   A "C3'" 
492  O "O3'" . G   A 15 ? 0.0935 0.1371 0.0894 0.0055  0.0177  -0.0023 2661 G   A "O3'" 
493  C "C2'" . G   A 15 ? 0.0891 0.1134 0.1040 -0.0153 0.0140  0.0046  2661 G   A "C2'" 
494  O "O2'" . G   A 15 ? 0.0929 0.1409 0.1191 -0.0328 0.0170  0.0026  2661 G   A "O2'" 
495  C "C1'" . G   A 15 ? 0.0921 0.1189 0.0988 -0.0049 0.0083  -0.0077 2661 G   A "C1'" 
496  N N9    . G   A 15 ? 0.0794 0.0906 0.0915 -0.0255 -0.0074 -0.0138 2661 G   A N9    
497  C C8    . G   A 15 ? 0.1000 0.1037 0.0931 -0.0314 -0.0118 0.0129  2661 G   A C8    
498  N N7    . G   A 15 ? 0.1172 0.0755 0.0869 -0.0538 0.0010  -0.0027 2661 G   A N7    
499  C C5    . G   A 15 ? 0.0937 0.0828 0.0921 -0.0172 0.0034  -0.0039 2661 G   A C5    
500  C C6    . G   A 15 ? 0.0690 0.1137 0.0854 -0.0307 -0.0101 -0.0118 2661 G   A C6    
501  O O6    . G   A 15 ? 0.1341 0.0929 0.0934 -0.0328 0.0232  -0.0105 2661 G   A O6    
502  N N1    . G   A 15 ? 0.0767 0.1084 0.0845 -0.0146 -0.0060 -0.0192 2661 G   A N1    
503  C C2    . G   A 15 ? 0.1047 0.1002 0.0889 0.0060  -0.0151 0.0006  2661 G   A C2    
504  N N2    . G   A 15 ? 0.1147 0.1205 0.0940 0.0214  -0.0088 0.0066  2661 G   A N2    
505  N N3    . G   A 15 ? 0.0784 0.0918 0.0868 -0.0166 -0.0141 -0.0127 2661 G   A N3    
506  C C4    . G   A 15 ? 0.0904 0.0909 0.0867 -0.0203 -0.0140 -0.0205 2661 G   A C4    
517  P P     . A   A 16 ? 0.1236 0.1159 0.0888 -0.0092 0.0115  -0.0097 2662 A   A P     
518  O OP1   . A   A 16 ? 0.1152 0.1250 0.0878 -0.0309 0.0122  -0.0075 2662 A   A OP1   
519  O OP2   . A   A 16 ? 0.1343 0.1233 0.0926 0.0040  0.0101  -0.0048 2662 A   A OP2   
520  O "O5'" . A   A 16 ? 0.1196 0.0914 0.0893 -0.0045 0.0181  0.0113  2662 A   A "O5'" 
521  C "C5'" . A   A 16 ? 0.0990 0.1152 0.0904 -0.0119 0.0101  0.0090  2662 A   A "C5'" 
522  C "C4'" . A   A 16 ? 0.0989 0.0896 0.0880 -0.0066 -0.0061 0.0057  2662 A   A "C4'" 
523  O "O4'" . A   A 16 ? 0.0652 0.0958 0.0879 -0.0229 0.0039  -0.0144 2662 A   A "O4'" 
524  C "C3'" . A   A 16 ? 0.1098 0.0686 0.0829 -0.0271 -0.0164 0.0098  2662 A   A "C3'" 
525  O "O3'" . A   A 16 ? 0.1534 0.1089 0.0887 -0.0201 -0.0064 0.0031  2662 A   A "O3'" 
526  C "C2'" . A   A 16 ? 0.1241 0.0863 0.0876 -0.0209 -0.0042 0.0140  2662 A   A "C2'" 
527  O "O2'" . A   A 16 ? 0.1131 0.0927 0.0903 -0.0183 0.0064  0.0231  2662 A   A "O2'" 
528  C "C1'" . A   A 16 ? 0.0913 0.0944 0.0881 -0.0130 -0.0032 0.0070  2662 A   A "C1'" 
529  N N9    . A   A 16 ? 0.0824 0.1153 0.0773 -0.0311 -0.0018 -0.0070 2662 A   A N9    
530  C C8    . A   A 16 ? 0.0935 0.1381 0.0790 -0.0174 -0.0026 -0.0070 2662 A   A C8    
531  N N7    . A   A 16 ? 0.0875 0.1242 0.0745 -0.0236 -0.0044 -0.0134 2662 A   A N7    
532  C C5    . A   A 16 ? 0.0889 0.1137 0.0737 -0.0463 -0.0023 -0.0116 2662 A   A C5    
533  C C6    . A   A 16 ? 0.1367 0.1221 0.0818 -0.0480 0.0223  -0.0144 2662 A   A C6    
534  N N6    . A   A 16 ? 0.1659 0.1551 0.0917 -0.0618 0.0445  -0.0117 2662 A   A N6    
535  N N1    . A   A 16 ? 0.1106 0.1349 0.0835 -0.0389 0.0201  -0.0170 2662 A   A N1    
536  C C2    . A   A 16 ? 0.1018 0.1527 0.0761 -0.0315 -0.0043 -0.0117 2662 A   A C2    
537  N N3    . A   A 16 ? 0.1016 0.1362 0.0749 -0.0177 -0.0066 0.0025  2662 A   A N3    
538  C C4    . A   A 16 ? 0.0940 0.1229 0.0668 -0.0245 -0.0144 0.0023  2662 A   A C4    
550  P P     . G   A 17 ? 0.1639 0.1272 0.0914 -0.0337 -0.0062 0.0250  2663 G   A P     
551  O OP1   . G   A 17 ? 0.2345 0.1706 0.0830 -0.0040 -0.0086 0.0263  2663 G   A OP1   
552  O OP2   . G   A 17 ? 0.1619 0.1385 0.0971 -0.0373 -0.0037 0.0139  2663 G   A OP2   
553  O "O5'" . G   A 17 ? 0.1536 0.1090 0.0995 -0.0398 -0.0157 0.0207  2663 G   A "O5'" 
554  C "C5'" . G   A 17 ? 0.1639 0.1152 0.1037 -0.0497 -0.0192 0.0251  2663 G   A "C5'" 
555  C "C4'" . G   A 17 ? 0.1423 0.1123 0.1029 -0.0607 -0.0409 0.0142  2663 G   A "C4'" 
556  O "O4'" . G   A 17 ? 0.1248 0.1192 0.1033 -0.0644 -0.0485 0.0345  2663 G   A "O4'" 
557  C "C3'" . G   A 17 ? 0.1201 0.0957 0.1101 -0.0571 -0.0377 0.0144  2663 G   A "C3'" 
558  O "O3'" . G   A 17 ? 0.1107 0.1152 0.1201 -0.0604 -0.0387 0.0202  2663 G   A "O3'" 
559  C "C2'" . G   A 17 ? 0.1271 0.1194 0.1077 -0.0639 -0.0273 0.0229  2663 G   A "C2'" 
560  O "O2'" . G   A 17 ? 0.1397 0.1237 0.1137 -0.0363 -0.0216 0.0229  2663 G   A "O2'" 
561  C "C1'" . G   A 17 ? 0.1476 0.1122 0.0949 -0.0611 -0.0340 0.0273  2663 G   A "C1'" 
562  N N9    . G   A 17 ? 0.1446 0.1413 0.0876 -0.0556 -0.0231 0.0263  2663 G   A N9    
563  C C8    . G   A 17 ? 0.1425 0.1488 0.0819 -0.0419 -0.0209 0.0297  2663 G   A C8    
564  N N7    . G   A 17 ? 0.1673 0.1404 0.0761 -0.0471 -0.0151 0.0153  2663 G   A N7    
565  C C5    . G   A 17 ? 0.1545 0.0975 0.0759 -0.0402 -0.0075 0.0020  2663 G   A C5    
566  C C6    . G   A 17 ? 0.1527 0.0747 0.0694 -0.0362 -0.0116 -0.0112 2663 G   A C6    
567  O O6    . G   A 17 ? 0.1373 0.0728 0.0727 -0.0382 -0.0157 -0.0029 2663 G   A O6    
568  N N1    . G   A 17 ? 0.1340 0.1116 0.0680 -0.0333 -0.0104 -0.0073 2663 G   A N1    
569  C C2    . G   A 17 ? 0.1141 0.1057 0.0753 -0.0473 -0.0144 0.0010  2663 G   A C2    
570  N N2    . G   A 17 ? 0.1377 0.0947 0.0876 -0.0239 0.0098  0.0036  2663 G   A N2    
571  N N3    . G   A 17 ? 0.1233 0.1139 0.0799 -0.0447 -0.0119 0.0123  2663 G   A N3    
572  C C4    . G   A 17 ? 0.1475 0.1037 0.0785 -0.0287 -0.0230 0.0147  2663 G   A C4    
583  P P     . G   A 18 ? 0.1577 0.1137 0.1320 -0.0411 -0.0412 0.0154  2664 G   A P     
584  O OP1   . G   A 18 ? 0.1685 0.1388 0.1446 -0.0324 -0.0534 0.0077  2664 G   A OP1   
585  O OP2   . G   A 18 ? 0.1769 0.1429 0.1259 -0.0578 -0.0473 0.0225  2664 G   A OP2   
586  O "O5'" . G   A 18 ? 0.1271 0.1098 0.1432 -0.0555 -0.0084 0.0157  2664 G   A "O5'" 
587  C "C5'" . G   A 18 ? 0.1255 0.0824 0.1423 -0.0468 0.0063  0.0042  2664 G   A "C5'" 
588  C "C4'" . G   A 18 ? 0.1007 0.0756 0.1232 -0.0275 0.0005  -0.0074 2664 G   A "C4'" 
589  O "O4'" . G   A 18 ? 0.0791 0.0788 0.1142 -0.0256 0.0022  -0.0256 2664 G   A "O4'" 
590  C "C3'" . G   A 18 ? 0.0716 0.0954 0.1192 -0.0205 0.0027  -0.0167 2664 G   A "C3'" 
591  O "O3'" . G   A 18 ? 0.0772 0.1043 0.1180 -0.0002 0.0051  -0.0052 2664 G   A "O3'" 
592  C "C2'" . G   A 18 ? 0.1084 0.0548 0.1183 -0.0136 0.0153  -0.0270 2664 G   A "C2'" 
593  O "O2'" . G   A 18 ? 0.0972 0.0665 0.1241 0.0034  0.0219  -0.0136 2664 G   A "O2'" 
594  C "C1'" . G   A 18 ? 0.0844 0.0716 0.1114 -0.0306 0.0156  -0.0297 2664 G   A "C1'" 
595  N N9    . G   A 18 ? 0.0942 0.1225 0.1095 -0.0223 0.0214  -0.0130 2664 G   A N9    
596  C C8    . G   A 18 ? 0.0948 0.0811 0.1137 -0.0335 0.0160  -0.0053 2664 G   A C8    
597  N N7    . G   A 18 ? 0.0959 0.0873 0.1065 -0.0330 0.0007  -0.0192 2664 G   A N7    
598  C C5    . G   A 18 ? 0.0950 0.0862 0.1117 -0.0234 0.0204  -0.0198 2664 G   A C5    
599  C C6    . G   A 18 ? 0.1139 0.1412 0.1094 -0.0239 0.0256  -0.0332 2664 G   A C6    
600  O O6    . G   A 18 ? 0.1261 0.1432 0.1201 -0.0233 0.0438  -0.0331 2664 G   A O6    
601  N N1    . G   A 18 ? 0.1005 0.1337 0.1018 -0.0165 0.0221  -0.0435 2664 G   A N1    
602  C C2    . G   A 18 ? 0.0632 0.0946 0.1087 -0.0213 0.0142  -0.0308 2664 G   A C2    
603  N N2    . G   A 18 ? 0.0768 0.0980 0.1138 -0.0140 -0.0013 -0.0188 2664 G   A N2    
604  N N3    . G   A 18 ? 0.0890 0.1100 0.1145 -0.0354 0.0249  -0.0336 2664 G   A N3    
605  C C4    . G   A 18 ? 0.1032 0.1162 0.1099 -0.0114 0.0186  -0.0121 2664 G   A C4    
616  P P     . A   A 19 ? 0.0860 0.0847 0.1143 -0.0130 -0.0030 0.0015  2665 A   A P     
617  O OP1   . A   A 19 ? 0.0886 0.1242 0.1261 -0.0089 -0.0118 0.0048  2665 A   A OP1   
618  O OP2   . A   A 19 ? 0.0925 0.1274 0.1127 -0.0112 -0.0113 0.0033  2665 A   A OP2   
619  O "O5'" . A   A 19 ? 0.0916 0.0906 0.1158 -0.0234 0.0184  -0.0061 2665 A   A "O5'" 
620  C "C5'" . A   A 19 ? 0.0955 0.0907 0.1151 -0.0208 0.0303  -0.0157 2665 A   A "C5'" 
621  C "C4'" . A   A 19 ? 0.1106 0.0909 0.1141 -0.0224 0.0270  -0.0020 2665 A   A "C4'" 
622  O "O4'" . A   A 19 ? 0.1097 0.0899 0.1112 -0.0186 0.0225  0.0051  2665 A   A "O4'" 
623  C "C3'" . A   A 19 ? 0.0949 0.1082 0.1107 -0.0281 0.0132  -0.0121 2665 A   A "C3'" 
624  O "O3'" . A   A 19 ? 0.0720 0.0849 0.1156 -0.0091 0.0076  -0.0105 2665 A   A "O3'" 
625  C "C2'" . A   A 19 ? 0.0800 0.0862 0.1108 -0.0254 0.0185  -0.0250 2665 A   A "C2'" 
626  O "O2'" . A   A 19 ? 0.0953 0.1282 0.1347 -0.0116 0.0309  -0.0266 2665 A   A "O2'" 
627  C "C1'" . A   A 19 ? 0.0965 0.1043 0.1047 -0.0181 0.0116  -0.0098 2665 A   A "C1'" 
628  N N9    . A   A 19 ? 0.0819 0.1072 0.1053 -0.0297 0.0077  -0.0070 2665 A   A N9    
629  C C8    . A   A 19 ? 0.0756 0.1100 0.1045 -0.0247 0.0071  -0.0203 2665 A   A C8    
630  N N7    . A   A 19 ? 0.0712 0.1358 0.1050 -0.0317 0.0014  -0.0110 2665 A   A N7    
631  C C5    . A   A 19 ? 0.0765 0.0857 0.1061 -0.0254 -0.0024 -0.0010 2665 A   A C5    
632  C C6    . A   A 19 ? 0.0911 0.1169 0.1082 0.0036  -0.0017 0.0018  2665 A   A C6    
633  N N6    . A   A 19 ? 0.0954 0.1142 0.1091 0.0151  -0.0123 -0.0070 2665 A   A N6    
634  N N1    . A   A 19 ? 0.0640 0.1417 0.1059 -0.0146 -0.0014 0.0032  2665 A   A N1    
635  C C2    . A   A 19 ? 0.0781 0.1036 0.1090 -0.0120 0.0207  0.0007  2665 A   A C2    
636  N N3    . A   A 19 ? 0.0896 0.0917 0.0970 -0.0478 -0.0026 -0.0093 2665 A   A N3    
637  C C4    . A   A 19 ? 0.0658 0.0918 0.1004 -0.0338 -0.0013 -0.0048 2665 A   A C4    
649  P P     . C   A 20 ? 0.0721 0.1084 0.1213 -0.0065 0.0153  -0.0124 2666 C   A P     
650  O OP1   . C   A 20 ? 0.0946 0.1507 0.1252 0.0055  0.0157  -0.0097 2666 C   A OP1   
651  O OP2   . C   A 20 ? 0.0465 0.0946 0.1173 0.0041  0.0055  -0.0386 2666 C   A OP2   
652  O "O5'" . C   A 20 ? 0.0491 0.0957 0.1269 -0.0112 0.0201  -0.0125 2666 C   A "O5'" 
653  C "C5'" . C   A 20 ? 0.0656 0.0793 0.1328 0.0077  0.0231  -0.0213 2666 C   A "C5'" 
654  C "C4'" . C   A 20 ? 0.0782 0.1154 0.1332 -0.0107 0.0392  -0.0266 2666 C   A "C4'" 
655  O "O4'" . C   A 20 ? 0.1090 0.1274 0.1255 0.0031  0.0329  -0.0066 2666 C   A "O4'" 
656  C "C3'" . C   A 20 ? 0.0907 0.0850 0.1427 -0.0248 0.0481  -0.0193 2666 C   A "C3'" 
657  O "O3'" . C   A 20 ? 0.1310 0.0833 0.1735 -0.0066 0.0620  -0.0194 2666 C   A "O3'" 
658  C "C2'" . C   A 20 ? 0.1573 0.1020 0.1287 0.0073  0.0663  -0.0278 2666 C   A "C2'" 
659  O "O2'" . C   A 20 ? 0.1930 0.1462 0.1280 0.0212  0.0677  -0.0258 2666 C   A "O2'" 
660  C "C1'" . C   A 20 ? 0.1274 0.0723 0.1194 -0.0068 0.0480  -0.0153 2666 C   A "C1'" 
661  N N1    . C   A 20 ? 0.1224 0.0878 0.1076 -0.0201 0.0337  -0.0083 2666 C   A N1    
662  C C2    . C   A 20 ? 0.1080 0.0909 0.1057 -0.0246 0.0320  -0.0102 2666 C   A C2    
663  O O2    . C   A 20 ? 0.1239 0.1233 0.1024 -0.0239 0.0492  -0.0246 2666 C   A O2    
664  N N3    . C   A 20 ? 0.1139 0.0945 0.1006 -0.0087 0.0192  0.0007  2666 C   A N3    
665  C C4    . C   A 20 ? 0.1055 0.0790 0.1037 -0.0269 0.0181  -0.0099 2666 C   A C4    
666  N N4    . C   A 20 ? 0.1213 0.0551 0.1095 -0.0248 0.0147  -0.0110 2666 C   A N4    
667  C C5    . C   A 20 ? 0.0991 0.0779 0.0963 -0.0386 0.0042  -0.0195 2666 C   A C5    
668  C C6    . C   A 20 ? 0.0893 0.0870 0.0963 -0.0285 0.0073  -0.0165 2666 C   A C6    
680  P P     . C   A 21 ? 0.1128 0.1276 0.2059 0.0011  0.0748  -0.0177 2667 C   A P     
681  O OP1   . C   A 21 ? 0.1106 0.1505 0.2203 0.0236  0.0723  -0.0202 2667 C   A OP1   
682  O OP2   . C   A 21 ? 0.1087 0.1285 0.2033 -0.0056 0.0493  0.0000  2667 C   A OP2   
683  O "O5'" . C   A 21 ? 0.1552 0.1064 0.1933 0.0146  0.0931  -0.0162 2667 C   A "O5'" 
684  C "C5'" . C   A 21 ? 0.1666 0.1325 0.1899 -0.0003 0.1058  -0.0092 2667 C   A "C5'" 
685  C "C4'" . C   A 21 ? 0.2048 0.1060 0.1741 -0.0070 0.1080  -0.0080 2667 C   A "C4'" 
686  O "O4'" . C   A 21 ? 0.2045 0.0934 0.1711 -0.0383 0.1002  -0.0269 2667 C   A "O4'" 
687  C "C3'" . C   A 21 ? 0.1882 0.1398 0.1642 -0.0285 0.0912  -0.0056 2667 C   A "C3'" 
688  O "O3'" . C   A 21 ? 0.1695 0.1541 0.1600 -0.0576 0.0794  -0.0031 2667 C   A "O3'" 
689  C "C2'" . C   A 21 ? 0.2035 0.1201 0.1647 -0.0267 0.0916  -0.0141 2667 C   A "C2'" 
690  O "O2'" . C   A 21 ? 0.2118 0.1487 0.1578 -0.0196 0.0809  -0.0002 2667 C   A "O2'" 
691  C "C1'" . C   A 21 ? 0.1897 0.1305 0.1703 -0.0271 0.0864  -0.0134 2667 C   A "C1'" 
692  N N1    . C   A 21 ? 0.1703 0.1196 0.1680 -0.0146 0.0644  -0.0144 2667 C   A N1    
693  C C2    . C   A 21 ? 0.1401 0.1140 0.1741 -0.0350 0.0400  -0.0042 2667 C   A C2    
694  O O2    . C   A 21 ? 0.1972 0.0918 0.1853 -0.0299 0.0468  0.0108  2667 C   A O2    
695  N N3    . C   A 21 ? 0.1121 0.1449 0.1654 -0.0394 0.0267  -0.0200 2667 C   A N3    
696  C C4    . C   A 21 ? 0.0924 0.1488 0.1589 -0.0341 0.0357  -0.0356 2667 C   A C4    
697  N N4    . C   A 21 ? 0.0703 0.1668 0.1564 -0.0250 0.0340  -0.0548 2667 C   A N4    
698  C C5    . C   A 21 ? 0.0855 0.1361 0.1595 -0.0356 0.0405  -0.0255 2667 C   A C5    
699  C C6    . C   A 21 ? 0.1078 0.0957 0.1578 -0.0490 0.0433  -0.0214 2667 C   A C6    
711  P P     . G   A 22 ? 0.1833 0.1671 0.1544 -0.0125 0.0816  0.0112  2668 G   A P     
712  O OP1   . G   A 22 ? 0.1693 0.2052 0.1657 -0.0134 0.0857  0.0114  2668 G   A OP1   
713  O OP2   . G   A 22 ? 0.2256 0.2159 0.1603 0.0058  0.0773  0.0114  2668 G   A OP2   
714  O "O5'" . G   A 22 ? 0.1347 0.1435 0.1264 -0.0018 0.0732  0.0031  2668 G   A "O5'" 
715  C "C5'" . G   A 22 ? 0.1818 0.1611 0.1258 -0.0102 0.0783  0.0096  2668 G   A "C5'" 
716  C "C4'" . G   A 22 ? 0.2004 0.1266 0.1129 -0.0140 0.0717  0.0094  2668 G   A "C4'" 
717  O "O4'" . G   A 22 ? 0.1558 0.1450 0.0923 -0.0020 0.0572  0.0157  2668 G   A "O4'" 
718  C "C3'" . G   A 22 ? 0.1996 0.1503 0.1199 -0.0389 0.0658  -0.0076 2668 G   A "C3'" 
719  O "O3'" . G   A 22 ? 0.2074 0.1892 0.1435 -0.0354 0.0748  -0.0198 2668 G   A "O3'" 
720  C "C2'" . G   A 22 ? 0.1773 0.1511 0.1054 -0.0530 0.0542  0.0039  2668 G   A "C2'" 
721  O "O2'" . G   A 22 ? 0.2129 0.1707 0.1164 -0.0369 0.0630  0.0094  2668 G   A "O2'" 
722  C "C1'" . G   A 22 ? 0.1289 0.1091 0.0923 -0.0215 0.0514  0.0068  2668 G   A "C1'" 
723  N N9    . G   A 22 ? 0.1074 0.0677 0.0907 -0.0027 0.0324  0.0130  2668 G   A N9    
724  C C8    . G   A 22 ? 0.0741 0.1020 0.0920 0.0102  0.0232  0.0117  2668 G   A C8    
725  N N7    . G   A 22 ? 0.0735 0.1227 0.0941 -0.0024 0.0183  0.0080  2668 G   A N7    
726  C C5    . G   A 22 ? 0.0864 0.0850 0.0851 -0.0170 0.0205  -0.0013 2668 G   A C5    
727  C C6    . G   A 22 ? 0.0920 0.0625 0.0865 -0.0135 0.0127  0.0041  2668 G   A C6    
728  O O6    . G   A 22 ? 0.1001 0.0839 0.0894 -0.0148 0.0233  0.0104  2668 G   A O6    
729  N N1    . G   A 22 ? 0.1033 0.0803 0.0821 -0.0120 0.0119  -0.0008 2668 G   A N1    
730  C C2    . G   A 22 ? 0.0797 0.0963 0.0790 -0.0238 0.0011  -0.0027 2668 G   A C2    
731  N N2    . G   A 22 ? 0.0835 0.1311 0.0857 0.0049  0.0079  -0.0102 2668 G   A N2    
732  N N3    . G   A 22 ? 0.0808 0.0921 0.0793 -0.0180 0.0037  0.0011  2668 G   A N3    
733  C C4    . G   A 22 ? 0.0760 0.0783 0.0847 -0.0077 0.0213  0.0036  2668 G   A C4    
744  P P     . G   A 23 ? 0.1822 0.2275 0.1730 -0.0611 0.0561  -0.0139 2669 G   A P     
745  O OP1   . G   A 23 ? 0.2021 0.2790 0.1795 -0.1060 0.0574  -0.0071 2669 G   A OP1   
746  O OP2   . G   A 23 ? 0.2193 0.2721 0.1729 -0.0345 0.0413  -0.0282 2669 G   A OP2   
747  O "O5'" . G   A 23 ? 0.1827 0.1974 0.1497 -0.0546 0.0486  0.0040  2669 G   A "O5'" 
748  C "C5'" . G   A 23 ? 0.1959 0.1619 0.1385 -0.0556 0.0413  0.0084  2669 G   A "C5'" 
749  C "C4'" . G   A 23 ? 0.1346 0.1392 0.1135 -0.0540 0.0023  0.0126  2669 G   A "C4'" 
750  O "O4'" . G   A 23 ? 0.1117 0.1307 0.0899 -0.0336 -0.0198 0.0164  2669 G   A "O4'" 
751  C "C3'" . G   A 23 ? 0.1058 0.1893 0.1200 -0.0716 0.0009  0.0007  2669 G   A "C3'" 
752  O "O3'" . G   A 23 ? 0.1272 0.2290 0.1405 -0.0935 0.0073  -0.0017 2669 G   A "O3'" 
753  C "C2'" . G   A 23 ? 0.1049 0.1512 0.1124 -0.0249 -0.0009 0.0172  2669 G   A "C2'" 
754  O "O2'" . G   A 23 ? 0.1142 0.1329 0.1214 -0.0091 0.0120  0.0339  2669 G   A "O2'" 
755  C "C1'" . G   A 23 ? 0.0930 0.1154 0.0986 -0.0210 -0.0017 0.0252  2669 G   A "C1'" 
756  N N9    . G   A 23 ? 0.0967 0.1310 0.0970 -0.0218 0.0087  0.0203  2669 G   A N9    
757  C C8    . G   A 23 ? 0.0824 0.1561 0.1035 -0.0275 0.0189  0.0284  2669 G   A C8    
758  N N7    . G   A 23 ? 0.0962 0.1514 0.1029 -0.0111 0.0293  0.0261  2669 G   A N7    
759  C C5    . G   A 23 ? 0.0551 0.1501 0.0981 -0.0145 0.0241  0.0221  2669 G   A C5    
760  C C6    . G   A 23 ? 0.0404 0.1390 0.0918 -0.0040 0.0158  0.0118  2669 G   A C6    
761  O O6    . G   A 23 ? 0.0791 0.1629 0.0956 0.0126  0.0240  0.0118  2669 G   A O6    
762  N N1    . G   A 23 ? 0.0508 0.1180 0.0878 -0.0029 0.0137  0.0105  2669 G   A N1    
763  C C2    . G   A 23 ? 0.0669 0.1470 0.0908 -0.0053 0.0087  0.0187  2669 G   A C2    
764  N N2    . G   A 23 ? 0.0748 0.1437 0.0944 0.0126  0.0163  0.0170  2669 G   A N2    
765  N N3    . G   A 23 ? 0.0921 0.1488 0.0891 -0.0275 0.0107  0.0122  2669 G   A N3    
766  C C4    . G   A 23 ? 0.0694 0.1556 0.0968 -0.0285 0.0164  0.0169  2669 G   A C4    
777  P P     . AT7 A 24 ? 0.1259 0.3449 0.1748 -0.0842 0.0121  -0.0189 2670 AT7 A P     
778  N N1    . AT7 A 24 ? 0.0667 0.1711 0.1779 0.0134  -0.0271 -0.0009 2670 AT7 A N1    
779  C C2    . AT7 A 24 ? 0.0818 0.1411 0.1743 0.0186  -0.0281 -0.0130 2670 AT7 A C2    
780  N N3    . AT7 A 24 ? 0.0969 0.1170 0.1768 0.0355  -0.0149 -0.0049 2670 AT7 A N3    
781  C C4    . AT7 A 24 ? 0.0696 0.1659 0.1746 0.0244  -0.0260 -0.0051 2670 AT7 A C4    
782  C C5    . AT7 A 24 ? 0.0720 0.1909 0.1736 0.0214  -0.0267 0.0041  2670 AT7 A C5    
783  C C6    . AT7 A 24 ? 0.0652 0.1964 0.1735 0.0163  -0.0328 -0.0073 2670 AT7 A C6    
784  N N6    . AT7 A 24 ? 0.0760 0.1606 0.1618 0.0115  -0.0483 -0.0335 2670 AT7 A N6    
785  N N7    . AT7 A 24 ? 0.1062 0.1633 0.1730 0.0160  -0.0268 0.0063  2670 AT7 A N7    
786  C C8    . AT7 A 24 ? 0.1053 0.1704 0.1698 0.0371  -0.0297 -0.0153 2670 AT7 A C8    
787  N N9    . AT7 A 24 ? 0.0852 0.1600 0.1742 0.0425  -0.0318 -0.0089 2670 AT7 A N9    
788  C "C1'" . AT7 A 24 ? 0.0852 0.1668 0.1736 0.0370  -0.0522 -0.0139 2670 AT7 A "C1'" 
789  C "C2'" . AT7 A 24 ? 0.1066 0.1862 0.1788 0.0110  -0.0603 -0.0248 2670 AT7 A "C2'" 
790  C "C3'" . AT7 A 24 ? 0.1104 0.1802 0.1945 -0.0039 -0.0540 -0.0117 2670 AT7 A "C3'" 
791  N "N3'" . AT7 A 24 ? 0.1739 0.2331 0.1717 0.0107  -0.0713 -0.0365 2670 AT7 A "N3'" 
792  O "O3'" . AT7 A 24 ? 0.1334 0.2014 0.2170 -0.0132 -0.0731 0.0017  2670 AT7 A "O3'" 
793  C "C4'" . AT7 A 24 ? 0.0801 0.1721 0.1795 -0.0051 -0.0408 -0.0140 2670 AT7 A "C4'" 
794  N "N4'" . AT7 A 24 ? 0.2385 0.3298 0.1890 -0.0135 -0.0682 -0.0149 2670 AT7 A "N4'" 
795  O "O4'" . AT7 A 24 ? 0.0730 0.1743 0.1699 0.0239  -0.0474 -0.0139 2670 AT7 A "O4'" 
796  C "C5'" . AT7 A 24 ? 0.1106 0.2202 0.1698 -0.0083 -0.0212 -0.0258 2670 AT7 A "C5'" 
797  N "N5'" . AT7 A 24 ? 0.2914 0.3711 0.2008 -0.0275 -0.0613 -0.0178 2670 AT7 A "N5'" 
798  O "O5'" . AT7 A 24 ? 0.1162 0.2767 0.1657 -0.0421 0.0014  -0.0337 2670 AT7 A "O5'" 
799  O OP1   . AT7 A 24 ? 0.1813 0.3522 0.1850 -0.1174 0.0220  -0.0056 2670 AT7 A OP1   
800  O OP2   . AT7 A 24 ? 0.1442 0.3999 0.1797 -0.0849 0.0188  -0.0187 2670 AT7 A OP2   
801  P P     . G   A 25 ? 0.1840 0.2230 0.2522 -0.0386 -0.0779 0.0103  2671 G   A P     
802  O OP1   . G   A 25 ? 0.1947 0.2402 0.2488 -0.0708 -0.0972 0.0065  2671 G   A OP1   
803  O OP2   . G   A 25 ? 0.2096 0.2574 0.2633 -0.0531 -0.0527 0.0149  2671 G   A OP2   
804  O "O5'" . G   A 25 ? 0.1559 0.2087 0.2626 -0.0122 -0.0858 0.0050  2671 G   A "O5'" 
805  C "C5'" . G   A 25 ? 0.2022 0.1418 0.2650 0.0255  -0.0717 -0.0057 2671 G   A "C5'" 
806  C "C4'" . G   A 25 ? 0.1764 0.1272 0.2590 0.0029  -0.0880 -0.0236 2671 G   A "C4'" 
807  O "O4'" . G   A 25 ? 0.2021 0.1263 0.2621 0.0162  -0.0854 -0.0400 2671 G   A "O4'" 
808  C "C3'" . G   A 25 ? 0.1807 0.1560 0.2497 -0.0054 -0.0917 -0.0370 2671 G   A "C3'" 
809  O "O3'" . G   A 25 ? 0.1885 0.1598 0.2468 -0.0175 -0.0874 -0.0286 2671 G   A "O3'" 
810  C "C2'" . G   A 25 ? 0.1648 0.1413 0.2560 0.0113  -0.0768 -0.0552 2671 G   A "C2'" 
811  O "O2'" . G   A 25 ? 0.1480 0.1487 0.2539 0.0224  -0.0686 -0.0694 2671 G   A "O2'" 
812  C "C1'" . G   A 25 ? 0.1723 0.1305 0.2605 0.0388  -0.0787 -0.0589 2671 G   A "C1'" 
813  N N9    . G   A 25 ? 0.1184 0.1983 0.2506 0.0049  -0.0722 -0.0721 2671 G   A N9    
814  C C8    . G   A 25 ? 0.1137 0.2267 0.2577 0.0262  -0.0708 -0.0717 2671 G   A C8    
815  N N7    . G   A 25 ? 0.1112 0.2450 0.2611 0.0240  -0.0641 -0.0784 2671 G   A N7    
816  C C5    . G   A 25 ? 0.1121 0.2644 0.2562 0.0054  -0.0579 -0.0835 2671 G   A C5    
817  C C6    . G   A 25 ? 0.1119 0.3161 0.2748 0.0201  -0.0438 -0.0989 2671 G   A C6    
818  O O6    . G   A 25 ? 0.1153 0.3475 0.2682 0.0128  -0.0440 -0.0917 2671 G   A O6    
819  N N1    . G   A 25 ? 0.1027 0.2884 0.2848 0.0180  -0.0313 -0.0989 2671 G   A N1    
820  C C2    . G   A 25 ? 0.1014 0.2636 0.2817 0.0021  -0.0339 -0.0976 2671 G   A C2    
821  N N2    . G   A 25 ? 0.1111 0.2757 0.3005 0.0340  -0.0215 -0.0874 2671 G   A N2    
822  N N3    . G   A 25 ? 0.1116 0.2212 0.2689 0.0045  -0.0498 -0.1036 2671 G   A N3    
823  C C4    . G   A 25 ? 0.1114 0.2175 0.2539 0.0103  -0.0577 -0.0937 2671 G   A C4    
834  P P     . U   A 26 ? 0.1938 0.1637 0.2426 -0.0346 -0.0920 -0.0129 2672 U   A P     
835  O OP1   . U   A 26 ? 0.1893 0.1983 0.2426 -0.0306 -0.0995 -0.0143 2672 U   A OP1   
836  O OP2   . U   A 26 ? 0.2326 0.1739 0.2471 -0.0749 -0.0823 -0.0147 2672 U   A OP2   
837  O "O5'" . U   A 26 ? 0.1584 0.1526 0.2498 -0.0365 -0.0636 -0.0010 2672 U   A "O5'" 
838  C "C5'" . U   A 26 ? 0.1451 0.1546 0.2653 -0.0119 -0.0257 0.0093  2672 U   A "C5'" 
839  C "C4'" . U   A 26 ? 0.1159 0.1630 0.2714 -0.0032 -0.0156 0.0172  2672 U   A "C4'" 
840  O "O4'" . U   A 26 ? 0.1047 0.1733 0.2816 -0.0095 -0.0140 0.0062  2672 U   A "O4'" 
841  C "C3'" . U   A 26 ? 0.0894 0.1613 0.2628 0.0067  -0.0176 0.0241  2672 U   A "C3'" 
842  O "O3'" . U   A 26 ? 0.0897 0.1972 0.2501 0.0060  -0.0235 0.0471  2672 U   A "O3'" 
843  C "C2'" . U   A 26 ? 0.1413 0.1114 0.2807 0.0422  0.0105  0.0182  2672 U   A "C2'" 
844  O "O2'" . U   A 26 ? 0.1846 0.1292 0.2893 0.0455  0.0409  0.0248  2672 U   A "O2'" 
845  C "C1'" . U   A 26 ? 0.1137 0.1237 0.2859 0.0264  -0.0049 0.0102  2672 U   A "C1'" 
846  N N1    . U   A 26 ? 0.0944 0.1366 0.2942 0.0181  -0.0292 0.0070  2672 U   A N1    
847  C C2    . U   A 26 ? 0.1194 0.1189 0.3059 0.0197  -0.0315 0.0023  2672 U   A C2    
848  O O2    . U   A 26 ? 0.1181 0.1010 0.3184 0.0263  -0.0245 0.0026  2672 U   A O2    
849  N N3    . U   A 26 ? 0.1103 0.1496 0.2995 0.0095  -0.0356 -0.0083 2672 U   A N3    
850  C C4    . U   A 26 ? 0.1320 0.1227 0.2975 0.0069  -0.0380 -0.0027 2672 U   A C4    
851  O O4    . U   A 26 ? 0.1305 0.1385 0.3009 0.0185  -0.0373 -0.0009 2672 U   A O4    
852  C C5    . U   A 26 ? 0.1355 0.1106 0.2914 -0.0199 -0.0428 -0.0054 2672 U   A C5    
853  C C6    . U   A 26 ? 0.1042 0.1118 0.2928 -0.0023 -0.0365 -0.0035 2672 U   A C6    
857  P P     . G   A 27 ? 0.1560 0.2643 0.2299 -0.0057 -0.0424 0.0743  2673 G   A P     
858  O OP1   . G   A 27 ? 0.1936 0.2449 0.2156 0.0281  -0.0570 0.0537  2673 G   A OP1   
859  O OP2   . G   A 27 ? 0.1691 0.2977 0.2335 -0.0268 -0.0499 0.0842  2673 G   A OP2   
860  O "O5'" . G   A 27 ? 0.1624 0.2716 0.2024 0.0172  -0.0158 0.0758  2673 G   A "O5'" 
861  C "C5'" . G   A 27 ? 0.1387 0.2686 0.1743 0.0216  -0.0174 0.0783  2673 G   A "C5'" 
862  C "C4'" . G   A 27 ? 0.0963 0.2770 0.1596 0.0178  0.0053  0.0637  2673 G   A "C4'" 
863  O "O4'" . G   A 27 ? 0.1140 0.2665 0.1523 0.0164  0.0119  0.0595  2673 G   A "O4'" 
864  C "C3'" . G   A 27 ? 0.0883 0.2977 0.1492 0.0062  0.0079  0.0584  2673 G   A "C3'" 
865  O "O3'" . G   A 27 ? 0.0945 0.3585 0.1467 0.0087  0.0122  0.0430  2673 G   A "O3'" 
866  C "C2'" . G   A 27 ? 0.1214 0.2653 0.1542 -0.0045 0.0124  0.0537  2673 G   A "C2'" 
867  O "O2'" . G   A 27 ? 0.1947 0.2638 0.1631 -0.0046 0.0196  0.0549  2673 G   A "O2'" 
868  C "C1'" . G   A 27 ? 0.0931 0.2448 0.1531 -0.0144 0.0114  0.0486  2673 G   A "C1'" 
869  N N9    . G   A 27 ? 0.0812 0.2156 0.1478 -0.0289 -0.0051 0.0261  2673 G   A N9    
870  C C8    . G   A 27 ? 0.0919 0.1861 0.1382 -0.0189 -0.0159 0.0137  2673 G   A C8    
871  N N7    . G   A 27 ? 0.0708 0.1856 0.1435 -0.0071 -0.0161 0.0137  2673 G   A N7    
872  C C5    . G   A 27 ? 0.0785 0.1468 0.1567 -0.0082 -0.0019 0.0154  2673 G   A C5    
873  C C6    . G   A 27 ? 0.0908 0.1649 0.1574 -0.0007 -0.0147 0.0147  2673 G   A C6    
874  O O6    . G   A 27 ? 0.1063 0.1925 0.1525 -0.0057 -0.0213 0.0054  2673 G   A O6    
875  N N1    . G   A 27 ? 0.0998 0.1762 0.1496 0.0018  -0.0206 0.0059  2673 G   A N1    
876  C C2    . G   A 27 ? 0.0694 0.1927 0.1597 -0.0025 -0.0035 0.0030  2673 G   A C2    
877  N N2    . G   A 27 ? 0.1293 0.1745 0.1599 0.0380  -0.0044 0.0024  2673 G   A N2    
878  N N3    . G   A 27 ? 0.0627 0.2040 0.1623 -0.0067 0.0134  0.0091  2673 G   A N3    
879  C C4    . G   A 27 ? 0.0890 0.2049 0.1578 -0.0278 0.0088  0.0166  2673 G   A C4    
891  O O     . HOH B .  ? 0.1044 0.1369 0.1094 -0.0240 0.0076  0.0054  1    HOH A O     
892  O O     . HOH B .  ? 0.1052 0.1092 0.1180 -0.0131 0.0103  0.0094  2    HOH A O     
893  O O     . HOH B .  ? 0.0768 0.1305 0.1419 0.0057  0.0105  -0.0464 3    HOH A O     
894  O O     . HOH B .  ? 0.2232 0.1177 0.1100 -0.0320 0.0568  -0.0066 4    HOH A O     
895  O O     . HOH B .  ? 0.2388 0.1311 0.1153 0.0411  0.0243  -0.0028 5    HOH A O     
896  O O     . HOH B .  ? 0.1409 0.1655 0.1048 0.0387  0.0107  0.0025  6    HOH A O     
897  O O     . HOH B .  ? 0.1512 0.1249 0.1113 -0.0431 0.0163  -0.0166 7    HOH A O     
898  O O     . HOH B .  ? 0.1183 0.1622 0.1191 -0.0073 -0.0054 0.0024  8    HOH A O     
899  O O     . HOH B .  ? 0.1323 0.1408 0.2052 -0.0263 -0.0156 -0.0867 9    HOH A O     
900  O O     . HOH B .  ? 0.1291 0.2367 0.2135 -0.0921 -0.0036 0.0323  10   HOH A O     
901  O O     . HOH B .  ? 0.2331 0.2142 0.1250 -0.0998 0.0178  -0.0610 11   HOH A O     
902  O O     . HOH B .  ? 0.1547 0.1187 0.2821 -0.0136 0.0077  0.0269  12   HOH A O     
903  O O     . HOH B .  ? 0.1370 0.1248 0.3622 -0.0042 -0.0126 0.0300  13   HOH A O     
904  O O     . HOH B .  ? 0.1069 0.2049 0.2266 0.0036  0.0110  0.0219  14   HOH A O     
905  O O     . HOH B .  ? 0.1322 0.1652 0.2013 0.0421  0.0531  0.0210  15   HOH A O     
906  O O     . HOH B .  ? 0.1048 0.2455 0.1674 -0.0184 0.0082  -0.0539 16   HOH A O     
907  O O     . HOH B .  ? 0.1932 0.2029 0.1724 -0.0022 0.0187  -0.0591 17   HOH A O     
908  O O     . HOH B .  ? 0.1537 0.5112 0.2248 -0.0709 0.0326  -0.0674 18   HOH A O     
909  O O     . HOH B .  ? 0.3614 0.2501 0.1336 -0.1420 0.0451  -0.0039 19   HOH A O     
910  O O     . HOH B .  ? 0.3668 0.2324 0.1058 -0.0048 0.0297  -0.0377 20   HOH A O     
911  O O     . HOH B .  ? 0.1974 0.1760 0.1899 0.0121  0.0724  0.0259  21   HOH A O     
912  O O     . HOH B .  ? 0.1933 0.4433 0.1297 0.1384  -0.0043 -0.0144 22   HOH A O     
913  O O     . HOH B .  ? 0.2701 0.3372 0.1432 -0.1551 0.0295  -0.0341 23   HOH A O     
914  O O     . HOH B .  ? 0.1462 0.1523 0.1536 -0.0294 -0.0058 -0.0468 24   HOH A O     
915  O O     . HOH B .  ? 0.2408 0.2522 0.2105 0.0937  -0.0536 0.0062  25   HOH A O     
916  O O     . HOH B .  ? 0.1491 0.2153 0.1854 0.0272  -0.0378 0.0319  26   HOH A O     
917  O O     . HOH B .  ? 0.2213 0.3967 0.2021 0.0757  0.0735  0.1266  27   HOH A O     
918  O O     . HOH B .  ? 0.0858 0.2254 0.2662 0.0249  0.0248  0.0679  28   HOH A O     
919  O O     . HOH B .  ? 0.3196 0.1640 0.1662 -0.0001 0.0766  -0.0427 29   HOH A O     
920  O O     . HOH B .  ? 0.2535 0.3111 0.1245 -0.0541 -0.0080 -0.0340 30   HOH A O     
921  O O     . HOH B .  ? 0.4991 0.4620 0.1437 -0.0379 0.0542  -0.0065 31   HOH A O     
922  O O     . HOH B .  ? 0.1134 0.1534 0.1668 -0.0351 0.0076  0.0284  32   HOH A O     
923  O O     . HOH B .  ? 0.2056 0.1287 0.4074 -0.0491 0.0142  0.0231  33   HOH A O     
924  O O     . HOH B .  ? 0.4610 0.3123 0.3318 -0.0679 0.1276  0.1238  34   HOH A O     
925  O O     . HOH B .  ? 0.2529 0.2238 0.2522 -0.0216 0.0251  0.1144  35   HOH A O     
926  O O     . HOH B .  ? 0.2152 0.2723 0.1999 -0.0436 0.0708  -0.0431 36   HOH A O     
927  O O     . HOH B .  ? 0.1783 0.3133 0.1327 -0.0184 -0.0224 0.0014  37   HOH A O     
928  O O     . HOH B .  ? 0.4330 0.1636 0.3816 -0.0532 0.1946  -0.0406 38   HOH A O     
929  O O     . HOH B .  ? 0.1793 0.4632 0.2520 -0.1243 -0.0210 -0.0156 39   HOH A O     
930  O O     . HOH B .  ? 0.1790 0.4594 0.2144 -0.0360 0.0494  -0.1342 40   HOH A O     
931  O O     . HOH B .  ? 0.3012 0.3261 0.1922 -0.1784 0.0175  -0.0091 41   HOH A O     
932  O O     . HOH B .  ? 0.1656 0.1990 0.3977 0.0489  -0.0089 -0.0837 42   HOH A O     
933  O O     . HOH B .  ? 0.2848 0.3076 0.3110 -0.0040 -0.0712 0.1100  43   HOH A O     
934  O O     . HOH B .  ? 0.2886 0.1774 0.3408 -0.0411 0.0776  -0.0289 44   HOH A O     
935  O O     . HOH B .  ? 0.8409 0.2316 0.4821 0.0127  -0.1864 -0.0184 45   HOH A O     
936  O O     . HOH B .  ? 0.2593 0.2547 0.3783 -0.0808 -0.1490 0.1262  46   HOH A O     
937  O O     . HOH B .  ? 0.2453 0.2259 0.2476 0.0156  0.0673  0.0311  47   HOH A O     
938  O O     . HOH B .  ? 0.3915 0.3341 0.2213 0.2086  -0.0731 -0.0754 48   HOH A O     
939  O O     . HOH B .  ? 0.4404 0.2763 0.1670 -0.0088 0.0855  0.0647  49   HOH A O     
940  O O     . HOH B .  ? 0.3088 0.4264 0.4489 -0.0013 -0.2060 0.0756  50   HOH A O     
941  O O     . HOH B .  ? 0.1957 0.4603 0.5334 -0.0202 -0.0821 -0.0825 51   HOH A O     
942  O O     . HOH B .  ? 0.2896 0.2637 0.2659 -0.1232 0.0692  0.0029  52   HOH A O     
943  O O     . HOH B .  ? 0.3965 0.3259 0.2375 -0.1241 -0.0313 -0.1038 53   HOH A O     
944  O O     . HOH B .  ? 0.4829 0.3991 0.4231 0.2157  0.0876  0.1302  54   HOH A O     
945  O O     . HOH B .  ? 0.3834 0.2742 0.3473 -0.1877 0.0106  0.0195  55   HOH A O     
946  O O     . HOH B .  ? 0.2624 0.2958 0.3290 0.0459  -0.0194 -0.0248 56   HOH A O     
947  O O     . HOH B .  ? 0.3936 0.3107 0.1472 0.1325  0.0397  -0.0282 57   HOH A O     
948  O O     . HOH B .  ? 0.2791 0.5394 0.3031 -0.0902 -0.0827 0.0022  58   HOH A O     
949  O O     . HOH B .  ? 0.6793 0.1746 0.1855 0.0041  -0.0523 0.0051  59   HOH A O     
950  O O     . HOH B .  ? 0.3385 0.2807 0.2125 0.0983  0.0412  0.0543  60   HOH A O     
951  O O     . HOH B .  ? 0.4904 0.5200 0.1660 -0.0208 -0.0982 -0.0573 61   HOH A O     
952  O O     . HOH B .  ? 0.3311 0.2249 0.3870 -0.0494 -0.0595 0.1405  62   HOH A O     
953  O O     . HOH B .  ? 0.2322 0.0843 0.2495 -0.0502 -0.0107 -0.0161 63   HOH A O     
954  O O     . HOH B .  ? 0.3232 0.3323 0.4898 -0.0610 0.0282  0.1439  64   HOH A O     
955  O O     . HOH B .  ? 0.3358 0.3107 0.3832 0.1482  0.1868  0.1698  65   HOH A O     
956  O O     . HOH B .  ? 0.5545 0.2150 0.2435 -0.0427 0.0365  0.0793  66   HOH A O     
957  O O     . HOH B .  ? 0.2769 0.4530 0.4567 0.1707  -0.0684 0.0770  67   HOH A O     
958  O O     . HOH B .  ? 0.2388 0.1876 0.1983 -0.0796 0.0285  0.0315  68   HOH A O     
959  O O     . HOH B .  ? 0.2140 0.2622 0.5088 0.0534  0.1037  0.0047  69   HOH A O     
960  O O     . HOH B .  ? 0.2666 0.3927 0.4412 -0.1403 0.1362  -0.1919 70   HOH A O     
961  O O     . HOH B .  ? 0.3045 0.3204 0.3261 0.1420  0.1444  0.1680  71   HOH A O     
962  O O     . HOH B .  ? 0.2793 0.4664 0.5804 0.0815  0.1586  0.2430  72   HOH A O     
963  O O     . HOH B .  ? 0.5838 0.2092 0.2050 -0.1421 -0.0738 0.0261  73   HOH A O     
964  O O     . HOH B .  ? 0.3571 0.2419 0.5693 -0.1229 -0.0749 0.0725  74   HOH A O     
965  O O     . HOH B .  ? 0.6405 0.2152 0.1640 -0.0771 0.0106  0.0007  75   HOH A O     
966  O O     . HOH B .  ? 0.2141 0.6076 0.4481 0.1127  -0.0802 -0.0707 76   HOH A O     
967  O O     . HOH B .  ? 0.5625 0.2396 0.1941 0.0895  0.0771  -0.0154 77   HOH A O     
968  O O     . HOH B .  ? 0.6158 0.2253 0.4183 -0.0616 0.2733  -0.0596 78   HOH A O     
969  O O     . HOH B .  ? 0.2705 0.2443 0.5398 0.0827  0.1785  0.1366  79   HOH A O     
970  O O     . HOH B .  ? 0.3030 0.4276 0.2718 -0.0416 0.0831  -0.0577 80   HOH A O     
971  O O     . HOH B .  ? 0.3497 0.5145 0.1594 -0.1099 -0.0129 0.0713  81   HOH A O     
972  O O     . HOH B .  ? 0.4500 0.5817 0.2258 -0.0008 0.0508  0.0859  82   HOH A O     
973  O O     . HOH B .  ? 0.3765 0.1990 0.5474 0.0588  -0.0482 -0.1218 83   HOH A O     
974  O O     . HOH B .  ? 0.2475 0.1773 0.4873 -0.0623 -0.1254 0.0434  84   HOH A O     
975  O O     . HOH B .  ? 0.5292 0.2464 0.1820 -0.0508 -0.0225 -0.0205 85   HOH A O     
976  O O     . HOH B .  ? 0.4134 0.2656 0.2721 -0.0650 0.0840  -0.1390 86   HOH A O     
977  O O     . HOH B .  ? 0.1875 0.2192 0.2862 0.0322  0.0364  0.0185  87   HOH A O     
978  O O     . HOH B .  ? 0.5238 0.2488 0.2316 -0.1132 -0.0608 0.0047  88   HOH A O     
979  O O     . HOH B .  ? 0.7129 0.2397 0.4023 -0.0516 -0.2193 0.0248  89   HOH A O     
980  O O     . HOH B .  ? 0.5097 0.5512 0.3745 0.1469  0.0758  0.0899  90   HOH A O     
981  O O     . HOH B .  ? 0.2880 0.6788 0.3994 0.1420  -0.1219 -0.0164 91   HOH A O     
982  O O     . HOH B .  ? 0.3306 0.2184 0.4728 0.0118  -0.0486 -0.1606 92   HOH A O     
983  O O     . HOH B .  ? 0.6078 0.4685 0.3057 0.0333  -0.0395 0.2139  93   HOH A O     
984  O O     . HOH B .  ? 0.2665 0.4299 0.4854 0.0610  -0.0289 -0.2081 94   HOH A O     
985  O O     . HOH B .  ? 0.3620 0.4227 0.3394 -0.1248 0.1759  -0.1536 95   HOH A O     
986  O O     . HOH B .  ? 0.3206 0.2332 0.3800 -0.1396 -0.0775 -0.0222 96   HOH A O     
987  O O     . HOH B .  ? 0.4404 0.2927 0.6764 -0.1224 -0.0934 0.1688  97   HOH A O     
988  O O     . HOH B .  ? 0.3858 0.4840 0.2671 -0.0076 -0.0914 -0.1421 98   HOH A O     
989  O O     . HOH B .  ? 0.5809 0.3320 0.6143 -0.1895 0.0203  0.0826  99   HOH A O     
990  O O     . HOH B .  ? 0.5185 0.3576 0.5496 0.1846  -0.0910 0.1468  100  HOH A O     
991  O O     . HOH B .  ? 0.3870 0.4705 0.2596 -0.1064 -0.0214 0.0520  101  HOH A O     
992  O O     . HOH B .  ? 0.3692 0.3764 0.6860 0.0925  0.1661  0.1910  102  HOH A O     
993  O O     . HOH B .  ? 0.2605 0.3380 0.5324 -0.1217 -0.0991 -0.0486 103  HOH A O     
994  O O     . HOH B .  ? 0.2637 0.3544 0.4889 0.1287  -0.1347 -0.1735 104  HOH A O     
995  O O     . HOH B .  ? 0.4648 0.5206 0.3576 0.1214  -0.1965 -0.0269 105  HOH A O     
996  O O     . HOH B .  ? 0.1977 0.3741 0.4260 -0.1059 0.0830  -0.1400 106  HOH A O     
997  O O     . HOH B .  ? 0.2287 0.6806 0.3424 0.1237  0.0304  0.1711  107  HOH A O     
998  O O     . HOH B .  ? 0.2903 0.5347 0.5914 -0.1322 0.1218  -0.0607 108  HOH A O     
999  O O     . HOH B .  ? 0.3251 0.2900 0.3180 0.0182  0.0167  -0.1794 109  HOH A O     
1000 O O     . HOH B .  ? 0.7917 0.2394 0.2545 -0.0049 0.0600  0.0436  110  HOH A O     
1001 O O     . HOH B .  ? 0.1940 0.2564 0.5669 0.0237  0.1193  0.1068  111  HOH A O     
1002 O O     . HOH B .  ? 0.2810 0.1275 0.4380 0.0167  0.1190  0.0085  112  HOH A O     
1003 O O     . HOH B .  ? 0.6363 0.6735 0.3318 0.1219  -0.2185 0.0216  113  HOH A O     
1004 O O     . HOH B .  ? 0.1435 0.3197 0.1004 0.0054  -0.0327 -0.0273 114  HOH A O     
1005 O O     . HOH B .  ? 0.3024 0.2075 0.2149 -0.0936 -0.0938 -0.0041 115  HOH A O     
1006 O O     . HOH B .  ? 0.5112 0.2042 0.2056 -0.1369 -0.1383 0.0555  116  HOH A O     
1007 O O     . HOH B .  ? 0.3378 0.6444 0.4934 0.0742  0.2241  -0.0463 117  HOH A O     
1008 O O     . HOH B .  ? 0.5927 0.3744 0.6529 0.0931  0.0865  -0.2383 118  HOH A O     
1009 O O     . HOH B .  ? 0.3151 0.3067 0.5764 0.1634  0.0164  -0.0302 119  HOH A O     
1010 O O     . HOH B .  ? 0.2856 0.5926 0.6509 -0.0724 -0.0802 -0.1353 120  HOH A O     
1011 O O     . HOH B .  ? 0.3555 0.8162 0.4030 0.0498  -0.0097 0.1240  121  HOH A O     
1012 O O     . HOH B .  ? 0.3742 0.2598 0.4300 0.1128  -0.0486 -0.1306 122  HOH A O     
1013 O O     . HOH B .  ? 0.2453 0.1547 0.5325 -0.0434 0.0597  -0.0327 123  HOH A O     
1014 O O     . HOH B .  ? 0.3467 0.5783 0.2641 -0.1240 -0.1300 0.0316  124  HOH A O     
1015 O O     . HOH B .  ? 0.6354 0.4884 0.3123 0.0389  0.2010  -0.0928 125  HOH A O     
1016 O O     . HOH B .  ? 0.5615 0.4747 0.1783 0.0357  0.0526  -0.0909 126  HOH A O     
1017 O O     . HOH B .  ? 0.2071 0.5214 0.3798 0.0106  0.0436  -0.0321 127  HOH A O     
1018 O O     . HOH B .  ? 0.2608 0.1949 0.5515 -0.0458 -0.0623 -0.0849 128  HOH A O     
1019 O O     . HOH B .  ? 0.5816 0.2082 0.3433 -0.0980 0.1972  -0.0271 129  HOH A O     
1020 O O     . HOH B .  ? 0.2387 0.7683 0.5360 -0.0865 -0.0957 0.0794  131  HOH A O     
1021 O O     . HOH B .  ? 0.7128 0.4887 0.3959 -0.0805 0.0852  -0.1946 132  HOH A O     
1022 O O     . HOH B .  ? 0.6365 0.1953 0.5274 0.1158  0.0083  0.0122  134  HOH A O     
1023 O O     . HOH B .  ? 0.2685 0.3671 0.5039 -0.1547 0.0533  -0.1121 136  HOH A O     
1024 O O     . HOH B .  ? 0.3401 0.4284 0.2335 0.1477  0.0469  -0.0756 137  HOH A O     
1025 O O     . HOH B .  ? 0.2537 0.5089 0.4616 0.0996  -0.1555 0.0537  138  HOH A O     
1026 O O     . HOH B .  ? 0.4679 0.2288 0.5582 -0.0005 0.0331  -0.1670 140  HOH A O     
1027 O O     . HOH B .  ? 0.7693 0.6412 0.5113 -0.0521 -0.0251 0.0672  141  HOH A O     
1028 O O     . HOH B .  ? 0.3430 0.3294 0.2180 -0.1436 0.1284  -0.0763 142  HOH A O     
1029 O O     . HOH B .  ? 0.5201 0.2499 0.6171 0.1794  0.0160  -0.0435 143  HOH A O     
1030 O O     . HOH B .  ? 0.5684 0.3466 0.4457 0.1286  0.0325  -0.0523 144  HOH A O     
1031 O O     . HOH B .  ? 0.5989 0.2783 0.2739 -0.1469 -0.1216 0.0981  145  HOH A O     
1032 O O     . HOH B .  ? 0.1739 0.6217 0.2414 0.0589  0.0284  0.0743  146  HOH A O     
1033 O O     . HOH B .  ? 0.2591 0.5822 0.3201 -0.1270 0.0568  -0.0407 148  HOH A O     
1034 O O     . HOH B .  ? 0.7027 0.2430 0.3463 -0.0580 -0.2214 -0.0129 149  HOH A O     
1035 O O     . HOH B .  ? 0.1843 0.6631 0.5473 0.0573  0.0075  -0.0786 150  HOH A O     
1036 O O     . HOH B .  ? 0.3345 0.3686 0.6463 0.1056  0.1725  -0.0099 151  HOH A O     
1037 O O     . HOH B .  ? 0.3395 0.1645 0.4054 0.0416  0.0413  -0.0889 152  HOH A O     
1038 O O     . HOH B .  ? 0.5253 0.6434 0.2779 -0.1695 0.0189  0.1262  153  HOH A O     
1039 O O     . HOH B .  ? 0.3674 0.4369 0.4435 0.0186  -0.1473 -0.0674 154  HOH A O     
1040 O O     . HOH B .  ? 0.3108 0.2570 0.3443 -0.1465 -0.0614 0.0584  155  HOH A O     
1041 O O     . HOH B .  ? 0.3873 0.3757 0.4629 -0.0512 0.0793  0.2178  156  HOH A O     
1042 O O     . HOH B .  ? 0.2882 0.5462 0.3515 -0.1135 -0.0933 0.0286  157  HOH A O     
1043 O O     . HOH B .  ? 0.5546 0.1748 0.5665 0.0315  0.0057  0.0194  158  HOH A O     
1044 O O     . HOH B .  ? 0.4040 0.3501 0.5800 0.2000  -0.0547 -0.0972 159  HOH A O     
1045 O O     . HOH B .  ? 0.4282 0.4347 0.4690 0.1715  0.2284  0.1194  160  HOH A O     
1046 O O     . HOH B .  ? 0.1861 0.5128 0.5728 -0.0945 -0.0019 -0.0828 161  HOH A O     
1047 O O     . HOH B .  ? 0.6741 0.2123 0.3380 0.0509  0.0083  -0.0783 162  HOH A O     
1048 O O     . HOH B .  ? 0.2878 0.3980 0.5442 0.1104  0.1014  -0.1303 163  HOH A O     
1049 O O     . HOH B .  ? 0.2168 0.4585 0.5812 0.0478  0.0019  0.1390  164  HOH A O     
1050 O O     . HOH B .  ? 0.3924 0.2789 0.2770 -0.0308 -0.1214 -0.0597 165  HOH A O     
1051 O O     . HOH B .  ? 0.3208 0.2178 0.3154 0.0523  0.0049  -0.1226 166  HOH A O     
1052 O O     . HOH B .  ? 0.5836 0.3375 0.4276 0.2144  -0.0041 0.0024  167  HOH A O     
# 
loop_
_pdbx_poly_seq_scheme.asym_id 
_pdbx_poly_seq_scheme.entity_id 
_pdbx_poly_seq_scheme.seq_id 
_pdbx_poly_seq_scheme.mon_id 
_pdbx_poly_seq_scheme.ndb_seq_num 
_pdbx_poly_seq_scheme.pdb_seq_num 
_pdbx_poly_seq_scheme.auth_seq_num 
_pdbx_poly_seq_scheme.pdb_mon_id 
_pdbx_poly_seq_scheme.auth_mon_id 
_pdbx_poly_seq_scheme.pdb_strand_id 
_pdbx_poly_seq_scheme.pdb_ins_code 
_pdbx_poly_seq_scheme.hetero 
A 1 1  U   1  2647 2647 U   URI A . n 
A 1 2  G   2  2648 2648 G   GUA A . n 
A 1 3  C   3  2649 2649 C   CYT A . n 
A 1 4  U   4  2650 2650 U   URI A . n 
A 1 5  C   5  2651 2651 C   CYT A . n 
A 1 6  C   6  2652 2652 C   CYT A . n 
A 1 7  U   7  2653 2653 U   URI A . n 
A 1 8  A   8  2654 2654 A   ADE A . n 
A 1 9  G   9  2655 2655 G   GUA A . n 
A 1 10 U   10 2656 2656 U   URI A . n 
A 1 11 A   11 2657 2657 A   ADE A . n 
A 1 12 C   12 2658 2658 C   CYT A . n 
A 1 13 G   13 2659 2659 G   GUA A . n 
A 1 14 A   14 2660 2660 A   ADE A . n 
A 1 15 G   15 2661 2661 G   GUA A . n 
A 1 16 A   16 2662 2662 A   ADE A . n 
A 1 17 G   17 2663 2663 G   GUA A . n 
A 1 18 G   18 2664 2664 G   GUA A . n 
A 1 19 A   19 2665 2665 A   ADE A . n 
A 1 20 C   20 2666 2666 C   CYT A . n 
A 1 21 C   21 2667 2667 C   CYT A . n 
A 1 22 G   22 2668 2668 G   GUA A . n 
A 1 23 G   23 2669 2669 G   GUA A . n 
A 1 24 AT7 24 2670 2670 AT7 AT7 A . n 
A 1 25 G   25 2671 2671 G   GUA A . n 
A 1 26 U   26 2672 2672 U   URI A . n 
A 1 27 G   27 2673 2673 G   GUA A . n 
# 
loop_
_pdbx_nonpoly_scheme.asym_id 
_pdbx_nonpoly_scheme.entity_id 
_pdbx_nonpoly_scheme.mon_id 
_pdbx_nonpoly_scheme.ndb_seq_num 
_pdbx_nonpoly_scheme.pdb_seq_num 
_pdbx_nonpoly_scheme.auth_seq_num 
_pdbx_nonpoly_scheme.pdb_mon_id 
_pdbx_nonpoly_scheme.auth_mon_id 
_pdbx_nonpoly_scheme.pdb_strand_id 
_pdbx_nonpoly_scheme.pdb_ins_code 
B 2 HOH 1   1   1   HOH HOH A . 
B 2 HOH 2   2   2   HOH HOH A . 
B 2 HOH 3   3   3   HOH HOH A . 
B 2 HOH 4   4   4   HOH HOH A . 
B 2 HOH 5   5   5   HOH HOH A . 
B 2 HOH 6   6   6   HOH HOH A . 
B 2 HOH 7   7   7   HOH HOH A . 
B 2 HOH 8   8   8   HOH HOH A . 
B 2 HOH 9   9   9   HOH HOH A . 
B 2 HOH 10  10  10  HOH HOH A . 
B 2 HOH 11  11  11  HOH HOH A . 
B 2 HOH 12  12  12  HOH HOH A . 
B 2 HOH 13  13  13  HOH HOH A . 
B 2 HOH 14  14  14  HOH HOH A . 
B 2 HOH 15  15  15  HOH HOH A . 
B 2 HOH 16  16  16  HOH HOH A . 
B 2 HOH 17  17  17  HOH HOH A . 
B 2 HOH 18  18  18  HOH HOH A . 
B 2 HOH 19  19  19  HOH HOH A . 
B 2 HOH 20  20  20  HOH HOH A . 
B 2 HOH 21  21  21  HOH HOH A . 
B 2 HOH 22  22  22  HOH HOH A . 
B 2 HOH 23  23  23  HOH HOH A . 
B 2 HOH 24  24  24  HOH HOH A . 
B 2 HOH 25  25  25  HOH HOH A . 
B 2 HOH 26  26  26  HOH HOH A . 
B 2 HOH 27  27  27  HOH HOH A . 
B 2 HOH 28  28  28  HOH HOH A . 
B 2 HOH 29  29  29  HOH HOH A . 
B 2 HOH 30  30  30  HOH HOH A . 
B 2 HOH 31  31  31  HOH HOH A . 
B 2 HOH 32  32  32  HOH HOH A . 
B 2 HOH 33  33  33  HOH HOH A . 
B 2 HOH 34  34  34  HOH HOH A . 
B 2 HOH 35  35  35  HOH HOH A . 
B 2 HOH 36  36  36  HOH HOH A . 
B 2 HOH 37  37  37  HOH HOH A . 
B 2 HOH 38  38  38  HOH HOH A . 
B 2 HOH 39  39  39  HOH HOH A . 
B 2 HOH 40  40  40  HOH HOH A . 
B 2 HOH 41  41  41  HOH HOH A . 
B 2 HOH 42  42  42  HOH HOH A . 
B 2 HOH 43  43  43  HOH HOH A . 
B 2 HOH 44  44  44  HOH HOH A . 
B 2 HOH 45  45  45  HOH HOH A . 
B 2 HOH 46  46  46  HOH HOH A . 
B 2 HOH 47  47  47  HOH HOH A . 
B 2 HOH 48  48  48  HOH HOH A . 
B 2 HOH 49  49  49  HOH HOH A . 
B 2 HOH 50  50  50  HOH HOH A . 
B 2 HOH 51  51  51  HOH HOH A . 
B 2 HOH 52  52  52  HOH HOH A . 
B 2 HOH 53  53  53  HOH HOH A . 
B 2 HOH 54  54  54  HOH HOH A . 
B 2 HOH 55  55  55  HOH HOH A . 
B 2 HOH 56  56  56  HOH HOH A . 
B 2 HOH 57  57  57  HOH HOH A . 
B 2 HOH 58  58  58  HOH HOH A . 
B 2 HOH 59  59  59  HOH HOH A . 
B 2 HOH 60  60  60  HOH HOH A . 
B 2 HOH 61  61  61  HOH HOH A . 
B 2 HOH 62  62  62  HOH HOH A . 
B 2 HOH 63  63  63  HOH HOH A . 
B 2 HOH 64  64  64  HOH HOH A . 
B 2 HOH 65  65  65  HOH HOH A . 
B 2 HOH 66  66  66  HOH HOH A . 
B 2 HOH 67  67  67  HOH HOH A . 
B 2 HOH 68  68  68  HOH HOH A . 
B 2 HOH 69  69  69  HOH HOH A . 
B 2 HOH 70  70  70  HOH HOH A . 
B 2 HOH 71  71  71  HOH HOH A . 
B 2 HOH 72  72  72  HOH HOH A . 
B 2 HOH 73  73  73  HOH HOH A . 
B 2 HOH 74  74  74  HOH HOH A . 
B 2 HOH 75  75  75  HOH HOH A . 
B 2 HOH 76  76  76  HOH HOH A . 
B 2 HOH 77  77  77  HOH HOH A . 
B 2 HOH 78  78  78  HOH HOH A . 
B 2 HOH 79  79  79  HOH HOH A . 
B 2 HOH 80  80  80  HOH HOH A . 
B 2 HOH 81  81  81  HOH HOH A . 
B 2 HOH 82  82  82  HOH HOH A . 
B 2 HOH 83  83  83  HOH HOH A . 
B 2 HOH 84  84  84  HOH HOH A . 
B 2 HOH 85  85  85  HOH HOH A . 
B 2 HOH 86  86  86  HOH HOH A . 
B 2 HOH 87  87  87  HOH HOH A . 
B 2 HOH 88  88  88  HOH HOH A . 
B 2 HOH 89  89  89  HOH HOH A . 
B 2 HOH 90  90  90  HOH HOH A . 
B 2 HOH 91  91  91  HOH HOH A . 
B 2 HOH 92  92  92  HOH HOH A . 
B 2 HOH 93  93  93  HOH HOH A . 
B 2 HOH 94  94  94  HOH HOH A . 
B 2 HOH 95  95  95  HOH HOH A . 
B 2 HOH 96  96  96  HOH HOH A . 
B 2 HOH 97  97  97  HOH HOH A . 
B 2 HOH 98  98  98  HOH HOH A . 
B 2 HOH 99  99  99  HOH HOH A . 
B 2 HOH 100 100 100 HOH HOH A . 
B 2 HOH 101 101 101 HOH HOH A . 
B 2 HOH 102 102 102 HOH HOH A . 
B 2 HOH 103 103 103 HOH HOH A . 
B 2 HOH 104 104 104 HOH HOH A . 
B 2 HOH 105 105 105 HOH HOH A . 
B 2 HOH 106 106 106 HOH HOH A . 
B 2 HOH 107 107 107 HOH HOH A . 
B 2 HOH 108 108 108 HOH HOH A . 
B 2 HOH 109 109 109 HOH HOH A . 
B 2 HOH 110 110 110 HOH HOH A . 
B 2 HOH 111 111 111 HOH HOH A . 
B 2 HOH 112 112 112 HOH HOH A . 
B 2 HOH 113 113 113 HOH HOH A . 
B 2 HOH 114 114 114 HOH HOH A . 
B 2 HOH 115 115 115 HOH HOH A . 
B 2 HOH 116 116 116 HOH HOH A . 
B 2 HOH 117 117 117 HOH HOH A . 
B 2 HOH 118 118 118 HOH HOH A . 
B 2 HOH 119 119 119 HOH HOH A . 
B 2 HOH 120 120 120 HOH HOH A . 
B 2 HOH 121 121 121 HOH HOH A . 
B 2 HOH 122 122 122 HOH HOH A . 
B 2 HOH 123 123 123 HOH HOH A . 
B 2 HOH 124 124 124 HOH HOH A . 
B 2 HOH 125 125 125 HOH HOH A . 
B 2 HOH 126 126 126 HOH HOH A . 
B 2 HOH 127 127 127 HOH HOH A . 
B 2 HOH 128 128 128 HOH HOH A . 
B 2 HOH 129 129 129 HOH HOH A . 
B 2 HOH 130 131 131 HOH HOH A . 
B 2 HOH 131 132 132 HOH HOH A . 
B 2 HOH 132 134 134 HOH HOH A . 
B 2 HOH 133 136 136 HOH HOH A . 
B 2 HOH 134 137 137 HOH HOH A . 
B 2 HOH 135 138 138 HOH HOH A . 
B 2 HOH 136 140 140 HOH HOH A . 
B 2 HOH 137 141 141 HOH HOH A . 
B 2 HOH 138 142 142 HOH HOH A . 
B 2 HOH 139 143 143 HOH HOH A . 
B 2 HOH 140 144 144 HOH HOH A . 
B 2 HOH 141 145 145 HOH HOH A . 
B 2 HOH 142 146 146 HOH HOH A . 
B 2 HOH 143 148 148 HOH HOH A . 
B 2 HOH 144 149 149 HOH HOH A . 
B 2 HOH 145 150 150 HOH HOH A . 
B 2 HOH 146 151 151 HOH HOH A . 
B 2 HOH 147 152 152 HOH HOH A . 
B 2 HOH 148 153 153 HOH HOH A . 
B 2 HOH 149 154 154 HOH HOH A . 
B 2 HOH 150 155 155 HOH HOH A . 
B 2 HOH 151 156 156 HOH HOH A . 
B 2 HOH 152 157 157 HOH HOH A . 
B 2 HOH 153 158 158 HOH HOH A . 
B 2 HOH 154 159 159 HOH HOH A . 
B 2 HOH 155 160 160 HOH HOH A . 
B 2 HOH 156 161 161 HOH HOH A . 
B 2 HOH 157 162 162 HOH HOH A . 
B 2 HOH 158 163 163 HOH HOH A . 
B 2 HOH 159 164 164 HOH HOH A . 
B 2 HOH 160 165 165 HOH HOH A . 
B 2 HOH 161 166 166 HOH HOH A . 
B 2 HOH 162 167 167 HOH HOH A . 
# 
_pdbx_struct_assembly.id                   1 
_pdbx_struct_assembly.details              author_and_software_defined_assembly 
_pdbx_struct_assembly.method_details       PISA 
_pdbx_struct_assembly.oligomeric_details   monomeric 
_pdbx_struct_assembly.oligomeric_count     1 
# 
_pdbx_struct_assembly_gen.assembly_id       1 
_pdbx_struct_assembly_gen.oper_expression   1 
_pdbx_struct_assembly_gen.asym_id_list      A,B 
# 
_pdbx_struct_oper_list.id                   1 
_pdbx_struct_oper_list.type                 'identity operation' 
_pdbx_struct_oper_list.name                 1_555 
_pdbx_struct_oper_list.symmetry_operation   x,y,z 
_pdbx_struct_oper_list.matrix[1][1]         1.0000000000 
_pdbx_struct_oper_list.matrix[1][2]         0.0000000000 
_pdbx_struct_oper_list.matrix[1][3]         0.0000000000 
_pdbx_struct_oper_list.vector[1]            0.0000000000 
_pdbx_struct_oper_list.matrix[2][1]         0.0000000000 
_pdbx_struct_oper_list.matrix[2][2]         1.0000000000 
_pdbx_struct_oper_list.matrix[2][3]         0.0000000000 
_pdbx_struct_oper_list.vector[2]            0.0000000000 
_pdbx_struct_oper_list.matrix[3][1]         0.0000000000 
_pdbx_struct_oper_list.matrix[3][2]         0.0000000000 
_pdbx_struct_oper_list.matrix[3][3]         1.0000000000 
_pdbx_struct_oper_list.vector[3]            0.0000000000 
# 
loop_
_pdbx_audit_revision_history.ordinal 
_pdbx_audit_revision_history.data_content_type 
_pdbx_audit_revision_history.major_revision 
_pdbx_audit_revision_history.minor_revision 
_pdbx_audit_revision_history.revision_date 
1 'Structure model' 1 0 2012-04-11 
2 'Structure model' 1 1 2023-09-13 
# 
_pdbx_audit_revision_details.ordinal             1 
_pdbx_audit_revision_details.revision_ordinal    1 
_pdbx_audit_revision_details.data_content_type   'Structure model' 
_pdbx_audit_revision_details.provider            repository 
_pdbx_audit_revision_details.type                'Initial release' 
_pdbx_audit_revision_details.description         ? 
_pdbx_audit_revision_details.details             ? 
# 
loop_
_pdbx_audit_revision_group.ordinal 
_pdbx_audit_revision_group.revision_ordinal 
_pdbx_audit_revision_group.data_content_type 
_pdbx_audit_revision_group.group 
1 2 'Structure model' 'Data collection'        
2 2 'Structure model' 'Database references'    
3 2 'Structure model' 'Derived calculations'   
4 2 'Structure model' 'Refinement description' 
# 
loop_
_pdbx_audit_revision_category.ordinal 
_pdbx_audit_revision_category.revision_ordinal 
_pdbx_audit_revision_category.data_content_type 
_pdbx_audit_revision_category.category 
1 2 'Structure model' chem_comp_atom                
2 2 'Structure model' chem_comp_bond                
3 2 'Structure model' database_2                    
4 2 'Structure model' pdbx_initial_refinement_model 
5 2 'Structure model' struct_conn                   
# 
loop_
_pdbx_audit_revision_item.ordinal 
_pdbx_audit_revision_item.revision_ordinal 
_pdbx_audit_revision_item.data_content_type 
_pdbx_audit_revision_item.item 
1 2 'Structure model' '_database_2.pdbx_DOI'                
2 2 'Structure model' '_database_2.pdbx_database_accession' 
3 2 'Structure model' '_struct_conn.pdbx_leaving_atom_flag' 
# 
loop_
_software.name 
_software.classification 
_software.version 
_software.citation_id 
_software.pdbx_ordinal 
MOLREP phasing          .                          ? 1 
PHENIX refinement       '(phenix.refine: 1.7_650)' ? 2 
XDS    'data reduction' .                          ? 3 
XDS    'data scaling'   .                          ? 4 
# 
loop_
_pdbx_validate_close_contact.id 
_pdbx_validate_close_contact.PDB_model_num 
_pdbx_validate_close_contact.auth_atom_id_1 
_pdbx_validate_close_contact.auth_asym_id_1 
_pdbx_validate_close_contact.auth_comp_id_1 
_pdbx_validate_close_contact.auth_seq_id_1 
_pdbx_validate_close_contact.PDB_ins_code_1 
_pdbx_validate_close_contact.label_alt_id_1 
_pdbx_validate_close_contact.auth_atom_id_2 
_pdbx_validate_close_contact.auth_asym_id_2 
_pdbx_validate_close_contact.auth_comp_id_2 
_pdbx_validate_close_contact.auth_seq_id_2 
_pdbx_validate_close_contact.PDB_ins_code_2 
_pdbx_validate_close_contact.label_alt_id_2 
_pdbx_validate_close_contact.dist 
1 1 H1 A G   2648 ? A O2 A U   2672 ? ? 1.59 
2 1 O  A HOH 109  ? ? O  A HOH 152  ? ? 1.97 
# 
loop_
_pdbx_validate_rmsd_bond.id 
_pdbx_validate_rmsd_bond.PDB_model_num 
_pdbx_validate_rmsd_bond.auth_atom_id_1 
_pdbx_validate_rmsd_bond.auth_asym_id_1 
_pdbx_validate_rmsd_bond.auth_comp_id_1 
_pdbx_validate_rmsd_bond.auth_seq_id_1 
_pdbx_validate_rmsd_bond.PDB_ins_code_1 
_pdbx_validate_rmsd_bond.label_alt_id_1 
_pdbx_validate_rmsd_bond.auth_atom_id_2 
_pdbx_validate_rmsd_bond.auth_asym_id_2 
_pdbx_validate_rmsd_bond.auth_comp_id_2 
_pdbx_validate_rmsd_bond.auth_seq_id_2 
_pdbx_validate_rmsd_bond.PDB_ins_code_2 
_pdbx_validate_rmsd_bond.label_alt_id_2 
_pdbx_validate_rmsd_bond.bond_value 
_pdbx_validate_rmsd_bond.bond_target_value 
_pdbx_validate_rmsd_bond.bond_deviation 
_pdbx_validate_rmsd_bond.bond_standard_deviation 
_pdbx_validate_rmsd_bond.linker_flag 
1 1 "C5'" A U 2650 ? B "C4'" A U 2650 ? ? 1.447 1.508 -0.061 0.007 N 
2 1 N1    A G 2659 ? ? C2    A G 2659 ? ? 1.323 1.373 -0.050 0.008 N 
3 1 "O5'" A G 2671 ? ? "C5'" A G 2671 ? ? 1.363 1.420 -0.057 0.009 N 
4 1 C5    A G 2671 ? ? N7    A G 2671 ? ? 1.339 1.388 -0.049 0.006 N 
# 
loop_
_pdbx_validate_rmsd_angle.id 
_pdbx_validate_rmsd_angle.PDB_model_num 
_pdbx_validate_rmsd_angle.auth_atom_id_1 
_pdbx_validate_rmsd_angle.auth_asym_id_1 
_pdbx_validate_rmsd_angle.auth_comp_id_1 
_pdbx_validate_rmsd_angle.auth_seq_id_1 
_pdbx_validate_rmsd_angle.PDB_ins_code_1 
_pdbx_validate_rmsd_angle.label_alt_id_1 
_pdbx_validate_rmsd_angle.auth_atom_id_2 
_pdbx_validate_rmsd_angle.auth_asym_id_2 
_pdbx_validate_rmsd_angle.auth_comp_id_2 
_pdbx_validate_rmsd_angle.auth_seq_id_2 
_pdbx_validate_rmsd_angle.PDB_ins_code_2 
_pdbx_validate_rmsd_angle.label_alt_id_2 
_pdbx_validate_rmsd_angle.auth_atom_id_3 
_pdbx_validate_rmsd_angle.auth_asym_id_3 
_pdbx_validate_rmsd_angle.auth_comp_id_3 
_pdbx_validate_rmsd_angle.auth_seq_id_3 
_pdbx_validate_rmsd_angle.PDB_ins_code_3 
_pdbx_validate_rmsd_angle.label_alt_id_3 
_pdbx_validate_rmsd_angle.angle_value 
_pdbx_validate_rmsd_angle.angle_target_value 
_pdbx_validate_rmsd_angle.angle_deviation 
_pdbx_validate_rmsd_angle.angle_standard_deviation 
_pdbx_validate_rmsd_angle.linker_flag 
1  1 C5 A G 2648 ? B N7 A G 2648 ? B C8 A G 2648 ? B 100.76 104.30 -3.54 0.50 N 
2  1 N3 A C 2649 ? B C4 A C 2649 ? B N4 A C 2649 ? B 122.48 118.00 4.48  0.70 N 
3  1 C5 A C 2649 ? B C4 A C 2649 ? B N4 A C 2649 ? B 115.96 120.20 -4.24 0.70 N 
4  1 C2 A C 2651 ? ? N3 A C 2651 ? ? C4 A C 2651 ? ? 123.54 119.90 3.64  0.50 N 
5  1 C4 A G 2655 ? ? C5 A G 2655 ? ? N7 A G 2655 ? ? 104.59 110.80 -6.21 0.40 N 
6  1 C5 A G 2655 ? ? N7 A G 2655 ? ? C8 A G 2655 ? ? 109.71 104.30 5.41  0.50 N 
7  1 C8 A G 2655 ? ? N9 A G 2655 ? ? C4 A G 2655 ? ? 103.62 106.40 -2.78 0.40 N 
8  1 N9 A G 2655 ? ? C4 A G 2655 ? ? C5 A G 2655 ? ? 111.26 105.40 5.86  0.40 N 
9  1 C6 A G 2655 ? ? C5 A G 2655 ? ? N7 A G 2655 ? ? 134.73 130.40 4.33  0.60 N 
10 1 N7 A G 2661 ? ? C8 A G 2661 ? ? N9 A G 2661 ? ? 108.86 113.10 -4.24 0.50 N 
11 1 N1 A G 2664 ? ? C2 A G 2664 ? ? N3 A G 2664 ? ? 119.93 123.90 -3.97 0.60 N 
12 1 C2 A G 2664 ? ? N3 A G 2664 ? ? C4 A G 2664 ? ? 115.03 111.90 3.13  0.50 N 
13 1 C4 A G 2664 ? ? C5 A G 2664 ? ? N7 A G 2664 ? ? 107.67 110.80 -3.13 0.40 N 
14 1 N3 A G 2664 ? ? C2 A G 2664 ? ? N2 A G 2664 ? ? 124.88 119.90 4.98  0.70 N 
15 1 C4 A A 2665 ? ? C5 A A 2665 ? ? C6 A A 2665 ? ? 121.39 117.00 4.39  0.50 N 
16 1 N9 A A 2665 ? ? C4 A A 2665 ? ? C5 A A 2665 ? ? 108.63 105.80 2.83  0.40 N 
17 1 N1 A C 2667 ? ? C2 A C 2667 ? ? O2 A C 2667 ? ? 115.12 118.90 -3.78 0.60 N 
18 1 C2 A G 2669 ? ? N3 A G 2669 ? ? C4 A G 2669 ? ? 115.10 111.90 3.20  0.50 N 
19 1 C8 A G 2669 ? ? N9 A G 2669 ? ? C4 A G 2669 ? ? 103.44 106.40 -2.96 0.40 N 
20 1 N9 A G 2669 ? ? C4 A G 2669 ? ? C5 A G 2669 ? ? 108.52 105.40 3.12  0.40 N 
21 1 C2 A G 2671 ? ? N3 A G 2671 ? ? C4 A G 2671 ? ? 107.10 111.90 -4.80 0.50 N 
22 1 N3 A G 2671 ? ? C4 A G 2671 ? ? C5 A G 2671 ? ? 132.28 128.60 3.68  0.50 N 
23 1 C5 A G 2671 ? ? C6 A G 2671 ? ? N1 A G 2671 ? ? 107.41 111.50 -4.09 0.50 N 
24 1 N3 A G 2671 ? ? C4 A G 2671 ? ? N9 A G 2671 ? ? 121.28 126.00 -4.72 0.60 N 
25 1 C5 A U 2672 ? ? C6 A U 2672 ? ? N1 A U 2672 ? ? 119.50 122.70 -3.20 0.50 N 
26 1 C8 A G 2673 ? ? N9 A G 2673 ? ? C4 A G 2673 ? ? 109.36 106.40 2.96  0.40 N 
# 
_pdbx_validate_planes.id              1 
_pdbx_validate_planes.PDB_model_num   1 
_pdbx_validate_planes.auth_comp_id    G 
_pdbx_validate_planes.auth_asym_id    A 
_pdbx_validate_planes.auth_seq_id     2659 
_pdbx_validate_planes.PDB_ins_code    ? 
_pdbx_validate_planes.label_alt_id    ? 
_pdbx_validate_planes.rmsd            0.069 
_pdbx_validate_planes.type            'SIDE CHAIN' 
# 
loop_
_chem_comp_atom.comp_id 
_chem_comp_atom.atom_id 
_chem_comp_atom.type_symbol 
_chem_comp_atom.pdbx_aromatic_flag 
_chem_comp_atom.pdbx_stereo_config 
_chem_comp_atom.pdbx_ordinal 
A   OP3    O N N 1   
A   P      P N N 2   
A   OP1    O N N 3   
A   OP2    O N N 4   
A   "O5'"  O N N 5   
A   "C5'"  C N N 6   
A   "C4'"  C N R 7   
A   "O4'"  O N N 8   
A   "C3'"  C N S 9   
A   "O3'"  O N N 10  
A   "C2'"  C N R 11  
A   "O2'"  O N N 12  
A   "C1'"  C N R 13  
A   N9     N Y N 14  
A   C8     C Y N 15  
A   N7     N Y N 16  
A   C5     C Y N 17  
A   C6     C Y N 18  
A   N6     N N N 19  
A   N1     N Y N 20  
A   C2     C Y N 21  
A   N3     N Y N 22  
A   C4     C Y N 23  
A   HOP3   H N N 24  
A   HOP2   H N N 25  
A   "H5'"  H N N 26  
A   "H5''" H N N 27  
A   "H4'"  H N N 28  
A   "H3'"  H N N 29  
A   "HO3'" H N N 30  
A   "H2'"  H N N 31  
A   "HO2'" H N N 32  
A   "H1'"  H N N 33  
A   H8     H N N 34  
A   H61    H N N 35  
A   H62    H N N 36  
A   H2     H N N 37  
AT7 P      P N N 38  
AT7 N1     N Y N 39  
AT7 C2     C Y N 40  
AT7 N3     N Y N 41  
AT7 C4     C Y N 42  
AT7 C5     C Y N 43  
AT7 C6     C Y N 44  
AT7 N6     N N N 45  
AT7 N7     N Y N 46  
AT7 C8     C Y N 47  
AT7 N9     N Y N 48  
AT7 "C1'"  C N R 49  
AT7 "C2'"  C N R 50  
AT7 "C3'"  C N S 51  
AT7 "N3'"  N N N 52  
AT7 "O3'"  O N N 53  
AT7 "C4'"  C N R 54  
AT7 "N4'"  N N N 55  
AT7 "O4'"  O N N 56  
AT7 "C5'"  C N N 57  
AT7 "N5'"  N N N 58  
AT7 "O5'"  O N N 59  
AT7 H2     H N N 60  
AT7 H61    H N N 61  
AT7 H62    H N N 62  
AT7 H8     H N N 63  
AT7 "H1'"  H N N 64  
AT7 "H2'"  H N N 65  
AT7 "H3'"  H N N 66  
AT7 "HO3'" H N N 67  
AT7 "H4'"  H N N 68  
AT7 "H5'"  H N N 69  
AT7 "H5''" H N N 70  
AT7 "HN5'" H N N 71  
AT7 OP1    O N N 72  
AT7 OP2    O N N 73  
AT7 OP3    O N N 74  
AT7 HOP2   H N N 75  
AT7 HOP3   H N N 76  
C   OP3    O N N 77  
C   P      P N N 78  
C   OP1    O N N 79  
C   OP2    O N N 80  
C   "O5'"  O N N 81  
C   "C5'"  C N N 82  
C   "C4'"  C N R 83  
C   "O4'"  O N N 84  
C   "C3'"  C N S 85  
C   "O3'"  O N N 86  
C   "C2'"  C N R 87  
C   "O2'"  O N N 88  
C   "C1'"  C N R 89  
C   N1     N N N 90  
C   C2     C N N 91  
C   O2     O N N 92  
C   N3     N N N 93  
C   C4     C N N 94  
C   N4     N N N 95  
C   C5     C N N 96  
C   C6     C N N 97  
C   HOP3   H N N 98  
C   HOP2   H N N 99  
C   "H5'"  H N N 100 
C   "H5''" H N N 101 
C   "H4'"  H N N 102 
C   "H3'"  H N N 103 
C   "HO3'" H N N 104 
C   "H2'"  H N N 105 
C   "HO2'" H N N 106 
C   "H1'"  H N N 107 
C   H41    H N N 108 
C   H42    H N N 109 
C   H5     H N N 110 
C   H6     H N N 111 
G   OP3    O N N 112 
G   P      P N N 113 
G   OP1    O N N 114 
G   OP2    O N N 115 
G   "O5'"  O N N 116 
G   "C5'"  C N N 117 
G   "C4'"  C N R 118 
G   "O4'"  O N N 119 
G   "C3'"  C N S 120 
G   "O3'"  O N N 121 
G   "C2'"  C N R 122 
G   "O2'"  O N N 123 
G   "C1'"  C N R 124 
G   N9     N Y N 125 
G   C8     C Y N 126 
G   N7     N Y N 127 
G   C5     C Y N 128 
G   C6     C N N 129 
G   O6     O N N 130 
G   N1     N N N 131 
G   C2     C N N 132 
G   N2     N N N 133 
G   N3     N N N 134 
G   C4     C Y N 135 
G   HOP3   H N N 136 
G   HOP2   H N N 137 
G   "H5'"  H N N 138 
G   "H5''" H N N 139 
G   "H4'"  H N N 140 
G   "H3'"  H N N 141 
G   "HO3'" H N N 142 
G   "H2'"  H N N 143 
G   "HO2'" H N N 144 
G   "H1'"  H N N 145 
G   H8     H N N 146 
G   H1     H N N 147 
G   H21    H N N 148 
G   H22    H N N 149 
HOH O      O N N 150 
HOH H1     H N N 151 
HOH H2     H N N 152 
U   OP3    O N N 153 
U   P      P N N 154 
U   OP1    O N N 155 
U   OP2    O N N 156 
U   "O5'"  O N N 157 
U   "C5'"  C N N 158 
U   "C4'"  C N R 159 
U   "O4'"  O N N 160 
U   "C3'"  C N S 161 
U   "O3'"  O N N 162 
U   "C2'"  C N R 163 
U   "O2'"  O N N 164 
U   "C1'"  C N R 165 
U   N1     N N N 166 
U   C2     C N N 167 
U   O2     O N N 168 
U   N3     N N N 169 
U   C4     C N N 170 
U   O4     O N N 171 
U   C5     C N N 172 
U   C6     C N N 173 
U   HOP3   H N N 174 
U   HOP2   H N N 175 
U   "H5'"  H N N 176 
U   "H5''" H N N 177 
U   "H4'"  H N N 178 
U   "H3'"  H N N 179 
U   "HO3'" H N N 180 
U   "H2'"  H N N 181 
U   "HO2'" H N N 182 
U   "H1'"  H N N 183 
U   H3     H N N 184 
U   H5     H N N 185 
U   H6     H N N 186 
# 
loop_
_chem_comp_bond.comp_id 
_chem_comp_bond.atom_id_1 
_chem_comp_bond.atom_id_2 
_chem_comp_bond.value_order 
_chem_comp_bond.pdbx_aromatic_flag 
_chem_comp_bond.pdbx_stereo_config 
_chem_comp_bond.pdbx_ordinal 
A   OP3   P      sing N N 1   
A   OP3   HOP3   sing N N 2   
A   P     OP1    doub N N 3   
A   P     OP2    sing N N 4   
A   P     "O5'"  sing N N 5   
A   OP2   HOP2   sing N N 6   
A   "O5'" "C5'"  sing N N 7   
A   "C5'" "C4'"  sing N N 8   
A   "C5'" "H5'"  sing N N 9   
A   "C5'" "H5''" sing N N 10  
A   "C4'" "O4'"  sing N N 11  
A   "C4'" "C3'"  sing N N 12  
A   "C4'" "H4'"  sing N N 13  
A   "O4'" "C1'"  sing N N 14  
A   "C3'" "O3'"  sing N N 15  
A   "C3'" "C2'"  sing N N 16  
A   "C3'" "H3'"  sing N N 17  
A   "O3'" "HO3'" sing N N 18  
A   "C2'" "O2'"  sing N N 19  
A   "C2'" "C1'"  sing N N 20  
A   "C2'" "H2'"  sing N N 21  
A   "O2'" "HO2'" sing N N 22  
A   "C1'" N9     sing N N 23  
A   "C1'" "H1'"  sing N N 24  
A   N9    C8     sing Y N 25  
A   N9    C4     sing Y N 26  
A   C8    N7     doub Y N 27  
A   C8    H8     sing N N 28  
A   N7    C5     sing Y N 29  
A   C5    C6     sing Y N 30  
A   C5    C4     doub Y N 31  
A   C6    N6     sing N N 32  
A   C6    N1     doub Y N 33  
A   N6    H61    sing N N 34  
A   N6    H62    sing N N 35  
A   N1    C2     sing Y N 36  
A   C2    N3     doub Y N 37  
A   C2    H2     sing N N 38  
A   N3    C4     sing Y N 39  
AT7 P     "O5'"  sing N N 40  
AT7 N1    C2     doub Y N 41  
AT7 N1    C6     sing Y N 42  
AT7 C2    N3     sing Y N 43  
AT7 C2    H2     sing N N 44  
AT7 N3    C4     doub Y N 45  
AT7 C4    C5     sing Y N 46  
AT7 C4    N9     sing Y N 47  
AT7 C5    C6     doub Y N 48  
AT7 C5    N7     sing Y N 49  
AT7 C6    N6     sing N N 50  
AT7 N6    H61    sing N N 51  
AT7 N6    H62    sing N N 52  
AT7 N7    C8     doub Y N 53  
AT7 C8    N9     sing Y N 54  
AT7 C8    H8     sing N N 55  
AT7 N9    "C1'"  sing N N 56  
AT7 "C1'" "C2'"  sing N N 57  
AT7 "C1'" "O4'"  sing N N 58  
AT7 "C1'" "H1'"  sing N N 59  
AT7 "C2'" "C3'"  sing N N 60  
AT7 "C2'" "N3'"  sing N N 61  
AT7 "C2'" "H2'"  sing N N 62  
AT7 "C3'" "O3'"  sing N N 63  
AT7 "C3'" "C4'"  sing N N 64  
AT7 "C3'" "H3'"  sing N N 65  
AT7 "N3'" "N4'"  doub N N 66  
AT7 "O3'" "HO3'" sing N N 67  
AT7 "C4'" "O4'"  sing N N 68  
AT7 "C4'" "C5'"  sing N N 69  
AT7 "C4'" "H4'"  sing N N 70  
AT7 "N4'" "N5'"  doub N N 71  
AT7 "C5'" "O5'"  sing N N 72  
AT7 "C5'" "H5'"  sing N N 73  
AT7 "C5'" "H5''" sing N N 74  
AT7 "N5'" "HN5'" sing N N 75  
AT7 P     OP1    doub N N 76  
AT7 P     OP2    sing N N 77  
AT7 P     OP3    sing N N 78  
AT7 OP2   HOP2   sing N N 79  
AT7 OP3   HOP3   sing N N 80  
C   OP3   P      sing N N 81  
C   OP3   HOP3   sing N N 82  
C   P     OP1    doub N N 83  
C   P     OP2    sing N N 84  
C   P     "O5'"  sing N N 85  
C   OP2   HOP2   sing N N 86  
C   "O5'" "C5'"  sing N N 87  
C   "C5'" "C4'"  sing N N 88  
C   "C5'" "H5'"  sing N N 89  
C   "C5'" "H5''" sing N N 90  
C   "C4'" "O4'"  sing N N 91  
C   "C4'" "C3'"  sing N N 92  
C   "C4'" "H4'"  sing N N 93  
C   "O4'" "C1'"  sing N N 94  
C   "C3'" "O3'"  sing N N 95  
C   "C3'" "C2'"  sing N N 96  
C   "C3'" "H3'"  sing N N 97  
C   "O3'" "HO3'" sing N N 98  
C   "C2'" "O2'"  sing N N 99  
C   "C2'" "C1'"  sing N N 100 
C   "C2'" "H2'"  sing N N 101 
C   "O2'" "HO2'" sing N N 102 
C   "C1'" N1     sing N N 103 
C   "C1'" "H1'"  sing N N 104 
C   N1    C2     sing N N 105 
C   N1    C6     sing N N 106 
C   C2    O2     doub N N 107 
C   C2    N3     sing N N 108 
C   N3    C4     doub N N 109 
C   C4    N4     sing N N 110 
C   C4    C5     sing N N 111 
C   N4    H41    sing N N 112 
C   N4    H42    sing N N 113 
C   C5    C6     doub N N 114 
C   C5    H5     sing N N 115 
C   C6    H6     sing N N 116 
G   OP3   P      sing N N 117 
G   OP3   HOP3   sing N N 118 
G   P     OP1    doub N N 119 
G   P     OP2    sing N N 120 
G   P     "O5'"  sing N N 121 
G   OP2   HOP2   sing N N 122 
G   "O5'" "C5'"  sing N N 123 
G   "C5'" "C4'"  sing N N 124 
G   "C5'" "H5'"  sing N N 125 
G   "C5'" "H5''" sing N N 126 
G   "C4'" "O4'"  sing N N 127 
G   "C4'" "C3'"  sing N N 128 
G   "C4'" "H4'"  sing N N 129 
G   "O4'" "C1'"  sing N N 130 
G   "C3'" "O3'"  sing N N 131 
G   "C3'" "C2'"  sing N N 132 
G   "C3'" "H3'"  sing N N 133 
G   "O3'" "HO3'" sing N N 134 
G   "C2'" "O2'"  sing N N 135 
G   "C2'" "C1'"  sing N N 136 
G   "C2'" "H2'"  sing N N 137 
G   "O2'" "HO2'" sing N N 138 
G   "C1'" N9     sing N N 139 
G   "C1'" "H1'"  sing N N 140 
G   N9    C8     sing Y N 141 
G   N9    C4     sing Y N 142 
G   C8    N7     doub Y N 143 
G   C8    H8     sing N N 144 
G   N7    C5     sing Y N 145 
G   C5    C6     sing N N 146 
G   C5    C4     doub Y N 147 
G   C6    O6     doub N N 148 
G   C6    N1     sing N N 149 
G   N1    C2     sing N N 150 
G   N1    H1     sing N N 151 
G   C2    N2     sing N N 152 
G   C2    N3     doub N N 153 
G   N2    H21    sing N N 154 
G   N2    H22    sing N N 155 
G   N3    C4     sing N N 156 
HOH O     H1     sing N N 157 
HOH O     H2     sing N N 158 
U   OP3   P      sing N N 159 
U   OP3   HOP3   sing N N 160 
U   P     OP1    doub N N 161 
U   P     OP2    sing N N 162 
U   P     "O5'"  sing N N 163 
U   OP2   HOP2   sing N N 164 
U   "O5'" "C5'"  sing N N 165 
U   "C5'" "C4'"  sing N N 166 
U   "C5'" "H5'"  sing N N 167 
U   "C5'" "H5''" sing N N 168 
U   "C4'" "O4'"  sing N N 169 
U   "C4'" "C3'"  sing N N 170 
U   "C4'" "H4'"  sing N N 171 
U   "O4'" "C1'"  sing N N 172 
U   "C3'" "O3'"  sing N N 173 
U   "C3'" "C2'"  sing N N 174 
U   "C3'" "H3'"  sing N N 175 
U   "O3'" "HO3'" sing N N 176 
U   "C2'" "O2'"  sing N N 177 
U   "C2'" "C1'"  sing N N 178 
U   "C2'" "H2'"  sing N N 179 
U   "O2'" "HO2'" sing N N 180 
U   "C1'" N1     sing N N 181 
U   "C1'" "H1'"  sing N N 182 
U   N1    C2     sing N N 183 
U   N1    C6     sing N N 184 
U   C2    O2     doub N N 185 
U   C2    N3     sing N N 186 
U   N3    C4     sing N N 187 
U   N3    H3     sing N N 188 
U   C4    O4     doub N N 189 
U   C4    C5     sing N N 190 
U   C5    C6     doub N N 191 
U   C5    H5     sing N N 192 
U   C6    H6     sing N N 193 
# 
loop_
_ndb_struct_conf_na.entry_id 
_ndb_struct_conf_na.feature 
3S8U 'double helix'         
3S8U 'a-form double helix'  
3S8U 'mismatched base pair' 
3S8U 'triple helix'         
# 
loop_
_ndb_struct_na_base_pair.model_number 
_ndb_struct_na_base_pair.i_label_asym_id 
_ndb_struct_na_base_pair.i_label_comp_id 
_ndb_struct_na_base_pair.i_label_seq_id 
_ndb_struct_na_base_pair.i_symmetry 
_ndb_struct_na_base_pair.j_label_asym_id 
_ndb_struct_na_base_pair.j_label_comp_id 
_ndb_struct_na_base_pair.j_label_seq_id 
_ndb_struct_na_base_pair.j_symmetry 
_ndb_struct_na_base_pair.shear 
_ndb_struct_na_base_pair.stretch 
_ndb_struct_na_base_pair.stagger 
_ndb_struct_na_base_pair.buckle 
_ndb_struct_na_base_pair.propeller 
_ndb_struct_na_base_pair.opening 
_ndb_struct_na_base_pair.pair_number 
_ndb_struct_na_base_pair.pair_name 
_ndb_struct_na_base_pair.i_auth_asym_id 
_ndb_struct_na_base_pair.i_auth_seq_id 
_ndb_struct_na_base_pair.i_PDB_ins_code 
_ndb_struct_na_base_pair.j_auth_asym_id 
_ndb_struct_na_base_pair.j_auth_seq_id 
_ndb_struct_na_base_pair.j_PDB_ins_code 
_ndb_struct_na_base_pair.hbond_type_28 
_ndb_struct_na_base_pair.hbond_type_12 
1 A G 2  1_555 A U 26 1_555 -2.743 -0.970 0.220  0.115  -15.347 -0.613   1 A_G2648:U2672_A A 2648 ? A 2672 ? 28 1  
1 A C 3  1_555 A G 25 1_555 -0.787 0.139  0.423  -0.093 -13.891 1.391    2 A_C2649:G2671_A A 2649 ? A 2671 ? 19 1  
1 A C 5  1_555 A G 23 1_555 0.277  -0.144 -0.006 7.050  -18.095 1.528    3 A_C2651:G2669_A A 2651 ? A 2669 ? 19 1  
1 A C 6  1_555 A G 22 1_555 0.302  -0.162 0.040  -0.857 -13.591 -2.135   4 A_C2652:G2668_A A 2652 ? A 2668 ? 19 1  
1 A U 7  1_555 A C 21 1_555 5.838  -2.235 -0.169 -4.389 -13.307 -13.469  5 A_U2653:C2667_A A 2653 ? A 2667 ? ?  ?  
1 A U 10 1_555 A A 19 1_555 4.105  -1.836 -0.796 9.392  -20.058 -102.445 6 A_U2656:A2665_A A 2656 ? A 2665 ? 24 4  
1 A A 11 1_555 A G 18 1_555 -6.821 -4.328 -0.241 -0.773 6.194   -3.214   7 A_A2657:G2664_A A 2657 ? A 2664 ? 11 10 
1 A C 12 1_555 A G 17 1_555 0.174  -0.118 -0.240 9.720  -5.589  0.161    8 A_C2658:G2663_A A 2658 ? A 2663 ? 19 1  
1 A G 13 1_555 A A 16 1_555 7.249  -5.335 0.705  17.314 -5.891  -20.219  9 A_G2659:A2662_A A 2659 ? A 2662 ? ?  ?  
# 
loop_
_ndb_struct_na_base_pair_step.model_number 
_ndb_struct_na_base_pair_step.i_label_asym_id_1 
_ndb_struct_na_base_pair_step.i_label_comp_id_1 
_ndb_struct_na_base_pair_step.i_label_seq_id_1 
_ndb_struct_na_base_pair_step.i_symmetry_1 
_ndb_struct_na_base_pair_step.j_label_asym_id_1 
_ndb_struct_na_base_pair_step.j_label_comp_id_1 
_ndb_struct_na_base_pair_step.j_label_seq_id_1 
_ndb_struct_na_base_pair_step.j_symmetry_1 
_ndb_struct_na_base_pair_step.i_label_asym_id_2 
_ndb_struct_na_base_pair_step.i_label_comp_id_2 
_ndb_struct_na_base_pair_step.i_label_seq_id_2 
_ndb_struct_na_base_pair_step.i_symmetry_2 
_ndb_struct_na_base_pair_step.j_label_asym_id_2 
_ndb_struct_na_base_pair_step.j_label_comp_id_2 
_ndb_struct_na_base_pair_step.j_label_seq_id_2 
_ndb_struct_na_base_pair_step.j_symmetry_2 
_ndb_struct_na_base_pair_step.shift 
_ndb_struct_na_base_pair_step.slide 
_ndb_struct_na_base_pair_step.rise 
_ndb_struct_na_base_pair_step.tilt 
_ndb_struct_na_base_pair_step.roll 
_ndb_struct_na_base_pair_step.twist 
_ndb_struct_na_base_pair_step.x_displacement 
_ndb_struct_na_base_pair_step.y_displacement 
_ndb_struct_na_base_pair_step.helical_rise 
_ndb_struct_na_base_pair_step.inclination 
_ndb_struct_na_base_pair_step.tip 
_ndb_struct_na_base_pair_step.helical_twist 
_ndb_struct_na_base_pair_step.step_number 
_ndb_struct_na_base_pair_step.step_name 
_ndb_struct_na_base_pair_step.i_auth_asym_id_1 
_ndb_struct_na_base_pair_step.i_auth_seq_id_1 
_ndb_struct_na_base_pair_step.i_PDB_ins_code_1 
_ndb_struct_na_base_pair_step.j_auth_asym_id_1 
_ndb_struct_na_base_pair_step.j_auth_seq_id_1 
_ndb_struct_na_base_pair_step.j_PDB_ins_code_1 
_ndb_struct_na_base_pair_step.i_auth_asym_id_2 
_ndb_struct_na_base_pair_step.i_auth_seq_id_2 
_ndb_struct_na_base_pair_step.i_PDB_ins_code_2 
_ndb_struct_na_base_pair_step.j_auth_asym_id_2 
_ndb_struct_na_base_pair_step.j_auth_seq_id_2 
_ndb_struct_na_base_pair_step.j_PDB_ins_code_2 
1 A G 2  1_555 A U 26 1_555 A C 3  1_555 A G 25 1_555 -0.151 -1.067 3.164 -3.051 5.358  45.391  -1.815 -0.057 3.029 6.906  3.932   
45.786  1 AA_G2648C2649:G2671U2672_AA A 2648 ? A 2672 ? A 2649 ? A 2671 ? 
1 A C 3  1_555 A G 25 1_555 A C 5  1_555 A G 23 1_555 0.009  -3.317 6.034 1.568  8.972  62.306  -3.894 0.116  5.557 8.622  -1.507  
62.902  2 AA_C2649C2651:G2669G2671_AA A 2649 ? A 2671 ? A 2651 ? A 2669 ? 
1 A C 5  1_555 A G 23 1_555 A C 6  1_555 A G 22 1_555 -0.686 -1.895 3.343 -0.607 9.536  31.995  -4.795 1.101  2.694 16.837 1.073   
33.356  3 AA_C2651C2652:G2668G2669_AA A 2651 ? A 2669 ? A 2652 ? A 2668 ? 
1 A C 6  1_555 A G 22 1_555 A U 7  1_555 A C 21 1_555 -0.672 -1.062 3.554 5.542  9.171  54.760  -1.695 1.057  3.275 9.865  -5.961  
55.719  4 AA_C2652U2653:C2667G2668_AA A 2652 ? A 2668 ? A 2653 ? A 2667 ? 
1 A U 7  1_555 A C 21 1_555 A U 10 1_555 A A 19 1_555 0.468  -0.876 6.178 5.476  -5.183 31.877  0.165  0.987  6.231 -9.275 -9.799  
32.734  5 AA_U2653U2656:A2665C2667_AA A 2653 ? A 2667 ? A 2656 ? A 2665 ? 
1 A U 10 1_555 A A 19 1_555 A A 11 1_555 A G 18 1_555 5.059  -1.310 3.652 -2.236 -1.129 -11.238 8.521  21.280 4.417 5.671  -11.238 
-11.513 6 AA_U2656A2657:G2664A2665_AA A 2656 ? A 2665 ? A 2657 ? A 2664 ? 
1 A A 11 1_555 A G 18 1_555 A C 12 1_555 A G 17 1_555 0.068  -1.180 3.110 -2.892 3.360  60.003  -1.333 -0.202 3.041 3.355  2.887   
60.151  7 AA_A2657C2658:G2663G2664_AA A 2657 ? A 2664 ? A 2658 ? A 2663 ? 
1 A C 12 1_555 A G 17 1_555 A G 13 1_555 A A 16 1_555 -2.803 -1.405 3.025 -8.834 5.583  49.982  -2.010 2.657  3.280 6.526  10.324  
50.994  8 AA_C2658G2659:A2662G2663_AA A 2658 ? A 2663 ? A 2659 ? A 2662 ? 
# 
_pdbx_entity_nonpoly.entity_id   2 
_pdbx_entity_nonpoly.name        water 
_pdbx_entity_nonpoly.comp_id     HOH 
# 
_pdbx_initial_refinement_model.id               1 
_pdbx_initial_refinement_model.entity_id_list   ? 
_pdbx_initial_refinement_model.type             'experimental model' 
_pdbx_initial_refinement_model.source_name      PDB 
_pdbx_initial_refinement_model.accession_code   3DVZ 
_pdbx_initial_refinement_model.details          'PDB ENTRY 3DVZ' 
# 
